data_2MUU
#
_entry.id   2MUU
#
_entity_poly.entity_id   1
_entity_poly.type   'polypeptide(L)'
_entity_poly.pdbx_seq_one_letter_code
;GSMTAELQQDDAAGAADGHGSSCQMLLNQLREITGIQDPSFLHEALKASNGDITQAVSLLTDERVKEPSQDTVATEPSEV
EGSAANKEVLAKVIDLTHDNKDDLQAAIALSLLESPKIQADGVDKLAAALEHHHHHH
;
_entity_poly.pdbx_strand_id   A
#
# COMPACT_ATOMS: atom_id res chain seq x y z
N MET A 3 48.64 23.74 -15.84
CA MET A 3 48.01 22.43 -16.19
C MET A 3 48.26 21.44 -15.05
N THR A 4 47.78 21.80 -13.86
CA THR A 4 47.96 20.93 -12.69
C THR A 4 46.60 20.49 -12.15
N ALA A 5 46.48 20.47 -10.83
CA ALA A 5 45.23 20.07 -10.19
C ALA A 5 44.36 21.29 -9.91
N GLU A 6 43.16 21.05 -9.39
CA GLU A 6 42.24 22.13 -9.09
C GLU A 6 42.24 22.44 -7.59
N LEU A 7 41.89 23.67 -7.23
CA LEU A 7 41.85 24.06 -5.83
C LEU A 7 40.57 24.85 -5.53
N GLN A 8 40.37 25.17 -4.26
CA GLN A 8 39.18 25.91 -3.85
C GLN A 8 37.95 25.41 -4.60
N GLN A 9 37.17 24.55 -3.97
CA GLN A 9 35.98 24.00 -4.59
C GLN A 9 34.83 25.00 -4.50
N ASP A 10 35.06 26.11 -3.81
CA ASP A 10 34.03 27.13 -3.66
C ASP A 10 34.00 28.03 -4.88
N ASP A 11 35.10 28.01 -5.62
CA ASP A 11 35.22 28.82 -6.82
C ASP A 11 34.18 28.39 -7.85
N ALA A 12 33.69 27.17 -7.68
CA ALA A 12 32.70 26.62 -8.59
C ALA A 12 33.05 26.93 -10.03
N ALA A 13 32.09 26.69 -10.94
CA ALA A 13 32.31 26.96 -12.35
C ALA A 13 31.14 27.75 -12.94
N GLY A 14 29.92 27.36 -12.56
CA GLY A 14 28.74 28.04 -13.05
C GLY A 14 27.54 27.80 -12.11
N ALA A 15 26.36 28.25 -12.55
CA ALA A 15 25.16 28.08 -11.75
C ALA A 15 24.94 26.61 -11.41
N ALA A 16 24.09 26.35 -10.41
CA ALA A 16 23.81 24.99 -9.99
C ALA A 16 22.46 24.90 -9.28
N ASP A 17 21.40 25.29 -9.98
CA ASP A 17 20.06 25.26 -9.41
C ASP A 17 19.13 24.44 -10.28
N GLY A 18 17.82 24.55 -10.01
CA GLY A 18 16.83 23.81 -10.78
C GLY A 18 16.16 22.75 -9.92
N HIS A 19 16.15 22.97 -8.61
CA HIS A 19 15.53 22.02 -7.70
C HIS A 19 14.08 22.41 -7.41
N GLY A 20 13.77 23.69 -7.62
CA GLY A 20 12.41 24.18 -7.40
C GLY A 20 11.64 23.27 -6.44
N SER A 21 11.88 23.46 -5.15
CA SER A 21 11.20 22.65 -4.15
C SER A 21 10.85 21.27 -4.70
N SER A 22 11.80 20.35 -4.63
CA SER A 22 11.57 19.00 -5.14
C SER A 22 12.87 18.21 -5.14
N CYS A 23 13.37 17.88 -3.95
CA CYS A 23 14.60 17.12 -3.82
C CYS A 23 14.36 15.65 -4.11
N GLN A 24 15.43 14.87 -4.16
CA GLN A 24 15.33 13.44 -4.44
C GLN A 24 14.96 12.66 -3.18
N MET A 25 15.05 13.32 -2.02
CA MET A 25 14.74 12.68 -0.75
C MET A 25 13.25 12.34 -0.66
N LEU A 26 12.44 13.16 -1.29
CA LEU A 26 10.99 12.96 -1.27
C LEU A 26 10.63 11.63 -1.90
N LEU A 27 10.91 11.52 -3.18
CA LEU A 27 10.59 10.30 -3.93
C LEU A 27 11.49 9.15 -3.51
N ASN A 28 12.73 9.47 -3.15
CA ASN A 28 13.66 8.42 -2.72
C ASN A 28 13.10 7.69 -1.52
N GLN A 29 12.88 8.45 -0.47
CA GLN A 29 12.32 7.89 0.75
C GLN A 29 11.01 7.18 0.42
N LEU A 30 10.12 7.89 -0.25
CA LEU A 30 8.85 7.32 -0.65
C LEU A 30 9.07 5.94 -1.26
N ARG A 31 9.97 5.87 -2.23
CA ARG A 31 10.28 4.61 -2.90
C ARG A 31 10.90 3.61 -1.92
N GLU A 32 11.46 4.12 -0.84
CA GLU A 32 12.08 3.26 0.16
C GLU A 32 11.05 2.75 1.16
N ILE A 33 9.92 3.45 1.25
CA ILE A 33 8.86 3.06 2.17
C ILE A 33 7.82 2.18 1.50
N THR A 34 7.36 2.65 0.37
CA THR A 34 6.33 1.96 -0.39
C THR A 34 6.92 1.02 -1.44
N GLY A 35 8.00 1.46 -2.07
CA GLY A 35 8.63 0.65 -3.10
C GLY A 35 7.85 0.73 -4.41
N ILE A 36 7.30 1.90 -4.69
CA ILE A 36 6.50 2.11 -5.89
C ILE A 36 7.38 2.58 -7.05
N GLN A 37 6.98 2.23 -8.26
CA GLN A 37 7.72 2.61 -9.46
C GLN A 37 6.92 3.57 -10.33
N ASP A 38 5.99 4.29 -9.72
CA ASP A 38 5.15 5.23 -10.45
C ASP A 38 5.31 6.64 -9.90
N PRO A 39 6.40 7.29 -10.18
CA PRO A 39 6.67 8.67 -9.72
C PRO A 39 5.41 9.53 -9.69
N SER A 40 4.47 9.14 -10.53
CA SER A 40 3.20 9.87 -10.62
C SER A 40 2.33 9.61 -9.40
N PHE A 41 2.12 8.33 -9.07
CA PHE A 41 1.30 7.99 -7.92
C PHE A 41 2.04 8.37 -6.64
N LEU A 42 3.37 8.37 -6.73
CA LEU A 42 4.19 8.75 -5.59
C LEU A 42 4.02 10.24 -5.35
N HIS A 43 4.29 11.02 -6.39
CA HIS A 43 4.15 12.46 -6.30
C HIS A 43 2.72 12.81 -5.92
N GLU A 44 1.78 11.90 -6.24
CA GLU A 44 0.39 12.13 -5.89
C GLU A 44 0.24 12.10 -4.39
N ALA A 45 0.81 11.07 -3.77
CA ALA A 45 0.77 10.95 -2.32
C ALA A 45 1.40 12.17 -1.66
N LEU A 46 2.56 12.59 -2.17
CA LEU A 46 3.24 13.76 -1.63
C LEU A 46 2.39 15.00 -1.81
N LYS A 47 1.64 15.05 -2.91
CA LYS A 47 0.78 16.17 -3.21
C LYS A 47 -0.45 16.20 -2.29
N ALA A 48 -0.90 15.02 -1.88
CA ALA A 48 -2.07 14.94 -1.00
C ALA A 48 -1.68 15.14 0.46
N SER A 49 -0.46 14.78 0.82
CA SER A 49 0.01 14.92 2.19
C SER A 49 0.54 16.32 2.46
N ASN A 50 0.43 17.21 1.47
CA ASN A 50 0.89 18.58 1.61
C ASN A 50 2.41 18.64 1.72
N GLY A 51 3.08 17.59 1.23
CA GLY A 51 4.53 17.55 1.27
C GLY A 51 5.04 16.65 2.39
N ASP A 52 4.11 16.04 3.13
CA ASP A 52 4.49 15.15 4.22
C ASP A 52 4.69 13.73 3.69
N ILE A 53 5.81 13.13 4.05
CA ILE A 53 6.14 11.78 3.59
C ILE A 53 5.37 10.72 4.38
N THR A 54 5.45 10.78 5.70
CA THR A 54 4.77 9.81 6.54
C THR A 54 3.29 9.70 6.18
N GLN A 55 2.61 10.84 6.16
CA GLN A 55 1.19 10.83 5.83
C GLN A 55 1.01 10.25 4.44
N ALA A 56 1.67 10.85 3.46
CA ALA A 56 1.60 10.39 2.07
C ALA A 56 1.66 8.89 2.07
N VAL A 57 2.73 8.41 2.65
CA VAL A 57 2.95 7.00 2.79
C VAL A 57 1.65 6.35 3.22
N SER A 58 1.14 6.82 4.34
CA SER A 58 -0.12 6.33 4.89
C SER A 58 -1.17 6.28 3.79
N LEU A 59 -1.35 7.41 3.09
CA LEU A 59 -2.32 7.49 2.01
C LEU A 59 -2.18 6.35 1.04
N LEU A 60 -0.93 6.00 0.77
CA LEU A 60 -0.65 4.94 -0.20
C LEU A 60 -0.80 3.54 0.39
N THR A 61 -0.12 3.27 1.49
CA THR A 61 -0.21 1.94 2.10
C THR A 61 -1.67 1.65 2.40
N ASP A 62 -2.46 2.71 2.50
CA ASP A 62 -3.87 2.58 2.75
C ASP A 62 -4.63 2.68 1.43
N GLU A 63 -4.42 1.69 0.57
CA GLU A 63 -5.05 1.68 -0.73
C GLU A 63 -4.21 2.51 -1.69
N ARG A 64 -3.25 1.86 -2.35
CA ARG A 64 -2.36 2.54 -3.27
C ARG A 64 -2.69 2.19 -4.71
N VAL A 65 -2.32 0.98 -5.09
CA VAL A 65 -2.56 0.51 -6.43
C VAL A 65 -3.76 -0.43 -6.48
N LYS A 66 -3.48 -1.72 -6.60
CA LYS A 66 -4.55 -2.72 -6.67
C LYS A 66 -5.44 -2.47 -7.87
N GLU A 67 -6.73 -2.28 -7.63
CA GLU A 67 -7.67 -2.04 -8.73
C GLU A 67 -9.12 -1.99 -8.21
N PRO A 68 -9.51 -0.86 -7.68
CA PRO A 68 -10.88 -0.66 -7.15
C PRO A 68 -11.88 -0.34 -8.26
N SER A 69 -12.23 0.94 -8.36
CA SER A 69 -13.18 1.40 -9.38
C SER A 69 -13.79 0.24 -10.14
N GLN A 70 -13.09 -0.20 -11.18
CA GLN A 70 -13.55 -1.31 -11.99
C GLN A 70 -14.06 -2.45 -11.11
N ASP A 71 -14.44 -3.56 -11.74
CA ASP A 71 -14.94 -4.71 -10.98
C ASP A 71 -13.81 -5.63 -10.59
N THR A 72 -13.04 -6.01 -11.58
CA THR A 72 -11.90 -6.90 -11.38
C THR A 72 -12.16 -7.84 -10.21
N VAL A 73 -11.09 -8.39 -9.65
CA VAL A 73 -11.20 -9.30 -8.51
C VAL A 73 -12.52 -10.05 -8.54
N ALA A 74 -12.96 -10.45 -7.36
CA ALA A 74 -14.21 -11.15 -7.20
C ALA A 74 -15.16 -10.27 -6.41
N THR A 75 -14.55 -9.43 -5.58
CA THR A 75 -15.27 -8.51 -4.74
C THR A 75 -16.30 -7.72 -5.55
N GLU A 76 -16.88 -6.70 -4.93
CA GLU A 76 -17.87 -5.86 -5.61
C GLU A 76 -17.25 -4.51 -5.99
N PRO A 77 -17.70 -3.93 -7.06
CA PRO A 77 -17.17 -2.62 -7.54
C PRO A 77 -17.63 -1.46 -6.65
N SER A 78 -16.84 -0.38 -6.65
CA SER A 78 -17.17 0.79 -5.84
C SER A 78 -16.93 2.07 -6.63
N GLU A 79 -17.93 2.47 -7.41
CA GLU A 79 -17.82 3.68 -8.21
C GLU A 79 -18.69 4.78 -7.63
N VAL A 80 -19.45 4.44 -6.59
CA VAL A 80 -20.33 5.41 -5.95
C VAL A 80 -20.13 5.40 -4.44
N GLU A 81 -21.23 5.24 -3.70
CA GLU A 81 -21.16 5.21 -2.24
C GLU A 81 -19.78 4.76 -1.78
N GLY A 82 -19.35 5.28 -0.64
CA GLY A 82 -18.05 4.94 -0.08
C GLY A 82 -17.68 5.89 1.05
N SER A 83 -18.53 6.88 1.29
CA SER A 83 -18.29 7.84 2.35
C SER A 83 -19.01 7.43 3.63
N ALA A 84 -19.06 8.34 4.60
CA ALA A 84 -19.71 8.05 5.87
C ALA A 84 -21.01 7.27 5.65
N ALA A 85 -21.61 6.83 6.75
CA ALA A 85 -22.86 6.07 6.67
C ALA A 85 -23.35 5.70 8.06
N ASN A 86 -23.96 4.53 8.19
CA ASN A 86 -24.47 4.09 9.47
C ASN A 86 -23.32 3.86 10.45
N LYS A 87 -22.10 4.01 9.96
CA LYS A 87 -20.93 3.81 10.80
C LYS A 87 -20.79 4.94 11.81
N GLU A 88 -20.27 6.06 11.35
CA GLU A 88 -20.09 7.23 12.22
C GLU A 88 -21.18 7.29 13.27
N VAL A 89 -22.33 6.73 12.94
CA VAL A 89 -23.46 6.71 13.87
C VAL A 89 -24.47 5.66 13.45
N LEU A 90 -24.85 4.81 14.41
CA LEU A 90 -25.83 3.77 14.13
C LEU A 90 -27.23 4.31 14.43
N ALA A 91 -27.28 5.22 15.37
CA ALA A 91 -28.53 5.84 15.75
C ALA A 91 -29.63 4.79 15.92
N LYS A 92 -30.86 5.25 16.11
CA LYS A 92 -31.99 4.34 16.28
C LYS A 92 -32.81 4.28 15.00
N VAL A 93 -34.08 3.90 15.14
CA VAL A 93 -34.97 3.81 13.99
C VAL A 93 -34.52 2.70 13.04
N ILE A 94 -33.78 1.74 13.57
CA ILE A 94 -33.28 0.64 12.77
C ILE A 94 -34.34 0.19 11.77
N ASP A 95 -33.94 0.04 10.51
CA ASP A 95 -34.87 -0.38 9.46
C ASP A 95 -34.11 -0.73 8.21
N LEU A 96 -34.13 -2.01 7.87
CA LEU A 96 -33.44 -2.50 6.70
C LEU A 96 -34.34 -3.39 5.87
N THR A 97 -34.94 -4.36 6.51
CA THR A 97 -35.84 -5.30 5.86
C THR A 97 -37.19 -4.64 5.61
N HIS A 98 -38.21 -5.45 5.35
CA HIS A 98 -39.54 -4.92 5.10
C HIS A 98 -39.51 -3.87 3.99
N ASP A 99 -40.02 -2.68 4.28
CA ASP A 99 -40.03 -1.61 3.30
C ASP A 99 -38.86 -0.67 3.53
N ASN A 100 -37.77 -0.89 2.78
CA ASN A 100 -36.58 -0.07 2.92
C ASN A 100 -36.39 0.82 1.70
N LYS A 101 -35.77 1.99 1.91
CA LYS A 101 -35.53 2.94 0.83
C LYS A 101 -36.71 3.02 -0.12
N ASP A 102 -37.83 2.44 0.29
CA ASP A 102 -39.03 2.45 -0.55
C ASP A 102 -39.27 3.83 -1.12
N ASP A 103 -38.68 4.85 -0.51
CA ASP A 103 -38.86 6.21 -0.98
C ASP A 103 -38.39 6.36 -2.43
N LEU A 104 -37.12 6.07 -2.66
CA LEU A 104 -36.57 6.18 -4.01
C LEU A 104 -36.87 4.94 -4.81
N GLN A 105 -36.98 3.80 -4.16
CA GLN A 105 -37.25 2.56 -4.86
C GLN A 105 -38.64 2.60 -5.43
N ALA A 106 -39.51 3.23 -4.71
CA ALA A 106 -40.88 3.35 -5.11
C ALA A 106 -41.04 4.47 -6.13
N ALA A 107 -40.47 5.63 -5.82
CA ALA A 107 -40.53 6.75 -6.75
C ALA A 107 -39.82 6.37 -8.04
N ILE A 108 -38.67 5.72 -7.87
CA ILE A 108 -37.86 5.27 -8.98
C ILE A 108 -38.59 4.20 -9.77
N ALA A 109 -39.21 3.27 -9.07
CA ALA A 109 -39.92 2.19 -9.72
C ALA A 109 -41.14 2.71 -10.48
N LEU A 110 -41.93 3.54 -9.82
CA LEU A 110 -43.13 4.10 -10.43
C LEU A 110 -42.76 4.91 -11.68
N SER A 111 -41.65 5.64 -11.59
CA SER A 111 -41.22 6.46 -12.73
C SER A 111 -40.33 5.67 -13.68
N LEU A 112 -39.77 4.59 -13.18
CA LEU A 112 -38.90 3.75 -14.01
C LEU A 112 -39.74 2.80 -14.84
N LEU A 113 -40.93 2.52 -14.32
CA LEU A 113 -41.85 1.62 -15.00
C LEU A 113 -42.51 2.31 -16.19
N GLU A 114 -42.45 3.62 -16.19
CA GLU A 114 -43.05 4.40 -17.27
C GLU A 114 -41.99 4.97 -18.21
N SER A 115 -40.77 5.05 -17.70
CA SER A 115 -39.66 5.58 -18.48
C SER A 115 -38.72 4.46 -18.91
N PRO A 116 -37.78 4.77 -19.77
CA PRO A 116 -36.79 3.77 -20.27
C PRO A 116 -36.14 2.98 -19.15
N LYS A 117 -34.81 2.93 -19.16
CA LYS A 117 -34.07 2.21 -18.13
C LYS A 117 -33.13 3.15 -17.39
N ILE A 118 -31.89 3.20 -17.86
CA ILE A 118 -30.89 4.06 -17.26
C ILE A 118 -31.26 5.53 -17.44
N GLN A 119 -30.93 6.34 -16.44
CA GLN A 119 -31.23 7.76 -16.48
C GLN A 119 -30.01 8.59 -16.13
N ALA A 120 -28.91 7.90 -15.80
CA ALA A 120 -27.67 8.59 -15.45
C ALA A 120 -27.96 9.78 -14.55
N ASP A 121 -27.27 10.89 -14.82
CA ASP A 121 -27.46 12.10 -14.03
C ASP A 121 -28.78 12.77 -14.39
N GLY A 122 -29.08 12.82 -15.69
CA GLY A 122 -30.32 13.44 -16.15
C GLY A 122 -30.42 14.88 -15.66
N MET A 3 3.26 21.35 33.34
CA MET A 3 2.30 20.20 33.41
C MET A 3 2.80 19.07 32.53
N THR A 4 3.87 19.32 31.80
CA THR A 4 4.46 18.32 30.92
C THR A 4 4.19 16.92 31.47
N ALA A 5 3.67 16.04 30.61
CA ALA A 5 3.38 14.67 31.02
C ALA A 5 4.36 13.69 30.39
N GLU A 6 3.89 12.93 29.42
CA GLU A 6 4.74 11.95 28.75
C GLU A 6 5.05 12.38 27.32
N LEU A 7 4.10 13.06 26.71
CA LEU A 7 4.27 13.54 25.35
C LEU A 7 5.34 14.63 25.28
N GLN A 8 5.92 14.81 24.11
CA GLN A 8 6.96 15.82 23.93
C GLN A 8 7.47 15.82 22.48
N GLN A 9 8.00 16.95 22.04
CA GLN A 9 8.50 17.07 20.67
C GLN A 9 10.03 17.05 20.67
N ASP A 10 10.61 17.29 21.84
CA ASP A 10 12.07 17.30 21.96
C ASP A 10 12.60 15.89 22.14
N ASP A 11 12.20 15.27 23.24
CA ASP A 11 12.62 13.91 23.54
C ASP A 11 12.12 12.95 22.48
N ALA A 12 11.08 13.37 21.78
CA ALA A 12 10.49 12.57 20.72
C ALA A 12 11.58 11.85 19.92
N ALA A 13 11.16 10.96 19.03
CA ALA A 13 12.11 10.22 18.20
C ALA A 13 11.88 10.50 16.72
N GLY A 14 12.88 11.07 16.07
CA GLY A 14 12.79 11.38 14.66
C GLY A 14 13.87 10.66 13.85
N ALA A 15 13.65 9.38 13.59
CA ALA A 15 14.62 8.59 12.84
C ALA A 15 16.04 9.06 13.13
N ALA A 16 16.74 9.49 12.09
CA ALA A 16 18.11 9.97 12.25
C ALA A 16 18.20 11.44 11.89
N ASP A 17 17.51 12.28 12.66
CA ASP A 17 17.52 13.71 12.42
C ASP A 17 16.82 14.03 11.10
N GLY A 18 17.31 15.04 10.40
CA GLY A 18 16.73 15.44 9.13
C GLY A 18 17.73 16.21 8.28
N HIS A 19 17.26 16.67 7.11
CA HIS A 19 18.14 17.42 6.20
C HIS A 19 17.95 18.92 6.42
N GLY A 20 16.90 19.47 5.84
CA GLY A 20 16.62 20.89 5.97
C GLY A 20 16.16 21.49 4.65
N SER A 21 16.19 20.67 3.59
CA SER A 21 15.78 21.12 2.27
C SER A 21 14.86 20.09 1.63
N SER A 22 14.88 20.03 0.30
CA SER A 22 14.04 19.08 -0.44
C SER A 22 14.80 18.55 -1.65
N CYS A 23 15.45 17.41 -1.49
CA CYS A 23 16.20 16.81 -2.59
C CYS A 23 15.81 15.34 -2.78
N GLN A 24 16.66 14.60 -3.47
CA GLN A 24 16.41 13.19 -3.72
C GLN A 24 15.87 12.51 -2.47
N MET A 25 15.97 13.20 -1.33
CA MET A 25 15.50 12.65 -0.07
C MET A 25 14.03 12.26 -0.15
N LEU A 26 13.21 13.22 -0.48
CA LEU A 26 11.77 12.99 -0.58
C LEU A 26 11.46 11.81 -1.49
N LEU A 27 11.82 11.94 -2.74
CA LEU A 27 11.58 10.90 -3.73
C LEU A 27 12.09 9.55 -3.23
N ASN A 28 13.36 9.52 -2.84
CA ASN A 28 13.97 8.30 -2.35
C ASN A 28 13.19 7.70 -1.19
N GLN A 29 12.86 8.55 -0.23
CA GLN A 29 12.14 8.11 0.95
C GLN A 29 10.82 7.43 0.60
N LEU A 30 9.89 8.16 -0.01
CA LEU A 30 8.62 7.57 -0.37
C LEU A 30 8.82 6.29 -1.18
N ARG A 31 9.63 6.41 -2.23
CA ARG A 31 9.91 5.26 -3.10
C ARG A 31 10.57 4.12 -2.33
N GLU A 32 11.21 4.44 -1.21
CA GLU A 32 11.87 3.41 -0.41
C GLU A 32 10.88 2.69 0.50
N ILE A 33 10.01 3.47 1.14
CA ILE A 33 9.02 2.89 2.05
C ILE A 33 7.96 2.10 1.29
N THR A 34 7.35 2.76 0.34
CA THR A 34 6.30 2.16 -0.46
C THR A 34 6.86 1.20 -1.50
N GLY A 35 8.01 1.54 -2.07
CA GLY A 35 8.62 0.68 -3.07
C GLY A 35 7.83 0.76 -4.37
N ILE A 36 7.32 1.95 -4.65
CA ILE A 36 6.51 2.17 -5.84
C ILE A 36 7.36 2.60 -7.04
N GLN A 37 6.89 2.26 -8.22
CA GLN A 37 7.59 2.62 -9.45
C GLN A 37 6.71 3.50 -10.31
N ASP A 38 5.76 4.18 -9.67
CA ASP A 38 4.84 5.06 -10.37
C ASP A 38 4.96 6.49 -9.84
N PRO A 39 6.06 7.13 -10.12
CA PRO A 39 6.31 8.52 -9.66
C PRO A 39 5.04 9.36 -9.70
N SER A 40 4.10 8.90 -10.50
CA SER A 40 2.83 9.58 -10.66
C SER A 40 1.92 9.37 -9.45
N PHE A 41 1.71 8.11 -9.07
CA PHE A 41 0.87 7.81 -7.92
C PHE A 41 1.60 8.29 -6.67
N LEU A 42 2.94 8.32 -6.78
CA LEU A 42 3.77 8.80 -5.69
C LEU A 42 3.50 10.29 -5.52
N HIS A 43 3.67 11.02 -6.61
CA HIS A 43 3.43 12.45 -6.60
C HIS A 43 2.05 12.74 -6.02
N GLU A 44 1.09 11.87 -6.33
CA GLU A 44 -0.25 12.03 -5.80
C GLU A 44 -0.16 12.04 -4.28
N ALA A 45 0.60 11.09 -3.76
CA ALA A 45 0.80 10.98 -2.32
C ALA A 45 1.40 12.26 -1.75
N LEU A 46 2.51 12.68 -2.33
CA LEU A 46 3.20 13.89 -1.88
C LEU A 46 2.31 15.11 -2.07
N LYS A 47 1.31 14.98 -2.94
CA LYS A 47 0.39 16.08 -3.21
C LYS A 47 -0.66 16.19 -2.12
N ALA A 48 -1.35 15.10 -1.84
CA ALA A 48 -2.38 15.09 -0.82
C ALA A 48 -1.76 15.29 0.57
N SER A 49 -0.53 14.82 0.72
CA SER A 49 0.17 14.95 1.99
C SER A 49 0.67 16.37 2.20
N ASN A 50 0.70 17.15 1.12
CA ASN A 50 1.16 18.53 1.20
C ASN A 50 2.65 18.58 1.51
N GLY A 51 3.39 17.60 1.00
CA GLY A 51 4.83 17.54 1.23
C GLY A 51 5.17 16.51 2.30
N ASP A 52 4.18 16.17 3.13
CA ASP A 52 4.38 15.19 4.18
C ASP A 52 4.60 13.81 3.60
N ILE A 53 5.76 13.23 3.85
CA ILE A 53 6.08 11.91 3.34
C ILE A 53 5.32 10.83 4.11
N THR A 54 5.45 10.86 5.43
CA THR A 54 4.78 9.89 6.26
C THR A 54 3.34 9.71 5.81
N GLN A 55 2.60 10.81 5.77
CA GLN A 55 1.21 10.75 5.35
C GLN A 55 1.12 10.08 3.98
N ALA A 56 1.81 10.64 3.00
CA ALA A 56 1.82 10.07 1.65
C ALA A 56 1.92 8.57 1.73
N VAL A 57 2.85 8.11 2.54
CA VAL A 57 3.05 6.70 2.72
C VAL A 57 1.74 6.04 3.11
N SER A 58 1.21 6.48 4.24
CA SER A 58 -0.05 5.96 4.75
C SER A 58 -1.17 6.04 3.72
N LEU A 59 -1.28 7.19 3.05
CA LEU A 59 -2.32 7.38 2.04
C LEU A 59 -2.23 6.32 0.96
N LEU A 60 -1.01 5.96 0.64
CA LEU A 60 -0.75 4.99 -0.42
C LEU A 60 -0.84 3.54 0.06
N THR A 61 -0.33 3.28 1.25
CA THR A 61 -0.33 1.92 1.77
C THR A 61 -1.51 1.68 2.72
N ASP A 62 -2.42 2.63 2.78
CA ASP A 62 -3.59 2.50 3.65
C ASP A 62 -4.38 1.24 3.30
N GLU A 63 -3.75 0.32 2.57
CA GLU A 63 -4.40 -0.92 2.18
C GLU A 63 -5.16 -0.75 0.86
N ARG A 64 -4.46 -0.24 -0.15
CA ARG A 64 -5.08 -0.04 -1.46
C ARG A 64 -4.32 -0.76 -2.56
N VAL A 65 -3.08 -0.34 -2.75
CA VAL A 65 -2.23 -0.93 -3.78
C VAL A 65 -2.42 -2.44 -3.86
N LYS A 66 -3.07 -3.00 -2.85
CA LYS A 66 -3.32 -4.44 -2.82
C LYS A 66 -4.74 -4.73 -2.35
N GLU A 67 -5.25 -5.89 -2.73
CA GLU A 67 -6.60 -6.29 -2.35
C GLU A 67 -6.59 -7.71 -1.79
N PRO A 68 -7.25 -7.95 -0.68
CA PRO A 68 -7.30 -9.31 -0.05
C PRO A 68 -7.63 -10.41 -1.07
N SER A 69 -8.60 -11.24 -0.73
CA SER A 69 -9.00 -12.33 -1.62
C SER A 69 -7.77 -13.02 -2.20
N GLN A 70 -6.70 -13.05 -1.42
CA GLN A 70 -5.46 -13.67 -1.86
C GLN A 70 -5.75 -14.87 -2.77
N ASP A 71 -4.86 -15.14 -3.72
CA ASP A 71 -5.03 -16.25 -4.63
C ASP A 71 -4.60 -17.55 -3.98
N THR A 72 -3.65 -17.42 -3.08
CA THR A 72 -3.12 -18.57 -2.36
C THR A 72 -3.35 -18.40 -0.85
N VAL A 73 -3.87 -19.45 -0.23
CA VAL A 73 -4.14 -19.41 1.20
C VAL A 73 -3.89 -20.77 1.84
N ALA A 74 -3.12 -20.78 2.92
CA ALA A 74 -2.82 -22.02 3.61
C ALA A 74 -4.09 -22.81 3.88
N THR A 75 -5.16 -22.08 4.17
CA THR A 75 -6.46 -22.69 4.44
C THR A 75 -7.51 -21.61 4.67
N GLU A 76 -7.36 -20.87 5.76
CA GLU A 76 -8.31 -19.81 6.10
C GLU A 76 -8.80 -19.08 4.85
N PRO A 77 -9.99 -19.38 4.40
CA PRO A 77 -10.58 -18.73 3.20
C PRO A 77 -11.20 -17.37 3.55
N SER A 78 -11.46 -16.57 2.52
CA SER A 78 -12.05 -15.24 2.74
C SER A 78 -13.49 -15.21 2.20
N GLU A 79 -13.97 -14.01 1.92
CA GLU A 79 -15.32 -13.83 1.40
C GLU A 79 -15.31 -13.01 0.13
N VAL A 80 -15.65 -11.74 0.27
CA VAL A 80 -15.70 -10.83 -0.87
C VAL A 80 -15.74 -9.39 -0.39
N GLU A 81 -16.43 -8.53 -1.13
CA GLU A 81 -16.53 -7.12 -0.76
C GLU A 81 -17.92 -6.57 -1.06
N GLY A 82 -18.18 -6.31 -2.35
CA GLY A 82 -19.47 -5.78 -2.76
C GLY A 82 -20.30 -6.85 -3.48
N SER A 83 -21.53 -6.48 -3.84
CA SER A 83 -22.41 -7.41 -4.54
C SER A 83 -22.65 -6.95 -5.98
N ALA A 84 -23.53 -7.65 -6.68
CA ALA A 84 -23.84 -7.31 -8.06
C ALA A 84 -24.14 -5.82 -8.20
N ALA A 85 -24.20 -5.36 -9.44
CA ALA A 85 -24.48 -3.94 -9.70
C ALA A 85 -25.65 -3.80 -10.67
N ASN A 86 -25.68 -2.69 -11.40
CA ASN A 86 -26.75 -2.43 -12.35
C ASN A 86 -26.29 -2.76 -13.78
N LYS A 87 -25.17 -3.46 -13.87
CA LYS A 87 -24.63 -3.84 -15.18
C LYS A 87 -24.73 -5.34 -15.39
N GLU A 88 -23.90 -5.86 -16.29
CA GLU A 88 -23.90 -7.29 -16.57
C GLU A 88 -25.24 -7.74 -17.16
N VAL A 89 -26.21 -6.84 -17.14
CA VAL A 89 -27.53 -7.15 -17.67
C VAL A 89 -28.14 -5.95 -18.38
N LEU A 90 -28.67 -6.17 -19.57
CA LEU A 90 -29.30 -5.10 -20.33
C LEU A 90 -30.78 -5.03 -20.00
N ALA A 91 -31.32 -6.19 -19.70
CA ALA A 91 -32.73 -6.32 -19.35
C ALA A 91 -33.62 -5.62 -20.37
N LYS A 92 -34.91 -5.91 -20.32
CA LYS A 92 -35.86 -5.31 -21.25
C LYS A 92 -36.79 -4.35 -20.52
N VAL A 93 -38.04 -4.31 -20.97
CA VAL A 93 -39.02 -3.43 -20.36
C VAL A 93 -40.28 -4.19 -19.98
N ILE A 94 -40.25 -5.52 -20.14
CA ILE A 94 -41.39 -6.34 -19.80
C ILE A 94 -42.03 -5.86 -18.50
N ASP A 95 -43.27 -6.29 -18.26
CA ASP A 95 -43.97 -5.89 -17.04
C ASP A 95 -45.35 -6.52 -16.99
N LEU A 96 -45.55 -7.41 -16.03
CA LEU A 96 -46.83 -8.09 -15.89
C LEU A 96 -47.46 -7.76 -14.55
N THR A 97 -46.67 -7.91 -13.50
CA THR A 97 -47.14 -7.64 -12.14
C THR A 97 -47.74 -6.24 -12.06
N HIS A 98 -47.60 -5.61 -10.90
CA HIS A 98 -48.13 -4.27 -10.70
C HIS A 98 -47.46 -3.62 -9.48
N ASP A 99 -47.86 -2.38 -9.18
CA ASP A 99 -47.29 -1.67 -8.05
C ASP A 99 -45.84 -2.09 -7.84
N ASN A 100 -45.12 -2.27 -8.94
CA ASN A 100 -43.73 -2.68 -8.88
C ASN A 100 -42.93 -1.77 -7.95
N LYS A 101 -41.89 -1.13 -8.48
CA LYS A 101 -41.05 -0.26 -7.66
C LYS A 101 -40.68 1.03 -8.40
N ASP A 102 -39.40 1.15 -8.74
CA ASP A 102 -38.91 2.34 -9.44
C ASP A 102 -39.60 2.53 -10.78
N ASP A 103 -40.09 1.44 -11.37
CA ASP A 103 -40.75 1.52 -12.66
C ASP A 103 -41.91 2.51 -12.63
N LEU A 104 -42.90 2.23 -11.78
CA LEU A 104 -44.06 3.12 -11.70
C LEU A 104 -43.78 4.30 -10.78
N GLN A 105 -42.78 4.20 -9.90
CA GLN A 105 -42.47 5.32 -9.03
C GLN A 105 -41.93 6.46 -9.87
N ALA A 106 -41.16 6.07 -10.87
CA ALA A 106 -40.56 7.02 -11.77
C ALA A 106 -41.57 7.49 -12.80
N ALA A 107 -42.23 6.56 -13.47
CA ALA A 107 -43.23 6.93 -14.47
C ALA A 107 -44.31 7.78 -13.79
N ILE A 108 -44.74 7.32 -12.63
CA ILE A 108 -45.76 8.03 -11.86
C ILE A 108 -45.27 9.39 -11.44
N ALA A 109 -44.05 9.45 -10.93
CA ALA A 109 -43.48 10.71 -10.47
C ALA A 109 -43.29 11.68 -11.62
N LEU A 110 -42.86 11.17 -12.77
CA LEU A 110 -42.64 12.02 -13.93
C LEU A 110 -43.95 12.62 -14.41
N SER A 111 -45.00 11.80 -14.39
CA SER A 111 -46.32 12.27 -14.83
C SER A 111 -47.07 12.93 -13.68
N LEU A 112 -46.62 12.65 -12.47
CA LEU A 112 -47.25 13.22 -11.29
C LEU A 112 -46.54 14.51 -10.89
N LEU A 113 -45.38 14.74 -11.49
CA LEU A 113 -44.61 15.94 -11.20
C LEU A 113 -45.35 17.18 -11.69
N GLU A 114 -46.27 16.97 -12.62
CA GLU A 114 -47.05 18.06 -13.18
C GLU A 114 -48.01 18.62 -12.13
N SER A 115 -49.11 17.92 -11.95
CA SER A 115 -50.12 18.33 -10.98
C SER A 115 -50.05 17.45 -9.72
N PRO A 116 -49.47 17.94 -8.65
CA PRO A 116 -49.35 17.16 -7.39
C PRO A 116 -50.67 17.13 -6.61
N LYS A 117 -50.72 16.32 -5.57
CA LYS A 117 -51.93 16.20 -4.76
C LYS A 117 -51.62 15.64 -3.38
N ILE A 118 -52.66 15.21 -2.68
CA ILE A 118 -52.50 14.63 -1.35
C ILE A 118 -53.32 13.36 -1.22
N GLN A 119 -53.30 12.77 -0.03
CA GLN A 119 -54.05 11.54 0.23
C GLN A 119 -55.53 11.85 0.40
N ALA A 120 -56.02 12.86 -0.31
CA ALA A 120 -57.42 13.24 -0.22
C ALA A 120 -57.93 13.09 1.20
N ASP A 121 -59.15 12.57 1.35
CA ASP A 121 -59.74 12.38 2.67
C ASP A 121 -61.05 11.63 2.56
N GLY A 122 -62.09 12.33 2.10
CA GLY A 122 -63.41 11.72 1.94
C GLY A 122 -64.50 12.77 2.02
N MET A 3 -18.90 23.75 -29.05
CA MET A 3 -17.71 24.29 -29.76
C MET A 3 -16.95 25.23 -28.81
N THR A 4 -15.72 25.56 -29.19
CA THR A 4 -14.89 26.45 -28.37
C THR A 4 -15.48 27.86 -28.36
N ALA A 5 -16.15 28.23 -29.45
CA ALA A 5 -16.75 29.55 -29.54
C ALA A 5 -15.84 30.61 -28.93
N GLU A 6 -16.43 31.55 -28.21
CA GLU A 6 -15.67 32.61 -27.58
C GLU A 6 -14.76 32.05 -26.49
N LEU A 7 -14.03 32.92 -25.82
CA LEU A 7 -13.12 32.50 -24.76
C LEU A 7 -13.86 32.37 -23.43
N GLN A 8 -13.30 31.59 -22.52
CA GLN A 8 -13.92 31.39 -21.21
C GLN A 8 -13.66 32.60 -20.31
N GLN A 9 -12.39 32.91 -20.11
CA GLN A 9 -12.01 34.04 -19.27
C GLN A 9 -12.28 33.75 -17.79
N ASP A 10 -13.06 32.71 -17.55
CA ASP A 10 -13.39 32.32 -16.18
C ASP A 10 -12.58 31.10 -15.76
N ASP A 11 -12.07 30.39 -16.76
CA ASP A 11 -11.27 29.19 -16.50
C ASP A 11 -9.85 29.57 -16.14
N ALA A 12 -9.33 30.56 -16.85
CA ALA A 12 -7.97 31.05 -16.64
C ALA A 12 -7.17 30.09 -15.77
N ALA A 13 -6.81 30.54 -14.57
CA ALA A 13 -6.06 29.71 -13.65
C ALA A 13 -6.98 28.73 -12.92
N GLY A 14 -7.14 28.92 -11.62
CA GLY A 14 -8.01 28.06 -10.83
C GLY A 14 -8.13 26.68 -11.45
N ALA A 15 -7.00 26.02 -11.66
CA ALA A 15 -6.99 24.68 -12.25
C ALA A 15 -5.91 23.83 -11.62
N ALA A 16 -5.26 23.00 -12.44
CA ALA A 16 -4.21 22.13 -11.94
C ALA A 16 -3.38 22.83 -10.88
N ASP A 17 -2.90 22.06 -9.90
CA ASP A 17 -2.10 22.64 -8.82
C ASP A 17 -0.76 23.14 -9.35
N GLY A 18 0.30 22.87 -8.60
CA GLY A 18 1.64 23.29 -9.00
C GLY A 18 2.69 22.26 -8.60
N HIS A 19 3.94 22.55 -8.93
CA HIS A 19 5.03 21.63 -8.61
C HIS A 19 5.87 22.20 -7.48
N GLY A 20 6.83 23.06 -7.84
CA GLY A 20 7.70 23.68 -6.84
C GLY A 20 8.66 22.65 -6.24
N SER A 21 9.05 22.89 -4.99
CA SER A 21 9.98 22.00 -4.28
C SER A 21 10.10 20.66 -4.98
N SER A 22 11.30 20.35 -5.47
CA SER A 22 11.54 19.09 -6.16
C SER A 22 12.89 18.51 -5.75
N CYS A 23 12.87 17.64 -4.75
CA CYS A 23 14.10 17.01 -4.27
C CYS A 23 14.06 15.50 -4.50
N GLN A 24 15.20 14.84 -4.30
CA GLN A 24 15.28 13.40 -4.48
C GLN A 24 14.81 12.66 -3.23
N MET A 25 14.79 13.37 -2.10
CA MET A 25 14.40 12.76 -0.83
C MET A 25 12.96 12.24 -0.88
N LEU A 26 12.08 13.02 -1.46
CA LEU A 26 10.68 12.64 -1.55
C LEU A 26 10.52 11.27 -2.18
N LEU A 27 10.91 11.17 -3.43
CA LEU A 27 10.80 9.92 -4.17
C LEU A 27 11.64 8.83 -3.50
N ASN A 28 12.76 9.24 -2.91
CA ASN A 28 13.64 8.28 -2.25
C ASN A 28 12.93 7.62 -1.07
N GLN A 29 12.51 8.44 -0.14
CA GLN A 29 11.80 7.95 1.04
C GLN A 29 10.54 7.19 0.64
N LEU A 30 9.62 7.89 -0.03
CA LEU A 30 8.38 7.28 -0.48
C LEU A 30 8.64 5.92 -1.12
N ARG A 31 9.51 5.90 -2.14
CA ARG A 31 9.83 4.67 -2.85
C ARG A 31 10.61 3.70 -1.97
N GLU A 32 11.22 4.21 -0.92
CA GLU A 32 11.99 3.35 -0.02
C GLU A 32 11.07 2.65 0.97
N ILE A 33 9.90 3.24 1.20
CA ILE A 33 8.93 2.68 2.11
C ILE A 33 7.89 1.86 1.38
N THR A 34 7.27 2.51 0.41
CA THR A 34 6.23 1.88 -0.39
C THR A 34 6.81 0.97 -1.46
N GLY A 35 7.92 1.38 -2.06
CA GLY A 35 8.53 0.57 -3.11
C GLY A 35 7.81 0.76 -4.43
N ILE A 36 7.34 1.98 -4.67
CA ILE A 36 6.60 2.28 -5.89
C ILE A 36 7.50 2.93 -6.93
N GLN A 37 7.27 2.62 -8.20
CA GLN A 37 8.07 3.18 -9.29
C GLN A 37 7.24 4.11 -10.16
N ASP A 38 6.16 4.62 -9.59
CA ASP A 38 5.28 5.53 -10.34
C ASP A 38 5.37 6.94 -9.76
N PRO A 39 6.46 7.61 -9.97
CA PRO A 39 6.68 8.99 -9.47
C PRO A 39 5.40 9.80 -9.48
N SER A 40 4.47 9.37 -10.32
CA SER A 40 3.19 10.04 -10.43
C SER A 40 2.30 9.74 -9.23
N PHE A 41 2.17 8.46 -8.88
CA PHE A 41 1.35 8.08 -7.75
C PHE A 41 2.07 8.44 -6.45
N LEU A 42 3.40 8.43 -6.51
CA LEU A 42 4.24 8.80 -5.37
C LEU A 42 4.11 10.30 -5.15
N HIS A 43 4.28 11.06 -6.22
CA HIS A 43 4.17 12.51 -6.15
C HIS A 43 2.73 12.89 -5.85
N GLU A 44 1.80 12.00 -6.20
CA GLU A 44 0.40 12.24 -5.92
C GLU A 44 0.22 12.20 -4.41
N ALA A 45 0.93 11.26 -3.80
CA ALA A 45 0.90 11.11 -2.35
C ALA A 45 1.47 12.34 -1.68
N LEU A 46 2.64 12.76 -2.15
CA LEU A 46 3.29 13.93 -1.59
C LEU A 46 2.48 15.18 -1.89
N LYS A 47 1.67 15.09 -2.95
CA LYS A 47 0.83 16.21 -3.34
C LYS A 47 -0.41 16.28 -2.46
N ALA A 48 -0.87 15.11 -1.99
CA ALA A 48 -2.04 15.07 -1.12
C ALA A 48 -1.63 15.37 0.32
N SER A 49 -0.44 14.89 0.70
CA SER A 49 0.07 15.11 2.04
C SER A 49 0.75 16.47 2.16
N ASN A 50 0.54 17.31 1.14
CA ASN A 50 1.13 18.64 1.13
C ASN A 50 2.62 18.61 1.49
N GLY A 51 3.32 17.58 1.04
CA GLY A 51 4.75 17.48 1.31
C GLY A 51 5.06 16.47 2.41
N ASP A 52 4.09 16.20 3.28
CA ASP A 52 4.31 15.24 4.36
C ASP A 52 4.50 13.85 3.79
N ILE A 53 5.74 13.38 3.77
CA ILE A 53 6.04 12.05 3.24
C ILE A 53 5.30 10.97 4.01
N THR A 54 5.50 10.93 5.33
CA THR A 54 4.84 9.93 6.16
C THR A 54 3.40 9.74 5.70
N GLN A 55 2.63 10.81 5.69
CA GLN A 55 1.24 10.72 5.28
C GLN A 55 1.17 10.03 3.92
N ALA A 56 1.89 10.55 2.94
CA ALA A 56 1.89 9.95 1.62
C ALA A 56 1.96 8.44 1.74
N VAL A 57 2.81 7.99 2.62
CA VAL A 57 2.97 6.57 2.85
C VAL A 57 1.64 5.97 3.30
N SER A 58 1.16 6.49 4.42
CA SER A 58 -0.10 6.04 4.99
C SER A 58 -1.23 6.07 3.97
N LEU A 59 -1.24 7.10 3.12
CA LEU A 59 -2.28 7.25 2.11
C LEU A 59 -2.19 6.16 1.06
N LEU A 60 -0.96 5.86 0.68
CA LEU A 60 -0.70 4.87 -0.37
C LEU A 60 -0.77 3.43 0.12
N THR A 61 -0.28 3.17 1.31
CA THR A 61 -0.30 1.80 1.83
C THR A 61 -1.46 1.56 2.78
N ASP A 62 -2.15 2.63 3.17
CA ASP A 62 -3.28 2.51 4.06
C ASP A 62 -4.04 1.21 3.76
N GLU A 63 -4.94 1.29 2.81
CA GLU A 63 -5.74 0.14 2.39
C GLU A 63 -6.18 0.30 0.95
N ARG A 64 -5.20 0.38 0.04
CA ARG A 64 -5.49 0.55 -1.37
C ARG A 64 -4.75 -0.48 -2.21
N VAL A 65 -3.57 -0.08 -2.68
CA VAL A 65 -2.75 -0.94 -3.50
C VAL A 65 -2.55 -2.28 -2.82
N LYS A 66 -1.55 -2.35 -1.98
CA LYS A 66 -1.25 -3.59 -1.25
C LYS A 66 -1.09 -4.74 -2.24
N GLU A 67 -0.86 -5.94 -1.70
CA GLU A 67 -0.72 -7.11 -2.53
C GLU A 67 -2.08 -7.52 -3.10
N PRO A 68 -2.10 -8.08 -4.27
CA PRO A 68 -3.36 -8.51 -4.92
C PRO A 68 -4.14 -9.48 -4.05
N SER A 69 -4.84 -10.43 -4.67
CA SER A 69 -5.61 -11.41 -3.93
C SER A 69 -6.14 -10.80 -2.63
N GLN A 70 -6.57 -9.55 -2.71
CA GLN A 70 -7.11 -8.85 -1.54
C GLN A 70 -7.71 -7.52 -1.94
N ASP A 71 -7.89 -7.32 -3.25
CA ASP A 71 -8.45 -6.07 -3.75
C ASP A 71 -9.95 -6.02 -3.53
N THR A 72 -10.54 -7.19 -3.42
CA THR A 72 -11.98 -7.30 -3.21
C THR A 72 -12.32 -8.61 -2.50
N VAL A 73 -13.18 -8.52 -1.48
CA VAL A 73 -13.58 -9.70 -0.73
C VAL A 73 -15.09 -9.79 -0.62
N ALA A 74 -15.61 -11.01 -0.55
CA ALA A 74 -17.04 -11.20 -0.43
C ALA A 74 -17.40 -11.58 1.00
N THR A 75 -16.55 -12.42 1.58
CA THR A 75 -16.75 -12.87 2.96
C THR A 75 -15.60 -13.76 3.41
N GLU A 76 -15.10 -14.58 2.49
CA GLU A 76 -13.99 -15.48 2.81
C GLU A 76 -12.65 -14.75 2.71
N PRO A 77 -11.68 -15.16 3.49
CA PRO A 77 -10.32 -14.53 3.49
C PRO A 77 -9.76 -14.37 2.07
N SER A 78 -8.46 -14.66 1.93
CA SER A 78 -7.80 -14.54 0.64
C SER A 78 -8.16 -15.74 -0.24
N GLU A 79 -7.69 -15.70 -1.48
CA GLU A 79 -7.96 -16.80 -2.42
C GLU A 79 -7.73 -18.14 -1.75
N VAL A 80 -6.46 -18.48 -1.63
CA VAL A 80 -6.06 -19.74 -1.01
C VAL A 80 -5.31 -19.47 0.30
N GLU A 81 -4.37 -20.35 0.61
CA GLU A 81 -3.58 -20.20 1.84
C GLU A 81 -2.24 -19.56 1.54
N GLY A 82 -1.45 -20.21 0.69
CA GLY A 82 -0.13 -19.68 0.34
C GLY A 82 0.96 -20.71 0.61
N SER A 83 0.80 -21.46 1.69
CA SER A 83 1.78 -22.48 2.05
C SER A 83 1.08 -23.78 2.43
N ALA A 84 1.87 -24.79 2.76
CA ALA A 84 1.32 -26.09 3.13
C ALA A 84 0.17 -25.94 4.11
N ALA A 85 -0.53 -27.04 4.38
CA ALA A 85 -1.65 -27.01 5.30
C ALA A 85 -1.21 -27.38 6.71
N ASN A 86 -2.01 -27.00 7.70
CA ASN A 86 -1.69 -27.30 9.09
C ASN A 86 -2.79 -28.16 9.72
N LYS A 87 -3.64 -28.72 8.88
CA LYS A 87 -4.73 -29.56 9.37
C LYS A 87 -4.19 -30.83 10.00
N GLU A 88 -5.05 -31.54 10.72
CA GLU A 88 -4.63 -32.79 11.36
C GLU A 88 -4.15 -33.79 10.33
N VAL A 89 -4.53 -33.55 9.08
CA VAL A 89 -4.14 -34.42 7.98
C VAL A 89 -3.92 -33.60 6.71
N LEU A 90 -3.07 -34.10 5.82
CA LEU A 90 -2.79 -33.39 4.58
C LEU A 90 -3.98 -33.45 3.65
N ALA A 91 -4.78 -34.49 3.80
CA ALA A 91 -5.96 -34.69 2.99
C ALA A 91 -5.58 -35.35 1.68
N LYS A 92 -4.27 -35.49 1.46
CA LYS A 92 -3.77 -36.13 0.26
C LYS A 92 -2.28 -36.42 0.40
N VAL A 93 -1.93 -37.70 0.44
CA VAL A 93 -0.54 -38.10 0.57
C VAL A 93 -0.41 -39.62 0.61
N ILE A 94 -1.13 -40.24 1.53
CA ILE A 94 -1.09 -41.70 1.65
C ILE A 94 0.34 -42.18 1.87
N ASP A 95 0.54 -43.50 1.82
CA ASP A 95 1.86 -44.07 2.02
C ASP A 95 2.26 -43.99 3.49
N LEU A 96 2.04 -45.08 4.21
CA LEU A 96 2.36 -45.12 5.62
C LEU A 96 3.03 -46.44 5.98
N THR A 97 2.40 -47.51 5.55
CA THR A 97 2.91 -48.85 5.82
C THR A 97 4.20 -49.09 5.03
N HIS A 98 5.30 -49.27 5.76
CA HIS A 98 6.59 -49.51 5.13
C HIS A 98 7.21 -50.81 5.64
N ASP A 99 8.49 -51.00 5.34
CA ASP A 99 9.18 -52.21 5.77
C ASP A 99 9.77 -52.03 7.17
N ASN A 100 10.52 -53.03 7.63
CA ASN A 100 11.13 -52.96 8.95
C ASN A 100 12.40 -52.14 8.91
N LYS A 101 12.96 -51.99 7.73
CA LYS A 101 14.19 -51.23 7.55
C LYS A 101 13.87 -49.78 7.16
N ASP A 102 12.61 -49.42 7.25
CA ASP A 102 12.20 -48.06 6.91
C ASP A 102 13.12 -47.05 7.59
N ASP A 103 13.89 -47.54 8.57
CA ASP A 103 14.80 -46.67 9.32
C ASP A 103 15.83 -46.02 8.38
N LEU A 104 16.63 -46.84 7.72
CA LEU A 104 17.63 -46.30 6.79
C LEU A 104 17.01 -46.03 5.44
N GLN A 105 15.98 -46.77 5.09
CA GLN A 105 15.35 -46.57 3.80
C GLN A 105 14.75 -45.19 3.75
N ALA A 106 14.19 -44.81 4.87
CA ALA A 106 13.57 -43.52 5.00
C ALA A 106 14.60 -42.43 5.24
N ALA A 107 15.43 -42.61 6.26
CA ALA A 107 16.45 -41.62 6.56
C ALA A 107 17.32 -41.41 5.32
N ILE A 108 17.69 -42.51 4.69
CA ILE A 108 18.52 -42.47 3.48
C ILE A 108 17.76 -41.85 2.32
N ALA A 109 16.50 -42.20 2.18
CA ALA A 109 15.70 -41.66 1.08
C ALA A 109 15.50 -40.16 1.24
N LEU A 110 15.24 -39.75 2.47
CA LEU A 110 15.03 -38.33 2.75
C LEU A 110 16.32 -37.55 2.52
N SER A 111 17.43 -38.14 2.90
CA SER A 111 18.73 -37.50 2.74
C SER A 111 19.30 -37.76 1.35
N LEU A 112 18.77 -38.76 0.69
CA LEU A 112 19.24 -39.11 -0.65
C LEU A 112 18.32 -38.48 -1.70
N LEU A 113 17.19 -37.96 -1.24
CA LEU A 113 16.23 -37.32 -2.13
C LEU A 113 15.99 -35.88 -1.69
N GLU A 114 14.99 -35.25 -2.30
CA GLU A 114 14.64 -33.87 -1.96
C GLU A 114 15.79 -32.91 -2.27
N SER A 115 17.00 -33.43 -2.33
CA SER A 115 18.16 -32.60 -2.61
C SER A 115 19.10 -33.29 -3.60
N PRO A 116 19.61 -32.56 -4.57
CA PRO A 116 20.55 -33.13 -5.59
C PRO A 116 21.95 -33.32 -5.03
N LYS A 117 22.88 -33.72 -5.89
CA LYS A 117 24.26 -33.94 -5.46
C LYS A 117 25.18 -32.89 -6.08
N ILE A 118 26.49 -33.15 -6.02
CA ILE A 118 27.48 -32.24 -6.57
C ILE A 118 28.65 -33.03 -7.17
N GLN A 119 29.81 -32.39 -7.22
CA GLN A 119 31.00 -33.05 -7.76
C GLN A 119 31.43 -34.20 -6.85
N ALA A 120 30.79 -35.35 -7.00
CA ALA A 120 31.13 -36.51 -6.19
C ALA A 120 32.60 -36.85 -6.33
N ASP A 121 32.98 -38.04 -5.86
CA ASP A 121 34.37 -38.47 -5.95
C ASP A 121 34.56 -39.43 -7.11
N GLY A 122 34.17 -40.69 -6.91
CA GLY A 122 34.29 -41.70 -7.95
C GLY A 122 35.71 -42.26 -7.98
N MET A 3 20.84 7.48 -13.66
CA MET A 3 22.19 7.06 -13.17
C MET A 3 22.84 6.16 -14.22
N THR A 4 23.64 5.21 -13.76
CA THR A 4 24.32 4.29 -14.66
C THR A 4 24.70 3.01 -13.94
N ALA A 5 24.44 1.87 -14.59
CA ALA A 5 24.77 0.58 -14.01
C ALA A 5 25.27 -0.38 -15.08
N GLU A 6 25.53 -1.62 -14.69
CA GLU A 6 26.02 -2.61 -15.65
C GLU A 6 27.30 -2.12 -16.31
N LEU A 7 27.26 -2.00 -17.64
CA LEU A 7 28.43 -1.53 -18.38
C LEU A 7 28.98 -0.27 -17.74
N GLN A 8 30.04 0.28 -18.33
CA GLN A 8 30.66 1.49 -17.79
C GLN A 8 30.85 2.53 -18.90
N GLN A 9 32.07 3.03 -19.03
CA GLN A 9 32.37 4.04 -20.04
C GLN A 9 31.80 5.39 -19.63
N ASP A 10 30.85 5.35 -18.71
CA ASP A 10 30.23 6.57 -18.22
C ASP A 10 30.63 6.83 -16.78
N ASP A 11 31.08 5.77 -16.11
CA ASP A 11 31.50 5.87 -14.72
C ASP A 11 32.33 7.13 -14.51
N ALA A 12 32.88 7.64 -15.59
CA ALA A 12 33.70 8.84 -15.53
C ALA A 12 32.92 10.00 -14.94
N ALA A 13 31.62 9.78 -14.75
CA ALA A 13 30.75 10.81 -14.20
C ALA A 13 30.80 10.78 -12.68
N GLY A 14 30.01 11.64 -12.04
CA GLY A 14 29.98 11.70 -10.58
C GLY A 14 30.47 13.05 -10.08
N ALA A 15 30.21 13.34 -8.81
CA ALA A 15 30.64 14.60 -8.23
C ALA A 15 31.17 14.39 -6.81
N ALA A 16 31.76 15.43 -6.24
CA ALA A 16 32.30 15.34 -4.89
C ALA A 16 31.23 15.69 -3.86
N ASP A 17 29.97 15.45 -4.22
CA ASP A 17 28.86 15.74 -3.33
C ASP A 17 29.05 17.08 -2.64
N GLY A 18 29.08 17.07 -1.31
CA GLY A 18 29.26 18.30 -0.54
C GLY A 18 27.92 18.85 -0.09
N HIS A 19 27.68 20.12 -0.37
CA HIS A 19 26.43 20.77 0.02
C HIS A 19 25.62 21.13 -1.21
N GLY A 20 24.62 20.32 -1.53
CA GLY A 20 23.77 20.57 -2.68
C GLY A 20 22.58 21.47 -2.31
N SER A 21 21.66 21.63 -3.25
CA SER A 21 20.49 22.47 -3.00
C SER A 21 19.21 21.70 -3.34
N SER A 22 19.35 20.41 -3.59
CA SER A 22 18.20 19.57 -3.91
C SER A 22 17.93 18.56 -2.80
N CYS A 23 16.86 17.80 -2.93
CA CYS A 23 16.51 16.80 -1.92
C CYS A 23 16.14 15.48 -2.57
N GLN A 24 17.08 14.53 -2.58
CA GLN A 24 16.83 13.22 -3.17
C GLN A 24 16.10 12.32 -2.18
N MET A 25 16.08 12.74 -0.92
CA MET A 25 15.43 11.94 0.12
C MET A 25 13.91 11.92 -0.07
N LEU A 26 13.40 12.91 -0.78
CA LEU A 26 11.96 12.97 -1.00
C LEU A 26 11.48 11.80 -1.84
N LEU A 27 11.92 11.78 -3.08
CA LEU A 27 11.54 10.70 -4.00
C LEU A 27 12.16 9.37 -3.58
N ASN A 28 13.37 9.41 -3.02
CA ASN A 28 14.02 8.19 -2.58
C ASN A 28 13.25 7.59 -1.42
N GLN A 29 12.81 8.44 -0.52
CA GLN A 29 12.06 7.98 0.63
C GLN A 29 10.77 7.30 0.20
N LEU A 30 9.94 7.99 -0.58
CA LEU A 30 8.68 7.38 -1.02
C LEU A 30 8.94 6.02 -1.65
N ARG A 31 9.80 6.00 -2.67
CA ARG A 31 10.10 4.76 -3.38
C ARG A 31 10.77 3.74 -2.44
N GLU A 32 11.36 4.22 -1.35
CA GLU A 32 12.03 3.32 -0.41
C GLU A 32 11.06 2.79 0.64
N ILE A 33 9.94 3.49 0.82
CA ILE A 33 8.95 3.07 1.82
C ILE A 33 7.83 2.29 1.17
N THR A 34 7.26 2.89 0.16
CA THR A 34 6.15 2.29 -0.56
C THR A 34 6.64 1.21 -1.53
N GLY A 35 7.80 1.46 -2.13
CA GLY A 35 8.36 0.51 -3.09
C GLY A 35 7.59 0.59 -4.39
N ILE A 36 7.16 1.78 -4.74
CA ILE A 36 6.38 2.01 -5.94
C ILE A 36 7.26 2.37 -7.13
N GLN A 37 6.76 2.10 -8.32
CA GLN A 37 7.49 2.40 -9.54
C GLN A 37 6.72 3.40 -10.40
N ASP A 38 5.83 4.17 -9.77
CA ASP A 38 5.03 5.14 -10.50
C ASP A 38 5.19 6.53 -9.90
N PRO A 39 6.30 7.18 -10.16
CA PRO A 39 6.57 8.54 -9.63
C PRO A 39 5.32 9.41 -9.68
N SER A 40 4.39 8.99 -10.50
CA SER A 40 3.13 9.71 -10.68
C SER A 40 2.20 9.52 -9.49
N PHE A 41 1.92 8.27 -9.13
CA PHE A 41 1.05 8.01 -7.99
C PHE A 41 1.80 8.41 -6.71
N LEU A 42 3.14 8.35 -6.79
CA LEU A 42 3.97 8.76 -5.66
C LEU A 42 3.74 10.24 -5.43
N HIS A 43 3.95 11.01 -6.49
CA HIS A 43 3.75 12.45 -6.44
C HIS A 43 2.33 12.77 -6.01
N GLU A 44 1.39 11.90 -6.36
CA GLU A 44 0.01 12.10 -5.99
C GLU A 44 -0.11 12.09 -4.48
N ALA A 45 0.55 11.12 -3.86
CA ALA A 45 0.54 11.01 -2.41
C ALA A 45 1.24 12.20 -1.78
N LEU A 46 2.36 12.59 -2.36
CA LEU A 46 3.12 13.73 -1.84
C LEU A 46 2.29 14.99 -1.93
N LYS A 47 1.44 15.06 -2.93
CA LYS A 47 0.59 16.23 -3.14
C LYS A 47 -0.64 16.18 -2.23
N ALA A 48 -1.09 14.97 -1.91
CA ALA A 48 -2.27 14.81 -1.06
C ALA A 48 -1.94 15.06 0.41
N SER A 49 -0.80 14.53 0.86
CA SER A 49 -0.40 14.71 2.25
C SER A 49 0.05 16.14 2.52
N ASN A 50 -0.26 17.04 1.60
CA ASN A 50 0.12 18.45 1.76
C ASN A 50 1.63 18.59 1.85
N GLY A 51 2.34 17.62 1.26
CA GLY A 51 3.80 17.65 1.28
C GLY A 51 4.38 16.68 2.30
N ASP A 52 3.58 16.34 3.32
CA ASP A 52 4.05 15.41 4.34
C ASP A 52 4.37 14.06 3.70
N ILE A 53 5.57 13.55 3.95
CA ILE A 53 5.98 12.28 3.37
C ILE A 53 5.35 11.11 4.11
N THR A 54 5.60 11.02 5.41
CA THR A 54 5.04 9.95 6.22
C THR A 54 3.56 9.79 5.94
N GLN A 55 2.85 10.90 5.91
CA GLN A 55 1.42 10.85 5.65
C GLN A 55 1.20 10.27 4.27
N ALA A 56 1.82 10.89 3.27
CA ALA A 56 1.71 10.42 1.90
C ALA A 56 1.80 8.91 1.89
N VAL A 57 2.90 8.45 2.42
CA VAL A 57 3.15 7.04 2.55
C VAL A 57 1.90 6.37 3.05
N SER A 58 1.41 6.87 4.17
CA SER A 58 0.19 6.36 4.77
C SER A 58 -0.95 6.32 3.76
N LEU A 59 -1.09 7.40 3.00
CA LEU A 59 -2.15 7.47 1.99
C LEU A 59 -2.04 6.32 1.00
N LEU A 60 -0.81 5.93 0.73
CA LEU A 60 -0.55 4.88 -0.25
C LEU A 60 -0.57 3.47 0.35
N THR A 61 -0.25 3.35 1.63
CA THR A 61 -0.25 2.02 2.25
C THR A 61 -1.46 1.83 3.17
N ASP A 62 -2.35 2.82 3.19
CA ASP A 62 -3.54 2.75 4.02
C ASP A 62 -4.46 1.63 3.55
N GLU A 63 -3.88 0.58 2.98
CA GLU A 63 -4.66 -0.55 2.50
C GLU A 63 -5.35 -0.20 1.18
N ARG A 64 -4.57 0.01 0.13
CA ARG A 64 -5.13 0.37 -1.17
C ARG A 64 -4.52 -0.45 -2.29
N VAL A 65 -3.28 -0.11 -2.63
CA VAL A 65 -2.57 -0.79 -3.71
C VAL A 65 -2.35 -2.26 -3.39
N LYS A 66 -1.20 -2.56 -2.81
CA LYS A 66 -0.85 -3.94 -2.46
C LYS A 66 -1.38 -4.89 -3.53
N GLU A 67 -1.44 -6.18 -3.20
CA GLU A 67 -1.93 -7.17 -4.15
C GLU A 67 -1.95 -8.57 -3.51
N PRO A 68 -2.91 -8.81 -2.68
CA PRO A 68 -3.07 -10.13 -1.99
C PRO A 68 -3.42 -11.25 -2.97
N SER A 69 -4.67 -11.29 -3.36
CA SER A 69 -5.15 -12.30 -4.30
C SER A 69 -4.02 -12.80 -5.18
N GLN A 70 -4.12 -14.06 -5.60
CA GLN A 70 -3.10 -14.65 -6.47
C GLN A 70 -3.24 -14.14 -7.89
N ASP A 71 -2.12 -13.79 -8.51
CA ASP A 71 -2.14 -13.29 -9.88
C ASP A 71 -2.06 -14.44 -10.88
N THR A 72 -1.61 -15.57 -10.38
CA THR A 72 -1.48 -16.77 -11.22
C THR A 72 -2.85 -17.41 -11.43
N VAL A 73 -2.98 -18.66 -11.01
CA VAL A 73 -4.24 -19.38 -11.16
C VAL A 73 -5.30 -18.78 -10.23
N ALA A 74 -6.09 -19.65 -9.62
CA ALA A 74 -7.14 -19.20 -8.71
C ALA A 74 -7.19 -20.08 -7.47
N THR A 75 -6.98 -21.37 -7.69
CA THR A 75 -7.00 -22.37 -6.62
C THR A 75 -7.54 -21.76 -5.31
N GLU A 76 -6.71 -21.77 -4.27
CA GLU A 76 -7.11 -21.23 -2.98
C GLU A 76 -7.82 -19.88 -3.17
N PRO A 77 -8.81 -19.60 -2.37
CA PRO A 77 -9.58 -18.32 -2.44
C PRO A 77 -8.79 -17.14 -1.89
N SER A 78 -9.40 -15.96 -1.93
CA SER A 78 -8.75 -14.75 -1.43
C SER A 78 -9.61 -14.09 -0.35
N GLU A 79 -9.14 -12.95 0.14
CA GLU A 79 -9.87 -12.22 1.17
C GLU A 79 -10.77 -11.15 0.55
N VAL A 80 -10.31 -9.91 0.63
CA VAL A 80 -11.06 -8.79 0.08
C VAL A 80 -10.11 -7.69 -0.40
N GLU A 81 -10.46 -6.44 -0.10
CA GLU A 81 -9.64 -5.32 -0.52
C GLU A 81 -9.42 -4.36 0.66
N GLY A 82 -10.49 -4.10 1.41
CA GLY A 82 -10.40 -3.20 2.56
C GLY A 82 -11.46 -3.55 3.60
N SER A 83 -11.04 -4.24 4.65
CA SER A 83 -11.96 -4.62 5.72
C SER A 83 -12.35 -3.41 6.55
N ALA A 84 -13.11 -3.64 7.62
CA ALA A 84 -13.55 -2.56 8.49
C ALA A 84 -12.36 -1.69 8.90
N ALA A 85 -11.55 -2.20 9.83
CA ALA A 85 -10.39 -1.46 10.30
C ALA A 85 -9.60 -2.29 11.31
N ASN A 86 -9.26 -1.67 12.44
CA ASN A 86 -8.51 -2.35 13.48
C ASN A 86 -9.45 -2.85 14.58
N LYS A 87 -10.75 -2.75 14.32
CA LYS A 87 -11.74 -3.19 15.29
C LYS A 87 -12.17 -4.63 15.02
N GLU A 88 -13.23 -4.76 14.24
CA GLU A 88 -13.75 -6.07 13.89
C GLU A 88 -13.56 -7.06 15.02
N VAL A 89 -13.55 -6.55 16.25
CA VAL A 89 -13.36 -7.40 17.42
C VAL A 89 -13.90 -6.73 18.68
N LEU A 90 -14.51 -7.52 19.56
CA LEU A 90 -15.05 -6.99 20.80
C LEU A 90 -14.00 -7.04 21.88
N ALA A 91 -13.20 -8.09 21.85
CA ALA A 91 -12.13 -8.28 22.82
C ALA A 91 -12.68 -8.28 24.25
N LYS A 92 -13.30 -9.39 24.64
CA LYS A 92 -13.85 -9.53 25.98
C LYS A 92 -14.82 -8.39 26.29
N VAL A 93 -14.81 -7.93 27.54
CA VAL A 93 -15.71 -6.86 27.97
C VAL A 93 -17.15 -7.33 27.89
N ILE A 94 -17.58 -8.10 28.89
CA ILE A 94 -18.95 -8.60 28.94
C ILE A 94 -19.93 -7.51 28.53
N ASP A 95 -21.18 -7.91 28.31
CA ASP A 95 -22.21 -6.96 27.91
C ASP A 95 -23.51 -7.69 27.61
N LEU A 96 -24.38 -7.76 28.61
CA LEU A 96 -25.67 -8.44 28.44
C LEU A 96 -26.81 -7.50 28.79
N THR A 97 -27.15 -7.46 30.07
CA THR A 97 -28.24 -6.61 30.54
C THR A 97 -27.70 -5.47 31.40
N HIS A 98 -26.74 -4.73 30.85
CA HIS A 98 -26.14 -3.61 31.58
C HIS A 98 -25.82 -2.47 30.62
N ASP A 99 -25.71 -2.81 29.35
CA ASP A 99 -25.40 -1.82 28.33
C ASP A 99 -26.13 -2.15 27.03
N ASN A 100 -27.45 -2.07 27.05
CA ASN A 100 -28.25 -2.37 25.87
C ASN A 100 -28.60 -1.09 25.12
N LYS A 101 -28.83 -1.22 23.82
CA LYS A 101 -29.16 -0.06 23.00
C LYS A 101 -30.22 -0.41 21.96
N ASP A 102 -30.66 -1.66 21.96
CA ASP A 102 -31.67 -2.09 21.01
C ASP A 102 -32.78 -1.04 20.92
N ASP A 103 -32.79 -0.13 21.90
CA ASP A 103 -33.81 0.92 21.93
C ASP A 103 -33.73 1.80 20.70
N LEU A 104 -32.58 2.46 20.51
CA LEU A 104 -32.43 3.33 19.35
C LEU A 104 -32.02 2.54 18.14
N GLN A 105 -31.33 1.44 18.33
CA GLN A 105 -30.90 0.64 17.20
C GLN A 105 -32.11 0.09 16.49
N ALA A 106 -33.06 -0.33 17.29
CA ALA A 106 -34.28 -0.88 16.78
C ALA A 106 -35.23 0.23 16.35
N ALA A 107 -35.54 1.15 17.26
CA ALA A 107 -36.43 2.24 16.92
C ALA A 107 -35.91 2.98 15.69
N ILE A 108 -34.61 3.26 15.69
CA ILE A 108 -33.98 3.94 14.57
C ILE A 108 -34.08 3.12 13.30
N ALA A 109 -33.74 1.84 13.41
CA ALA A 109 -33.77 0.96 12.25
C ALA A 109 -35.18 0.85 11.68
N LEU A 110 -36.17 0.73 12.56
CA LEU A 110 -37.55 0.61 12.13
C LEU A 110 -38.00 1.88 11.42
N SER A 111 -37.59 3.03 11.95
CA SER A 111 -37.96 4.31 11.36
C SER A 111 -37.01 4.69 10.24
N LEU A 112 -35.85 4.06 10.23
CA LEU A 112 -34.83 4.34 9.22
C LEU A 112 -34.99 3.36 8.05
N LEU A 113 -35.79 2.32 8.28
CA LEU A 113 -36.04 1.32 7.26
C LEU A 113 -36.49 1.96 5.96
N GLU A 114 -37.14 3.11 6.08
CA GLU A 114 -37.62 3.85 4.92
C GLU A 114 -36.58 4.84 4.45
N SER A 115 -36.69 6.07 4.92
CA SER A 115 -35.76 7.12 4.55
C SER A 115 -36.14 7.72 3.19
N PRO A 116 -36.50 8.98 3.16
CA PRO A 116 -36.89 9.65 1.88
C PRO A 116 -35.67 10.01 1.04
N LYS A 117 -35.91 10.69 -0.08
CA LYS A 117 -34.82 11.08 -0.96
C LYS A 117 -34.82 12.59 -1.19
N ILE A 118 -33.65 13.15 -1.45
CA ILE A 118 -33.54 14.58 -1.68
C ILE A 118 -33.67 14.89 -3.17
N GLN A 119 -33.37 16.14 -3.55
CA GLN A 119 -33.46 16.54 -4.94
C GLN A 119 -32.11 16.96 -5.47
N ALA A 120 -31.06 16.23 -5.08
CA ALA A 120 -29.71 16.54 -5.53
C ALA A 120 -29.63 16.44 -7.05
N ASP A 121 -28.91 15.44 -7.52
CA ASP A 121 -28.75 15.23 -8.96
C ASP A 121 -28.46 13.76 -9.27
N GLY A 122 -27.20 13.48 -9.58
CA GLY A 122 -26.80 12.10 -9.88
C GLY A 122 -25.49 12.09 -10.67
N MET A 3 -15.10 44.41 23.94
CA MET A 3 -15.16 42.94 23.66
C MET A 3 -16.61 42.52 23.44
N THR A 4 -16.91 42.00 22.25
CA THR A 4 -18.26 41.57 21.93
C THR A 4 -18.46 40.11 22.33
N ALA A 5 -19.55 39.52 21.84
CA ALA A 5 -19.86 38.13 22.15
C ALA A 5 -19.93 37.29 20.88
N GLU A 6 -20.45 37.91 19.83
CA GLU A 6 -20.57 37.23 18.55
C GLU A 6 -19.28 37.34 17.75
N LEU A 7 -19.35 38.01 16.61
CA LEU A 7 -18.17 38.18 15.77
C LEU A 7 -17.52 36.83 15.50
N GLN A 8 -16.43 36.84 14.72
CA GLN A 8 -15.74 35.60 14.39
C GLN A 8 -14.31 35.89 13.96
N GLN A 9 -13.58 36.62 14.80
CA GLN A 9 -12.20 36.97 14.49
C GLN A 9 -11.28 35.76 14.72
N ASP A 10 -11.89 34.62 15.06
CA ASP A 10 -11.13 33.42 15.32
C ASP A 10 -11.08 32.55 14.06
N ASP A 11 -11.99 32.82 13.14
CA ASP A 11 -12.06 32.06 11.89
C ASP A 11 -10.67 31.69 11.41
N ALA A 12 -9.87 32.71 11.13
CA ALA A 12 -8.51 32.49 10.65
C ALA A 12 -8.45 31.23 9.80
N ALA A 13 -8.48 31.42 8.48
CA ALA A 13 -8.43 30.29 7.58
C ALA A 13 -7.13 30.28 6.76
N GLY A 14 -6.35 29.22 6.91
CA GLY A 14 -5.08 29.11 6.19
C GLY A 14 -5.25 28.22 4.96
N ALA A 15 -4.81 28.72 3.81
CA ALA A 15 -4.91 27.96 2.58
C ALA A 15 -3.55 27.39 2.18
N ALA A 16 -3.43 26.93 0.94
CA ALA A 16 -2.19 26.38 0.46
C ALA A 16 -1.12 27.47 0.36
N ASP A 17 -0.63 27.91 1.53
CA ASP A 17 0.39 28.96 1.56
C ASP A 17 1.20 28.98 0.27
N GLY A 18 2.10 28.02 0.12
CA GLY A 18 2.93 27.95 -1.07
C GLY A 18 4.36 27.55 -0.71
N HIS A 19 4.66 27.51 0.58
CA HIS A 19 5.98 27.14 1.03
C HIS A 19 6.15 25.62 1.03
N GLY A 20 7.37 25.16 0.83
CA GLY A 20 7.64 23.72 0.80
C GLY A 20 8.61 23.38 -0.32
N SER A 21 9.74 22.77 0.04
CA SER A 21 10.74 22.39 -0.94
C SER A 21 10.44 21.01 -1.50
N SER A 22 11.26 20.58 -2.47
CA SER A 22 11.07 19.26 -3.08
C SER A 22 12.41 18.70 -3.54
N CYS A 23 12.84 17.62 -2.90
CA CYS A 23 14.11 16.99 -3.25
C CYS A 23 13.93 15.50 -3.50
N GLN A 24 14.70 14.97 -4.44
CA GLN A 24 14.62 13.54 -4.78
C GLN A 24 14.64 12.70 -3.51
N MET A 25 14.96 13.32 -2.39
CA MET A 25 15.02 12.62 -1.12
C MET A 25 13.64 12.13 -0.70
N LEU A 26 12.68 13.03 -0.78
CA LEU A 26 11.31 12.71 -0.41
C LEU A 26 10.74 11.61 -1.29
N LEU A 27 10.91 11.77 -2.58
CA LEU A 27 10.42 10.79 -3.54
C LEU A 27 11.11 9.45 -3.33
N ASN A 28 12.44 9.47 -3.32
CA ASN A 28 13.21 8.25 -3.11
C ASN A 28 12.76 7.55 -1.84
N GLN A 29 12.61 8.34 -0.79
CA GLN A 29 12.16 7.81 0.49
C GLN A 29 10.81 7.12 0.32
N LEU A 30 9.83 7.88 -0.14
CA LEU A 30 8.50 7.34 -0.36
C LEU A 30 8.59 5.98 -1.04
N ARG A 31 9.29 5.94 -2.17
CA ARG A 31 9.45 4.71 -2.92
C ARG A 31 10.23 3.69 -2.09
N GLU A 32 11.01 4.17 -1.14
CA GLU A 32 11.80 3.29 -0.30
C GLU A 32 10.93 2.70 0.80
N ILE A 33 9.81 3.36 1.08
CA ILE A 33 8.90 2.90 2.12
C ILE A 33 7.80 2.04 1.53
N THR A 34 7.26 2.49 0.42
CA THR A 34 6.18 1.80 -0.24
C THR A 34 6.70 0.83 -1.29
N GLY A 35 7.77 1.23 -1.98
CA GLY A 35 8.34 0.37 -3.01
C GLY A 35 7.64 0.61 -4.35
N ILE A 36 7.25 1.85 -4.60
CA ILE A 36 6.57 2.19 -5.84
C ILE A 36 7.54 2.83 -6.82
N GLN A 37 7.38 2.50 -8.11
CA GLN A 37 8.26 3.05 -9.14
C GLN A 37 7.48 3.96 -10.08
N ASP A 38 6.37 4.50 -9.59
CA ASP A 38 5.54 5.39 -10.39
C ASP A 38 5.59 6.81 -9.83
N PRO A 39 6.69 7.49 -10.00
CA PRO A 39 6.87 8.87 -9.50
C PRO A 39 5.59 9.69 -9.57
N SER A 40 4.69 9.25 -10.44
CA SER A 40 3.42 9.91 -10.62
C SER A 40 2.48 9.64 -9.45
N PHE A 41 2.29 8.37 -9.11
CA PHE A 41 1.42 8.02 -8.00
C PHE A 41 2.11 8.38 -6.69
N LEU A 42 3.44 8.41 -6.73
CA LEU A 42 4.22 8.78 -5.56
C LEU A 42 4.05 10.27 -5.34
N HIS A 43 4.33 11.05 -6.38
CA HIS A 43 4.18 12.49 -6.31
C HIS A 43 2.72 12.81 -6.00
N GLU A 44 1.82 11.91 -6.36
CA GLU A 44 0.40 12.11 -6.08
C GLU A 44 0.22 12.10 -4.58
N ALA A 45 0.84 11.11 -3.94
CA ALA A 45 0.77 10.98 -2.49
C ALA A 45 1.39 12.23 -1.83
N LEU A 46 2.61 12.56 -2.24
CA LEU A 46 3.30 13.72 -1.70
C LEU A 46 2.43 14.96 -1.84
N LYS A 47 1.71 15.05 -2.95
CA LYS A 47 0.85 16.19 -3.21
C LYS A 47 -0.44 16.10 -2.38
N ALA A 48 -0.85 14.88 -2.07
CA ALA A 48 -2.06 14.68 -1.28
C ALA A 48 -1.75 14.80 0.21
N SER A 49 -0.49 14.64 0.57
CA SER A 49 -0.07 14.74 1.95
C SER A 49 0.38 16.16 2.28
N ASN A 50 0.45 17.00 1.25
CA ASN A 50 0.86 18.38 1.43
C ASN A 50 2.37 18.48 1.67
N GLY A 51 3.11 17.50 1.16
CA GLY A 51 4.56 17.50 1.32
C GLY A 51 4.99 16.52 2.41
N ASP A 52 4.08 16.18 3.30
CA ASP A 52 4.39 15.26 4.38
C ASP A 52 4.65 13.86 3.82
N ILE A 53 5.82 13.31 4.11
CA ILE A 53 6.17 11.99 3.60
C ILE A 53 5.44 10.89 4.36
N THR A 54 5.60 10.87 5.68
CA THR A 54 4.94 9.87 6.51
C THR A 54 3.48 9.71 6.10
N GLN A 55 2.76 10.82 6.07
CA GLN A 55 1.35 10.76 5.69
C GLN A 55 1.23 10.18 4.29
N ALA A 56 1.95 10.77 3.33
CA ALA A 56 1.94 10.29 1.96
C ALA A 56 1.96 8.77 1.99
N VAL A 57 2.94 8.24 2.69
CA VAL A 57 3.08 6.81 2.84
C VAL A 57 1.74 6.22 3.24
N SER A 58 1.24 6.71 4.36
CA SER A 58 -0.05 6.28 4.87
C SER A 58 -1.09 6.25 3.75
N LEU A 59 -1.15 7.33 2.99
CA LEU A 59 -2.11 7.40 1.88
C LEU A 59 -1.81 6.33 0.84
N LEU A 60 -0.55 5.94 0.76
CA LEU A 60 -0.15 4.94 -0.23
C LEU A 60 -0.25 3.52 0.30
N THR A 61 -0.39 3.36 1.60
CA THR A 61 -0.49 2.01 2.18
C THR A 61 -1.83 1.81 2.87
N ASP A 62 -2.67 2.84 2.87
CA ASP A 62 -3.98 2.74 3.51
C ASP A 62 -4.85 1.71 2.80
N GLU A 63 -4.20 0.72 2.17
CA GLU A 63 -4.92 -0.33 1.48
C GLU A 63 -5.40 0.13 0.09
N ARG A 64 -4.57 0.94 -0.57
CA ARG A 64 -4.91 1.44 -1.90
C ARG A 64 -4.37 0.52 -2.96
N VAL A 65 -3.08 0.24 -2.87
CA VAL A 65 -2.42 -0.64 -3.82
C VAL A 65 -2.38 -2.06 -3.25
N LYS A 66 -1.20 -2.48 -2.84
CA LYS A 66 -1.03 -3.82 -2.26
C LYS A 66 0.45 -4.11 -2.00
N GLU A 67 1.08 -4.94 -2.83
CA GLU A 67 2.49 -5.26 -2.62
C GLU A 67 3.06 -6.29 -3.61
N PRO A 68 2.25 -7.07 -4.30
CA PRO A 68 2.78 -8.09 -5.25
C PRO A 68 3.72 -7.51 -6.31
N SER A 69 3.75 -8.15 -7.46
CA SER A 69 4.61 -7.70 -8.55
C SER A 69 4.67 -8.75 -9.67
N GLN A 70 5.62 -8.60 -10.57
CA GLN A 70 5.76 -9.55 -11.67
C GLN A 70 7.20 -10.07 -11.76
N ASP A 71 7.41 -11.07 -12.61
CA ASP A 71 8.74 -11.64 -12.78
C ASP A 71 9.68 -10.65 -13.43
N THR A 72 9.09 -9.65 -14.06
CA THR A 72 9.87 -8.62 -14.74
C THR A 72 9.80 -7.30 -13.96
N VAL A 73 10.31 -6.24 -14.58
CA VAL A 73 10.30 -4.92 -13.94
C VAL A 73 8.95 -4.25 -14.10
N ALA A 74 8.94 -2.93 -14.12
CA ALA A 74 7.71 -2.17 -14.26
C ALA A 74 7.76 -1.26 -15.47
N THR A 75 8.65 -0.29 -15.42
CA THR A 75 8.82 0.66 -16.51
C THR A 75 7.69 1.69 -16.49
N GLU A 76 6.48 1.25 -16.82
CA GLU A 76 5.33 2.14 -16.84
C GLU A 76 4.04 1.35 -16.62
N PRO A 77 3.71 0.46 -17.52
CA PRO A 77 2.48 -0.38 -17.41
C PRO A 77 2.48 -1.23 -16.14
N SER A 78 2.93 -2.46 -16.28
CA SER A 78 2.97 -3.38 -15.14
C SER A 78 1.58 -3.62 -14.58
N GLU A 79 1.49 -4.44 -13.53
CA GLU A 79 0.20 -4.74 -12.92
C GLU A 79 0.09 -4.02 -11.59
N VAL A 80 1.20 -3.96 -10.88
CA VAL A 80 1.25 -3.32 -9.58
C VAL A 80 2.66 -2.80 -9.32
N GLU A 81 3.21 -3.09 -8.14
CA GLU A 81 4.55 -2.64 -7.81
C GLU A 81 5.57 -3.22 -8.79
N GLY A 82 6.63 -3.83 -8.26
CA GLY A 82 7.65 -4.43 -9.10
C GLY A 82 8.68 -5.18 -8.26
N SER A 83 8.37 -5.36 -6.98
CA SER A 83 9.27 -6.06 -6.07
C SER A 83 9.20 -7.57 -6.31
N ALA A 84 9.86 -8.33 -5.44
CA ALA A 84 9.87 -9.78 -5.56
C ALA A 84 8.46 -10.35 -5.39
N ALA A 85 8.12 -11.32 -6.24
CA ALA A 85 6.81 -11.94 -6.17
C ALA A 85 6.92 -13.34 -5.56
N ASN A 86 5.77 -13.91 -5.19
CA ASN A 86 5.76 -15.24 -4.61
C ASN A 86 5.14 -16.26 -5.56
N LYS A 87 5.39 -16.07 -6.86
CA LYS A 87 4.84 -16.99 -7.85
C LYS A 87 5.18 -18.43 -7.51
N GLU A 88 5.90 -19.08 -8.43
CA GLU A 88 6.29 -20.47 -8.23
C GLU A 88 7.25 -20.58 -7.05
N VAL A 89 8.53 -20.34 -7.31
CA VAL A 89 9.55 -20.41 -6.28
C VAL A 89 10.34 -19.12 -6.21
N LEU A 90 10.97 -18.87 -5.07
CA LEU A 90 11.76 -17.67 -4.88
C LEU A 90 13.02 -17.78 -5.72
N ALA A 91 13.44 -19.01 -5.96
CA ALA A 91 14.62 -19.30 -6.76
C ALA A 91 15.87 -18.68 -6.14
N LYS A 92 17.02 -18.97 -6.74
CA LYS A 92 18.28 -18.46 -6.24
C LYS A 92 19.06 -17.77 -7.36
N VAL A 93 20.26 -17.29 -7.04
CA VAL A 93 21.09 -16.62 -8.02
C VAL A 93 22.56 -17.00 -7.83
N ILE A 94 22.88 -18.26 -8.15
CA ILE A 94 24.24 -18.74 -8.01
C ILE A 94 25.08 -18.32 -9.22
N ASP A 95 26.28 -17.83 -8.95
CA ASP A 95 27.17 -17.39 -10.01
C ASP A 95 28.48 -16.87 -9.44
N LEU A 96 29.52 -17.67 -9.57
CA LEU A 96 30.84 -17.31 -9.06
C LEU A 96 31.92 -17.78 -10.02
N THR A 97 32.37 -19.00 -9.81
CA THR A 97 33.41 -19.59 -10.64
C THR A 97 32.90 -20.88 -11.29
N HIS A 98 32.30 -20.76 -12.46
CA HIS A 98 31.77 -21.92 -13.16
C HIS A 98 32.84 -22.58 -14.01
N ASP A 99 33.79 -21.78 -14.46
CA ASP A 99 34.88 -22.29 -15.29
C ASP A 99 36.08 -22.63 -14.44
N ASN A 100 35.90 -23.58 -13.52
CA ASN A 100 36.99 -24.00 -12.64
C ASN A 100 38.31 -24.04 -13.40
N LYS A 101 39.36 -23.53 -12.78
CA LYS A 101 40.67 -23.50 -13.40
C LYS A 101 41.76 -23.83 -12.39
N ASP A 102 42.22 -22.81 -11.71
CA ASP A 102 43.28 -22.96 -10.71
C ASP A 102 42.79 -23.76 -9.51
N ASP A 103 41.48 -23.75 -9.27
CA ASP A 103 40.91 -24.47 -8.14
C ASP A 103 41.22 -25.96 -8.21
N LEU A 104 40.74 -26.61 -9.27
CA LEU A 104 40.98 -28.04 -9.43
C LEU A 104 42.37 -28.32 -9.99
N GLN A 105 42.97 -27.35 -10.68
CA GLN A 105 44.32 -27.59 -11.22
C GLN A 105 45.28 -27.73 -10.07
N ALA A 106 45.07 -26.86 -9.09
CA ALA A 106 45.91 -26.86 -7.92
C ALA A 106 45.59 -28.03 -7.00
N ALA A 107 44.32 -28.18 -6.64
CA ALA A 107 43.93 -29.30 -5.78
C ALA A 107 44.36 -30.60 -6.43
N ILE A 108 43.97 -30.77 -7.69
CA ILE A 108 44.31 -31.96 -8.44
C ILE A 108 45.82 -32.18 -8.45
N ALA A 109 46.56 -31.11 -8.70
CA ALA A 109 48.01 -31.20 -8.75
C ALA A 109 48.60 -31.49 -7.37
N LEU A 110 47.94 -31.02 -6.33
CA LEU A 110 48.40 -31.24 -4.97
C LEU A 110 48.18 -32.70 -4.58
N SER A 111 47.18 -33.31 -5.19
CA SER A 111 46.84 -34.70 -4.90
C SER A 111 47.39 -35.63 -5.98
N LEU A 112 47.70 -35.06 -7.13
CA LEU A 112 48.20 -35.84 -8.26
C LEU A 112 49.71 -35.75 -8.32
N LEU A 113 50.27 -34.77 -7.63
CA LEU A 113 51.72 -34.59 -7.62
C LEU A 113 52.33 -35.14 -6.35
N GLU A 114 51.51 -35.22 -5.31
CA GLU A 114 51.97 -35.74 -4.02
C GLU A 114 51.16 -36.95 -3.61
N SER A 115 49.98 -37.08 -4.20
CA SER A 115 49.09 -38.20 -3.90
C SER A 115 49.40 -38.82 -2.55
N PRO A 116 48.97 -38.18 -1.49
CA PRO A 116 49.21 -38.67 -0.10
C PRO A 116 48.22 -39.77 0.29
N LYS A 117 48.02 -39.94 1.60
CA LYS A 117 47.10 -40.96 2.09
C LYS A 117 45.68 -40.39 2.17
N ILE A 118 45.13 -40.34 3.37
CA ILE A 118 43.79 -39.81 3.57
C ILE A 118 43.70 -39.03 4.87
N GLN A 119 42.69 -38.17 4.97
CA GLN A 119 42.52 -37.35 6.17
C GLN A 119 41.38 -37.91 7.02
N ALA A 120 41.32 -39.23 7.14
CA ALA A 120 40.27 -39.87 7.93
C ALA A 120 38.94 -39.17 7.70
N ASP A 121 37.99 -39.41 8.60
CA ASP A 121 36.66 -38.81 8.48
C ASP A 121 35.93 -38.87 9.81
N GLY A 122 35.16 -39.95 9.99
CA GLY A 122 34.40 -40.13 11.23
C GLY A 122 35.30 -40.04 12.45
N MET A 3 24.58 -4.75 -17.66
CA MET A 3 24.86 -4.01 -16.41
C MET A 3 25.42 -2.63 -16.73
N THR A 4 25.43 -1.75 -15.74
CA THR A 4 25.94 -0.40 -15.94
C THR A 4 26.32 0.23 -14.60
N ALA A 5 26.62 1.53 -14.62
CA ALA A 5 26.99 2.23 -13.40
C ALA A 5 25.75 2.57 -12.58
N GLU A 6 25.83 3.67 -11.83
CA GLU A 6 24.71 4.09 -10.99
C GLU A 6 23.48 4.37 -11.84
N LEU A 7 22.41 4.81 -11.19
CA LEU A 7 21.17 5.12 -11.88
C LEU A 7 21.15 6.60 -12.30
N GLN A 8 20.09 7.01 -12.97
CA GLN A 8 19.96 8.39 -13.42
C GLN A 8 21.33 9.02 -13.62
N GLN A 9 21.83 8.97 -14.85
CA GLN A 9 23.14 9.53 -15.15
C GLN A 9 23.17 11.04 -14.92
N ASP A 10 23.47 11.80 -15.98
CA ASP A 10 23.53 13.25 -15.88
C ASP A 10 22.35 13.80 -15.10
N ASP A 11 21.25 13.06 -15.12
CA ASP A 11 20.04 13.47 -14.42
C ASP A 11 20.31 13.63 -12.93
N ALA A 12 21.37 12.99 -12.46
CA ALA A 12 21.74 13.06 -11.06
C ALA A 12 22.04 14.49 -10.64
N ALA A 13 23.26 14.72 -10.16
CA ALA A 13 23.66 16.06 -9.73
C ALA A 13 23.48 17.06 -10.86
N GLY A 14 22.30 17.66 -10.93
CA GLY A 14 22.00 18.64 -11.97
C GLY A 14 20.56 19.09 -11.91
N ALA A 15 20.35 20.39 -11.71
CA ALA A 15 19.01 20.95 -11.63
C ALA A 15 18.55 21.46 -12.99
N ALA A 16 17.24 21.57 -13.17
CA ALA A 16 16.70 22.05 -14.44
C ALA A 16 16.82 23.57 -14.52
N ASP A 17 15.84 24.20 -15.16
CA ASP A 17 15.85 25.65 -15.31
C ASP A 17 16.53 26.31 -14.11
N GLY A 18 16.32 25.75 -12.93
CA GLY A 18 16.91 26.27 -11.71
C GLY A 18 15.86 26.42 -10.62
N HIS A 19 14.61 26.14 -10.96
CA HIS A 19 13.52 26.26 -10.00
C HIS A 19 13.03 24.87 -9.58
N GLY A 20 12.66 24.74 -8.32
CA GLY A 20 12.16 23.46 -7.81
C GLY A 20 12.29 23.40 -6.29
N SER A 21 11.31 22.78 -5.64
CA SER A 21 11.32 22.66 -4.19
C SER A 21 11.54 21.21 -3.77
N SER A 22 10.65 20.32 -4.20
CA SER A 22 10.77 18.91 -3.87
C SER A 22 12.19 18.42 -4.09
N CYS A 23 12.62 17.47 -3.26
CA CYS A 23 13.97 16.92 -3.38
C CYS A 23 13.92 15.43 -3.68
N GLN A 24 14.88 14.95 -4.47
CA GLN A 24 14.93 13.55 -4.83
C GLN A 24 14.77 12.66 -3.60
N MET A 25 15.07 13.22 -2.43
CA MET A 25 14.96 12.47 -1.18
C MET A 25 13.50 12.20 -0.84
N LEU A 26 12.62 13.02 -1.36
CA LEU A 26 11.19 12.86 -1.11
C LEU A 26 10.66 11.62 -1.81
N LEU A 27 10.74 11.63 -3.12
CA LEU A 27 10.26 10.51 -3.92
C LEU A 27 11.08 9.27 -3.60
N ASN A 28 12.37 9.45 -3.35
CA ASN A 28 13.25 8.33 -3.02
C ASN A 28 12.78 7.65 -1.74
N GLN A 29 12.68 8.44 -0.69
CA GLN A 29 12.22 7.93 0.59
C GLN A 29 10.90 7.19 0.41
N LEU A 30 9.90 7.92 -0.06
CA LEU A 30 8.59 7.32 -0.29
C LEU A 30 8.76 6.01 -1.03
N ARG A 31 9.48 6.05 -2.14
CA ARG A 31 9.73 4.86 -2.93
C ARG A 31 10.47 3.81 -2.11
N GLU A 32 11.13 4.25 -1.05
CA GLU A 32 11.88 3.33 -0.19
C GLU A 32 10.97 2.75 0.88
N ILE A 33 9.89 3.47 1.19
CA ILE A 33 8.93 3.02 2.18
C ILE A 33 7.88 2.12 1.56
N THR A 34 7.28 2.65 0.52
CA THR A 34 6.23 1.95 -0.20
C THR A 34 6.79 0.98 -1.21
N GLY A 35 7.89 1.34 -1.85
CA GLY A 35 8.50 0.48 -2.86
C GLY A 35 7.80 0.66 -4.20
N ILE A 36 7.40 1.89 -4.47
CA ILE A 36 6.70 2.20 -5.71
C ILE A 36 7.66 2.81 -6.73
N GLN A 37 7.47 2.45 -8.00
CA GLN A 37 8.32 2.96 -9.08
C GLN A 37 7.51 3.86 -10.01
N ASP A 38 6.43 4.41 -9.48
CA ASP A 38 5.57 5.29 -10.28
C ASP A 38 5.64 6.72 -9.75
N PRO A 39 6.73 7.40 -10.00
CA PRO A 39 6.91 8.79 -9.55
C PRO A 39 5.62 9.58 -9.57
N SER A 40 4.71 9.14 -10.41
CA SER A 40 3.41 9.79 -10.56
C SER A 40 2.53 9.55 -9.33
N PHE A 41 2.35 8.27 -8.96
CA PHE A 41 1.53 7.96 -7.80
C PHE A 41 2.26 8.40 -6.54
N LEU A 42 3.60 8.45 -6.64
CA LEU A 42 4.41 8.87 -5.52
C LEU A 42 4.23 10.37 -5.31
N HIS A 43 4.33 11.11 -6.41
CA HIS A 43 4.14 12.55 -6.36
C HIS A 43 2.71 12.85 -5.97
N GLU A 44 1.81 11.92 -6.28
CA GLU A 44 0.40 12.09 -5.94
C GLU A 44 0.26 12.11 -4.43
N ALA A 45 0.79 11.08 -3.79
CA ALA A 45 0.72 10.99 -2.34
C ALA A 45 1.42 12.17 -1.69
N LEU A 46 2.53 12.60 -2.30
CA LEU A 46 3.28 13.73 -1.78
C LEU A 46 2.47 15.01 -1.93
N LYS A 47 1.63 15.04 -2.97
CA LYS A 47 0.81 16.22 -3.22
C LYS A 47 -0.39 16.27 -2.27
N ALA A 48 -0.92 15.11 -1.91
CA ALA A 48 -2.06 15.05 -1.02
C ALA A 48 -1.62 15.18 0.44
N SER A 49 -0.48 14.58 0.76
CA SER A 49 0.04 14.64 2.13
C SER A 49 0.47 16.06 2.48
N ASN A 50 0.56 16.92 1.46
CA ASN A 50 0.96 18.30 1.68
C ASN A 50 2.46 18.40 1.96
N GLY A 51 3.24 17.56 1.28
CA GLY A 51 4.69 17.56 1.46
C GLY A 51 5.10 16.51 2.49
N ASP A 52 4.17 16.15 3.36
CA ASP A 52 4.44 15.14 4.39
C ASP A 52 4.65 13.78 3.75
N ILE A 53 5.79 13.16 4.04
CA ILE A 53 6.10 11.85 3.49
C ILE A 53 5.33 10.76 4.22
N THR A 54 5.51 10.66 5.53
CA THR A 54 4.83 9.64 6.32
C THR A 54 3.36 9.58 5.95
N GLN A 55 2.68 10.71 5.97
CA GLN A 55 1.29 10.73 5.62
C GLN A 55 1.11 10.15 4.23
N ALA A 56 1.83 10.72 3.26
CA ALA A 56 1.76 10.22 1.89
C ALA A 56 1.74 8.71 1.90
N VAL A 57 2.73 8.16 2.57
CA VAL A 57 2.84 6.71 2.70
C VAL A 57 1.50 6.14 3.12
N SER A 58 1.01 6.64 4.24
CA SER A 58 -0.26 6.21 4.79
C SER A 58 -1.36 6.26 3.74
N LEU A 59 -1.43 7.37 3.02
CA LEU A 59 -2.47 7.53 2.00
C LEU A 59 -2.36 6.45 0.93
N LEU A 60 -1.14 6.06 0.65
CA LEU A 60 -0.91 5.05 -0.39
C LEU A 60 -1.12 3.63 0.14
N THR A 61 -0.38 3.27 1.16
CA THR A 61 -0.47 1.92 1.73
C THR A 61 -1.65 1.81 2.69
N ASP A 62 -2.46 2.85 2.80
CA ASP A 62 -3.60 2.83 3.70
C ASP A 62 -4.08 1.39 3.87
N GLU A 63 -3.98 0.65 2.77
CA GLU A 63 -4.37 -0.74 2.75
C GLU A 63 -3.27 -1.56 2.08
N ARG A 64 -2.71 -0.97 1.04
CA ARG A 64 -1.63 -1.59 0.27
C ARG A 64 -1.31 -0.73 -0.94
N VAL A 65 -2.26 -0.70 -1.85
CA VAL A 65 -2.12 0.08 -3.07
C VAL A 65 -3.32 -0.14 -4.00
N LYS A 66 -3.99 -1.27 -3.83
CA LYS A 66 -5.14 -1.59 -4.66
C LYS A 66 -6.30 -2.10 -3.81
N GLU A 67 -7.20 -2.85 -4.44
CA GLU A 67 -8.36 -3.40 -3.76
C GLU A 67 -8.17 -4.90 -3.53
N PRO A 68 -7.37 -5.28 -2.55
CA PRO A 68 -7.12 -6.71 -2.25
C PRO A 68 -8.36 -7.43 -1.77
N SER A 69 -9.05 -6.81 -0.84
CA SER A 69 -10.28 -7.39 -0.29
C SER A 69 -11.45 -7.16 -1.24
N GLN A 70 -11.89 -8.23 -1.88
CA GLN A 70 -13.01 -8.14 -2.83
C GLN A 70 -14.09 -9.16 -2.49
N ASP A 71 -15.34 -8.77 -2.70
CA ASP A 71 -16.47 -9.66 -2.41
C ASP A 71 -16.82 -10.48 -3.65
N THR A 72 -16.38 -10.01 -4.79
CA THR A 72 -16.64 -10.69 -6.05
C THR A 72 -15.35 -11.26 -6.62
N VAL A 73 -15.41 -12.52 -7.04
CA VAL A 73 -14.24 -13.19 -7.61
C VAL A 73 -14.67 -14.42 -8.41
N ALA A 74 -13.72 -15.00 -9.12
CA ALA A 74 -13.98 -16.17 -9.93
C ALA A 74 -14.08 -17.42 -9.08
N THR A 75 -13.13 -17.56 -8.18
CA THR A 75 -13.10 -18.72 -7.31
C THR A 75 -13.43 -18.34 -5.86
N GLU A 76 -13.01 -19.20 -4.93
CA GLU A 76 -13.28 -18.96 -3.52
C GLU A 76 -13.28 -17.46 -3.21
N PRO A 77 -14.28 -16.98 -2.51
CA PRO A 77 -14.39 -15.54 -2.14
C PRO A 77 -13.08 -15.00 -1.54
N SER A 78 -13.21 -13.99 -0.68
CA SER A 78 -12.05 -13.39 -0.05
C SER A 78 -11.10 -14.47 0.48
N GLU A 79 -10.00 -14.05 1.08
CA GLU A 79 -9.02 -14.99 1.63
C GLU A 79 -9.60 -15.73 2.82
N VAL A 80 -10.78 -15.32 3.25
CA VAL A 80 -11.43 -15.96 4.39
C VAL A 80 -12.95 -15.80 4.30
N GLU A 81 -13.66 -16.43 5.22
CA GLU A 81 -15.12 -16.36 5.23
C GLU A 81 -15.58 -15.07 5.90
N GLY A 82 -16.83 -15.08 6.38
CA GLY A 82 -17.38 -13.90 7.04
C GLY A 82 -16.60 -13.57 8.31
N SER A 83 -16.04 -12.37 8.35
CA SER A 83 -15.27 -11.94 9.51
C SER A 83 -16.18 -11.66 10.69
N ALA A 84 -15.59 -11.46 11.87
CA ALA A 84 -16.37 -11.19 13.07
C ALA A 84 -17.42 -10.12 12.79
N ALA A 85 -18.64 -10.36 13.25
CA ALA A 85 -19.73 -9.41 13.04
C ALA A 85 -20.71 -9.46 14.22
N ASN A 86 -21.48 -8.39 14.39
CA ASN A 86 -22.44 -8.31 15.47
C ASN A 86 -23.74 -7.66 14.99
N LYS A 87 -23.94 -7.65 13.68
CA LYS A 87 -25.15 -7.05 13.11
C LYS A 87 -26.38 -7.50 13.89
N GLU A 88 -27.54 -6.97 13.51
CA GLU A 88 -28.78 -7.33 14.18
C GLU A 88 -29.07 -8.83 14.03
N VAL A 89 -28.15 -9.54 13.40
CA VAL A 89 -28.31 -10.97 13.20
C VAL A 89 -27.12 -11.74 13.76
N LEU A 90 -27.37 -12.96 14.20
CA LEU A 90 -26.32 -13.80 14.76
C LEU A 90 -25.54 -14.47 13.64
N ALA A 91 -26.19 -14.59 12.49
CA ALA A 91 -25.57 -15.21 11.33
C ALA A 91 -25.10 -16.62 11.67
N LYS A 92 -25.70 -17.20 12.70
CA LYS A 92 -25.34 -18.55 13.11
C LYS A 92 -26.55 -19.30 13.66
N VAL A 93 -26.56 -20.62 13.45
CA VAL A 93 -27.64 -21.45 13.93
C VAL A 93 -27.27 -22.93 13.81
N ILE A 94 -26.43 -23.41 14.73
CA ILE A 94 -26.00 -24.79 14.71
C ILE A 94 -27.09 -25.68 14.11
N ASP A 95 -26.69 -26.51 13.15
CA ASP A 95 -27.63 -27.41 12.49
C ASP A 95 -26.92 -28.19 11.38
N LEU A 96 -25.71 -28.64 11.68
CA LEU A 96 -24.93 -29.40 10.71
C LEU A 96 -24.47 -28.49 9.60
N THR A 97 -25.13 -27.35 9.50
CA THR A 97 -24.81 -26.35 8.49
C THR A 97 -24.39 -27.02 7.18
N HIS A 98 -25.36 -27.24 6.30
CA HIS A 98 -25.07 -27.86 5.01
C HIS A 98 -24.24 -26.92 4.14
N ASP A 99 -24.83 -26.50 3.02
CA ASP A 99 -24.14 -25.58 2.12
C ASP A 99 -24.49 -24.14 2.43
N ASN A 100 -23.57 -23.23 2.16
CA ASN A 100 -23.79 -21.82 2.42
C ASN A 100 -23.33 -20.97 1.24
N LYS A 101 -24.05 -19.89 0.97
CA LYS A 101 -23.71 -19.01 -0.12
C LYS A 101 -24.30 -17.62 0.09
N ASP A 102 -25.20 -17.51 1.05
CA ASP A 102 -25.83 -16.24 1.35
C ASP A 102 -24.76 -15.14 1.39
N ASP A 103 -23.51 -15.56 1.51
CA ASP A 103 -22.40 -14.61 1.58
C ASP A 103 -22.28 -13.83 0.27
N LEU A 104 -22.08 -14.54 -0.83
CA LEU A 104 -21.96 -13.89 -2.13
C LEU A 104 -23.31 -13.44 -2.63
N GLN A 105 -24.35 -14.19 -2.28
CA GLN A 105 -25.69 -13.87 -2.73
C GLN A 105 -26.10 -12.53 -2.16
N ALA A 106 -25.69 -12.32 -0.92
CA ALA A 106 -26.00 -11.10 -0.23
C ALA A 106 -25.09 -9.97 -0.71
N ALA A 107 -23.79 -10.18 -0.63
CA ALA A 107 -22.85 -9.17 -1.08
C ALA A 107 -23.19 -8.80 -2.53
N ILE A 108 -23.22 -9.83 -3.36
CA ILE A 108 -23.55 -9.65 -4.78
C ILE A 108 -24.83 -8.88 -4.94
N ALA A 109 -25.88 -9.34 -4.27
CA ALA A 109 -27.18 -8.68 -4.37
C ALA A 109 -27.08 -7.21 -4.00
N LEU A 110 -26.43 -6.94 -2.87
CA LEU A 110 -26.27 -5.56 -2.40
C LEU A 110 -25.55 -4.72 -3.44
N SER A 111 -24.65 -5.34 -4.17
CA SER A 111 -23.88 -4.62 -5.19
C SER A 111 -24.52 -4.73 -6.57
N LEU A 112 -25.40 -5.70 -6.71
CA LEU A 112 -26.08 -5.93 -7.98
C LEU A 112 -27.36 -5.09 -8.03
N LEU A 113 -27.80 -4.65 -6.87
CA LEU A 113 -29.00 -3.82 -6.78
C LEU A 113 -28.67 -2.37 -7.08
N GLU A 114 -27.41 -2.03 -6.86
CA GLU A 114 -26.94 -0.67 -7.12
C GLU A 114 -25.57 -0.69 -7.78
N SER A 115 -24.54 -0.54 -6.94
CA SER A 115 -23.15 -0.54 -7.42
C SER A 115 -23.06 -1.05 -8.86
N PRO A 116 -22.95 -0.16 -9.81
CA PRO A 116 -22.85 -0.53 -11.25
C PRO A 116 -21.43 -0.96 -11.64
N LYS A 117 -20.67 -0.01 -12.15
CA LYS A 117 -19.30 -0.29 -12.56
C LYS A 117 -18.32 0.19 -11.49
N ILE A 118 -17.03 0.19 -11.82
CA ILE A 118 -16.03 0.63 -10.88
C ILE A 118 -15.33 1.89 -11.37
N GLN A 119 -14.54 2.51 -10.49
CA GLN A 119 -13.82 3.72 -10.84
C GLN A 119 -12.58 3.40 -11.66
N ALA A 120 -12.60 2.26 -12.34
CA ALA A 120 -11.46 1.85 -13.15
C ALA A 120 -11.87 1.73 -14.61
N ASP A 121 -10.91 1.36 -15.46
CA ASP A 121 -11.19 1.21 -16.89
C ASP A 121 -10.31 0.13 -17.50
N GLY A 122 -9.00 0.29 -17.38
CA GLY A 122 -8.05 -0.68 -17.93
C GLY A 122 -7.68 -0.32 -19.37
N MET A 3 3.14 25.55 -38.03
CA MET A 3 2.94 24.48 -37.01
C MET A 3 2.98 25.10 -35.62
N THR A 4 2.22 26.18 -35.44
CA THR A 4 2.18 26.85 -34.15
C THR A 4 0.78 26.76 -33.53
N ALA A 5 0.51 27.60 -32.54
CA ALA A 5 -0.79 27.61 -31.87
C ALA A 5 -1.07 28.97 -31.29
N GLU A 6 -1.67 29.00 -30.11
CA GLU A 6 -2.00 30.25 -29.45
C GLU A 6 -0.73 31.02 -29.10
N LEU A 7 -0.87 32.33 -28.90
CA LEU A 7 0.29 33.17 -28.58
C LEU A 7 0.26 33.57 -27.10
N GLN A 8 0.88 34.70 -26.80
CA GLN A 8 0.93 35.21 -25.43
C GLN A 8 0.73 36.71 -25.42
N GLN A 9 0.99 37.33 -24.27
CA GLN A 9 0.84 38.78 -24.14
C GLN A 9 2.08 39.38 -23.49
N ASP A 10 1.89 40.01 -22.33
CA ASP A 10 3.01 40.62 -21.62
C ASP A 10 4.04 39.56 -21.21
N ASP A 11 3.59 38.32 -21.21
CA ASP A 11 4.45 37.20 -20.83
C ASP A 11 5.81 37.33 -21.51
N ALA A 12 5.78 37.60 -22.80
CA ALA A 12 7.01 37.76 -23.58
C ALA A 12 8.11 36.84 -23.05
N ALA A 13 9.30 37.41 -22.82
CA ALA A 13 10.42 36.65 -22.31
C ALA A 13 9.96 35.56 -21.34
N GLY A 14 10.83 34.59 -21.09
CA GLY A 14 10.50 33.50 -20.19
C GLY A 14 11.77 32.78 -19.72
N ALA A 15 11.70 32.16 -18.55
CA ALA A 15 12.84 31.44 -18.00
C ALA A 15 12.38 30.23 -17.21
N ALA A 16 12.86 30.12 -15.97
CA ALA A 16 12.49 29.00 -15.11
C ALA A 16 12.24 29.47 -13.69
N ASP A 17 11.09 29.09 -13.14
CA ASP A 17 10.75 29.48 -11.77
C ASP A 17 12.00 29.50 -10.89
N GLY A 18 11.93 30.18 -9.77
CA GLY A 18 13.06 30.27 -8.85
C GLY A 18 12.79 29.48 -7.58
N HIS A 19 12.19 28.31 -7.74
CA HIS A 19 11.88 27.47 -6.59
C HIS A 19 11.93 25.99 -6.98
N GLY A 20 12.68 25.69 -8.03
CA GLY A 20 12.80 24.32 -8.51
C GLY A 20 14.02 23.62 -7.89
N SER A 21 14.09 23.64 -6.57
CA SER A 21 15.21 22.99 -5.87
C SER A 21 14.77 21.67 -5.26
N SER A 22 14.48 21.69 -3.96
CA SER A 22 14.05 20.48 -3.27
C SER A 22 15.20 19.48 -3.18
N CYS A 23 14.95 18.36 -2.51
CA CYS A 23 15.98 17.33 -2.35
C CYS A 23 15.45 15.97 -2.80
N GLN A 24 16.36 15.02 -2.94
CA GLN A 24 15.98 13.67 -3.36
C GLN A 24 15.47 12.85 -2.17
N MET A 25 15.70 13.35 -0.97
CA MET A 25 15.27 12.64 0.23
C MET A 25 13.79 12.31 0.19
N LEU A 26 13.02 13.17 -0.45
CA LEU A 26 11.58 12.98 -0.55
C LEU A 26 11.22 11.80 -1.43
N LEU A 27 11.63 11.86 -2.68
CA LEU A 27 11.35 10.80 -3.64
C LEU A 27 12.03 9.51 -3.22
N ASN A 28 13.25 9.62 -2.69
CA ASN A 28 13.99 8.45 -2.26
C ASN A 28 13.28 7.75 -1.11
N GLN A 29 13.08 8.50 -0.03
CA GLN A 29 12.41 7.97 1.15
C GLN A 29 11.06 7.34 0.77
N LEU A 30 10.18 8.15 0.19
CA LEU A 30 8.87 7.68 -0.19
C LEU A 30 8.96 6.42 -1.06
N ARG A 31 9.67 6.53 -2.17
CA ARG A 31 9.81 5.40 -3.09
C ARG A 31 10.47 4.20 -2.39
N GLU A 32 11.18 4.48 -1.31
CA GLU A 32 11.85 3.41 -0.57
C GLU A 32 10.89 2.72 0.40
N ILE A 33 9.98 3.50 0.96
CA ILE A 33 8.99 2.97 1.91
C ILE A 33 7.95 2.15 1.17
N THR A 34 7.38 2.77 0.17
CA THR A 34 6.34 2.15 -0.63
C THR A 34 6.92 1.19 -1.67
N GLY A 35 8.08 1.53 -2.21
CA GLY A 35 8.71 0.68 -3.22
C GLY A 35 7.87 0.68 -4.50
N ILE A 36 7.30 1.83 -4.79
CA ILE A 36 6.42 1.99 -5.95
C ILE A 36 7.22 2.39 -7.19
N GLN A 37 6.66 2.08 -8.36
CA GLN A 37 7.31 2.40 -9.63
C GLN A 37 6.40 3.27 -10.49
N ASP A 38 5.47 3.97 -9.84
CA ASP A 38 4.54 4.85 -10.56
C ASP A 38 4.71 6.27 -10.07
N PRO A 39 5.82 6.89 -10.40
CA PRO A 39 6.12 8.28 -9.98
C PRO A 39 4.88 9.15 -9.92
N SER A 40 3.86 8.71 -10.63
CA SER A 40 2.60 9.43 -10.68
C SER A 40 1.83 9.25 -9.36
N PHE A 41 1.65 8.00 -8.94
CA PHE A 41 0.94 7.73 -7.70
C PHE A 41 1.79 8.20 -6.52
N LEU A 42 3.12 8.24 -6.73
CA LEU A 42 4.02 8.70 -5.68
C LEU A 42 3.83 10.19 -5.47
N HIS A 43 4.06 10.95 -6.54
CA HIS A 43 3.89 12.39 -6.48
C HIS A 43 2.46 12.72 -6.06
N GLU A 44 1.55 11.81 -6.36
CA GLU A 44 0.15 12.00 -6.00
C GLU A 44 0.03 12.09 -4.49
N ALA A 45 0.51 11.06 -3.81
CA ALA A 45 0.45 11.03 -2.35
C ALA A 45 1.19 12.23 -1.77
N LEU A 46 2.31 12.57 -2.40
CA LEU A 46 3.11 13.69 -1.93
C LEU A 46 2.36 15.00 -2.14
N LYS A 47 1.45 14.99 -3.11
CA LYS A 47 0.65 16.18 -3.40
C LYS A 47 -0.51 16.28 -2.41
N ALA A 48 -1.00 15.13 -1.95
CA ALA A 48 -2.12 15.11 -1.01
C ALA A 48 -1.64 15.34 0.41
N SER A 49 -0.46 14.80 0.73
CA SER A 49 0.10 14.95 2.06
C SER A 49 0.61 16.36 2.28
N ASN A 50 0.77 17.11 1.19
CA ASN A 50 1.25 18.48 1.26
C ASN A 50 2.74 18.53 1.59
N GLY A 51 3.49 17.57 1.05
CA GLY A 51 4.93 17.52 1.29
C GLY A 51 5.27 16.50 2.38
N ASP A 52 4.30 16.21 3.23
CA ASP A 52 4.52 15.25 4.30
C ASP A 52 4.71 13.85 3.71
N ILE A 53 5.90 13.30 3.90
CA ILE A 53 6.22 11.98 3.35
C ILE A 53 5.44 10.87 4.08
N THR A 54 5.52 10.88 5.41
CA THR A 54 4.83 9.87 6.20
C THR A 54 3.37 9.75 5.79
N GLN A 55 2.61 10.82 5.94
CA GLN A 55 1.19 10.77 5.58
C GLN A 55 1.04 10.19 4.19
N ALA A 56 1.70 10.81 3.21
CA ALA A 56 1.63 10.32 1.85
C ALA A 56 1.69 8.81 1.84
N VAL A 57 2.73 8.30 2.46
CA VAL A 57 2.92 6.86 2.57
C VAL A 57 1.62 6.21 3.04
N SER A 58 1.17 6.65 4.19
CA SER A 58 -0.06 6.14 4.78
C SER A 58 -1.19 6.14 3.75
N LEU A 59 -1.36 7.27 3.09
CA LEU A 59 -2.41 7.39 2.10
C LEU A 59 -2.29 6.32 1.03
N LEU A 60 -1.06 5.99 0.70
CA LEU A 60 -0.82 4.99 -0.34
C LEU A 60 -0.95 3.56 0.17
N THR A 61 -0.10 3.21 1.12
CA THR A 61 -0.11 1.85 1.66
C THR A 61 -1.33 1.61 2.53
N ASP A 62 -2.15 2.63 2.69
CA ASP A 62 -3.35 2.52 3.50
C ASP A 62 -3.85 1.08 3.54
N GLU A 63 -3.98 0.49 2.35
CA GLU A 63 -4.44 -0.89 2.24
C GLU A 63 -4.51 -1.33 0.77
N ARG A 64 -3.43 -1.09 0.04
CA ARG A 64 -3.39 -1.46 -1.38
C ARG A 64 -2.09 -2.18 -1.69
N VAL A 65 -1.16 -1.46 -2.29
CA VAL A 65 0.13 -2.01 -2.64
C VAL A 65 0.88 -2.45 -1.40
N LYS A 66 1.22 -1.48 -0.57
CA LYS A 66 1.93 -1.75 0.67
C LYS A 66 2.83 -2.98 0.53
N GLU A 67 3.18 -3.57 1.67
CA GLU A 67 4.04 -4.74 1.68
C GLU A 67 4.48 -5.04 3.11
N PRO A 68 3.55 -5.26 4.00
CA PRO A 68 3.83 -5.54 5.43
C PRO A 68 4.13 -7.02 5.69
N SER A 69 3.89 -7.45 6.93
CA SER A 69 4.13 -8.84 7.29
C SER A 69 2.84 -9.46 7.83
N GLN A 70 2.16 -10.23 6.96
CA GLN A 70 0.92 -10.86 7.36
C GLN A 70 0.99 -12.38 7.16
N ASP A 71 1.89 -12.82 6.29
CA ASP A 71 2.03 -14.25 6.03
C ASP A 71 2.85 -14.92 7.12
N THR A 72 3.65 -14.13 7.80
CA THR A 72 4.49 -14.64 8.89
C THR A 72 5.32 -15.85 8.41
N VAL A 73 6.61 -15.82 8.68
CA VAL A 73 7.49 -16.92 8.27
C VAL A 73 8.78 -16.89 9.06
N ALA A 74 9.50 -18.01 9.00
CA ALA A 74 10.77 -18.14 9.70
C ALA A 74 11.72 -17.01 9.27
N THR A 75 12.62 -17.34 8.36
CA THR A 75 13.58 -16.36 7.86
C THR A 75 12.86 -15.10 7.39
N GLU A 76 13.63 -14.13 6.94
CA GLU A 76 13.05 -12.88 6.45
C GLU A 76 12.33 -12.15 7.59
N PRO A 77 13.06 -11.47 8.42
CA PRO A 77 12.49 -10.73 9.58
C PRO A 77 11.25 -9.92 9.17
N SER A 78 10.45 -9.55 10.16
CA SER A 78 9.25 -8.78 9.90
C SER A 78 9.60 -7.33 9.55
N GLU A 79 8.71 -6.68 8.83
CA GLU A 79 8.94 -5.29 8.43
C GLU A 79 8.89 -4.37 9.65
N VAL A 80 8.53 -4.93 10.79
CA VAL A 80 8.44 -4.16 12.02
C VAL A 80 9.10 -4.89 13.18
N GLU A 81 8.57 -4.69 14.36
CA GLU A 81 9.11 -5.33 15.56
C GLU A 81 8.03 -6.08 16.31
N GLY A 82 8.22 -6.26 17.61
CA GLY A 82 7.25 -6.97 18.43
C GLY A 82 7.50 -8.47 18.42
N SER A 83 8.68 -8.87 18.90
CA SER A 83 9.04 -10.28 18.94
C SER A 83 9.29 -10.74 20.37
N ALA A 84 9.82 -11.94 20.52
CA ALA A 84 10.11 -12.48 21.84
C ALA A 84 10.89 -11.47 22.67
N ALA A 85 11.43 -11.92 23.79
CA ALA A 85 12.19 -11.04 24.67
C ALA A 85 13.44 -11.74 25.18
N ASN A 86 14.06 -11.15 26.21
CA ASN A 86 15.26 -11.74 26.79
C ASN A 86 15.37 -11.33 28.25
N LYS A 87 14.48 -10.46 28.69
CA LYS A 87 14.49 -10.01 30.08
C LYS A 87 14.73 -11.17 31.02
N GLU A 88 15.08 -10.84 32.26
CA GLU A 88 15.34 -11.87 33.26
C GLU A 88 15.71 -11.24 34.60
N VAL A 89 14.70 -10.80 35.33
CA VAL A 89 14.94 -10.17 36.63
C VAL A 89 13.82 -10.48 37.59
N LEU A 90 14.18 -10.90 38.79
CA LEU A 90 13.18 -11.23 39.80
C LEU A 90 12.33 -10.01 40.10
N ALA A 91 12.92 -8.85 39.92
CA ALA A 91 12.22 -7.60 40.16
C ALA A 91 11.80 -7.50 41.61
N LYS A 92 10.63 -8.03 41.90
CA LYS A 92 10.12 -8.01 43.26
C LYS A 92 8.73 -8.64 43.36
N VAL A 93 8.09 -8.47 44.51
CA VAL A 93 6.77 -9.02 44.73
C VAL A 93 5.69 -7.98 44.44
N ILE A 94 5.17 -7.33 45.48
CA ILE A 94 4.15 -6.30 45.30
C ILE A 94 4.36 -5.16 46.29
N ASP A 95 3.50 -4.17 46.24
CA ASP A 95 3.61 -3.02 47.14
C ASP A 95 4.75 -2.12 46.71
N LEU A 96 4.43 -1.14 45.87
CA LEU A 96 5.43 -0.20 45.38
C LEU A 96 5.19 1.17 45.98
N THR A 97 3.97 1.61 45.90
CA THR A 97 3.58 2.91 46.42
C THR A 97 2.07 3.00 46.60
N HIS A 98 1.52 2.18 47.50
CA HIS A 98 0.09 2.18 47.74
C HIS A 98 -0.23 1.41 49.02
N ASP A 99 -1.41 1.68 49.59
CA ASP A 99 -1.83 1.02 50.81
C ASP A 99 -3.16 1.59 51.29
N ASN A 100 -4.25 1.10 50.71
CA ASN A 100 -5.58 1.58 51.09
C ASN A 100 -6.51 0.41 51.41
N LYS A 101 -6.22 -0.73 50.82
CA LYS A 101 -7.03 -1.94 51.04
C LYS A 101 -8.42 -1.60 51.58
N ASP A 102 -8.56 -1.66 52.89
CA ASP A 102 -9.86 -1.38 53.52
C ASP A 102 -10.41 -0.03 53.05
N ASP A 103 -9.53 0.96 52.94
CA ASP A 103 -9.93 2.31 52.53
C ASP A 103 -10.72 2.32 51.23
N LEU A 104 -10.13 1.82 50.14
CA LEU A 104 -10.82 1.84 48.85
C LEU A 104 -11.86 0.76 48.74
N GLN A 105 -11.62 -0.40 49.34
CA GLN A 105 -12.59 -1.47 49.23
C GLN A 105 -13.87 -1.07 49.88
N ALA A 106 -13.73 -0.31 50.95
CA ALA A 106 -14.87 0.17 51.69
C ALA A 106 -15.49 1.38 50.99
N ALA A 107 -14.68 2.41 50.77
CA ALA A 107 -15.17 3.60 50.09
C ALA A 107 -15.79 3.20 48.75
N ILE A 108 -15.06 2.38 48.02
CA ILE A 108 -15.50 1.90 46.73
C ILE A 108 -16.78 1.10 46.87
N ALA A 109 -16.81 0.20 47.84
CA ALA A 109 -18.00 -0.63 48.05
C ALA A 109 -19.21 0.23 48.36
N LEU A 110 -19.04 1.20 49.24
CA LEU A 110 -20.13 2.07 49.63
C LEU A 110 -20.67 2.83 48.41
N SER A 111 -19.75 3.31 47.58
CA SER A 111 -20.14 4.06 46.38
C SER A 111 -20.46 3.13 45.22
N LEU A 112 -19.98 1.91 45.33
CA LEU A 112 -20.20 0.91 44.29
C LEU A 112 -21.52 0.20 44.54
N LEU A 113 -22.02 0.34 45.77
CA LEU A 113 -23.30 -0.28 46.14
C LEU A 113 -24.42 0.35 45.33
N GLU A 114 -24.21 1.61 44.97
CA GLU A 114 -25.18 2.35 44.19
C GLU A 114 -24.61 2.70 42.82
N SER A 115 -24.18 3.95 42.67
CA SER A 115 -23.60 4.39 41.41
C SER A 115 -22.72 3.31 40.80
N PRO A 116 -22.38 3.45 39.55
CA PRO A 116 -21.52 2.47 38.84
C PRO A 116 -20.05 2.58 39.23
N LYS A 117 -19.18 1.92 38.48
CA LYS A 117 -17.75 1.94 38.76
C LYS A 117 -17.01 2.68 37.66
N ILE A 118 -15.77 2.29 37.43
CA ILE A 118 -14.96 2.92 36.39
C ILE A 118 -14.91 2.04 35.15
N GLN A 119 -14.38 2.58 34.05
CA GLN A 119 -14.28 1.84 32.80
C GLN A 119 -12.84 1.42 32.54
N ALA A 120 -12.35 0.47 33.34
CA ALA A 120 -10.98 -0.02 33.19
C ALA A 120 -10.90 -0.98 32.01
N ASP A 121 -10.12 -2.04 32.18
CA ASP A 121 -9.96 -3.03 31.12
C ASP A 121 -10.44 -4.40 31.59
N GLY A 122 -9.49 -5.30 31.86
CA GLY A 122 -9.85 -6.64 32.33
C GLY A 122 -9.50 -7.67 31.26
N MET A 3 -11.54 30.01 -5.72
CA MET A 3 -10.78 28.84 -5.20
C MET A 3 -9.30 29.19 -5.11
N THR A 4 -8.99 30.48 -5.24
CA THR A 4 -7.60 30.93 -5.17
C THR A 4 -7.28 31.44 -3.77
N ALA A 5 -6.59 30.64 -2.98
CA ALA A 5 -6.21 31.02 -1.64
C ALA A 5 -4.70 31.14 -1.51
N GLU A 6 -4.22 31.38 -0.30
CA GLU A 6 -2.79 31.50 -0.06
C GLU A 6 -2.26 32.79 -0.69
N LEU A 7 -1.96 32.74 -1.97
CA LEU A 7 -1.46 33.92 -2.67
C LEU A 7 -2.61 34.86 -3.04
N GLN A 8 -2.29 35.92 -3.77
CA GLN A 8 -3.31 36.88 -4.18
C GLN A 8 -3.11 37.31 -5.62
N GLN A 9 -4.05 38.11 -6.13
CA GLN A 9 -3.96 38.59 -7.49
C GLN A 9 -3.42 40.02 -7.53
N ASP A 10 -4.32 40.98 -7.42
CA ASP A 10 -3.95 42.38 -7.43
C ASP A 10 -2.71 42.62 -6.57
N ASP A 11 -2.47 41.70 -5.65
CA ASP A 11 -1.33 41.82 -4.75
C ASP A 11 -0.11 41.12 -5.35
N ALA A 12 -0.37 40.10 -6.15
CA ALA A 12 0.70 39.35 -6.79
C ALA A 12 0.70 39.59 -8.29
N ALA A 13 1.87 39.90 -8.83
CA ALA A 13 2.00 40.17 -10.25
C ALA A 13 2.92 39.14 -10.91
N GLY A 14 3.06 39.25 -12.22
CA GLY A 14 3.92 38.32 -12.96
C GLY A 14 3.63 36.88 -12.56
N ALA A 15 4.61 36.25 -11.92
CA ALA A 15 4.46 34.86 -11.49
C ALA A 15 4.87 34.72 -10.03
N ALA A 16 4.61 33.54 -9.45
CA ALA A 16 4.98 33.29 -8.06
C ALA A 16 6.44 32.89 -7.96
N ASP A 17 7.00 33.03 -6.76
CA ASP A 17 8.39 32.68 -6.52
C ASP A 17 8.53 31.18 -6.30
N GLY A 18 9.69 30.76 -5.82
CA GLY A 18 9.94 29.35 -5.56
C GLY A 18 9.95 29.06 -4.07
N HIS A 19 8.83 28.56 -3.55
CA HIS A 19 8.73 28.24 -2.14
C HIS A 19 9.95 27.47 -1.66
N GLY A 20 10.50 26.64 -2.55
CA GLY A 20 11.68 25.84 -2.21
C GLY A 20 12.09 24.97 -3.38
N SER A 21 12.93 23.97 -3.09
CA SER A 21 13.40 23.06 -4.13
C SER A 21 12.96 21.63 -3.83
N SER A 22 13.85 20.68 -4.07
CA SER A 22 13.53 19.28 -3.82
C SER A 22 14.81 18.47 -3.59
N CYS A 23 14.78 17.58 -2.61
CA CYS A 23 15.94 16.74 -2.31
C CYS A 23 15.74 15.33 -2.86
N GLN A 24 16.81 14.55 -2.89
CA GLN A 24 16.74 13.18 -3.39
C GLN A 24 16.14 12.26 -2.33
N MET A 25 16.17 12.72 -1.09
CA MET A 25 15.65 11.94 0.02
C MET A 25 14.13 11.87 -0.04
N LEU A 26 13.55 12.79 -0.78
CA LEU A 26 12.10 12.83 -0.93
C LEU A 26 11.61 11.64 -1.73
N LEU A 27 12.00 11.60 -2.98
CA LEU A 27 11.61 10.51 -3.86
C LEU A 27 12.22 9.20 -3.38
N ASN A 28 13.43 9.27 -2.84
CA ASN A 28 14.09 8.07 -2.34
C ASN A 28 13.31 7.50 -1.18
N GLN A 29 12.83 8.39 -0.32
CA GLN A 29 12.06 7.98 0.85
C GLN A 29 10.74 7.33 0.46
N LEU A 30 9.85 8.09 -0.18
CA LEU A 30 8.56 7.53 -0.57
C LEU A 30 8.75 6.22 -1.32
N ARG A 31 9.64 6.24 -2.32
CA ARG A 31 9.89 5.04 -3.11
C ARG A 31 10.57 3.95 -2.27
N GLU A 32 11.23 4.36 -1.18
CA GLU A 32 11.91 3.40 -0.33
C GLU A 32 10.95 2.81 0.71
N ILE A 33 9.86 3.52 0.97
CA ILE A 33 8.88 3.06 1.95
C ILE A 33 7.77 2.30 1.28
N THR A 34 7.39 2.77 0.12
CA THR A 34 6.32 2.17 -0.65
C THR A 34 6.87 1.19 -1.67
N GLY A 35 8.03 1.52 -2.23
CA GLY A 35 8.64 0.64 -3.24
C GLY A 35 7.86 0.73 -4.54
N ILE A 36 7.38 1.92 -4.83
CA ILE A 36 6.59 2.16 -6.03
C ILE A 36 7.47 2.63 -7.18
N GLN A 37 7.03 2.33 -8.40
CA GLN A 37 7.77 2.74 -9.59
C GLN A 37 6.89 3.62 -10.48
N ASP A 38 5.91 4.26 -9.87
CA ASP A 38 4.99 5.12 -10.60
C ASP A 38 5.05 6.54 -10.07
N PRO A 39 6.10 7.26 -10.36
CA PRO A 39 6.28 8.65 -9.91
C PRO A 39 4.97 9.42 -9.93
N SER A 40 4.03 8.89 -10.70
CA SER A 40 2.72 9.51 -10.84
C SER A 40 1.89 9.36 -9.57
N PHE A 41 1.75 8.13 -9.07
CA PHE A 41 0.97 7.93 -7.84
C PHE A 41 1.80 8.40 -6.65
N LEU A 42 3.13 8.38 -6.81
CA LEU A 42 4.03 8.85 -5.76
C LEU A 42 3.77 10.32 -5.53
N HIS A 43 3.70 11.06 -6.64
CA HIS A 43 3.44 12.48 -6.60
C HIS A 43 2.02 12.74 -6.11
N GLU A 44 1.11 11.86 -6.52
CA GLU A 44 -0.28 11.99 -6.11
C GLU A 44 -0.35 12.13 -4.60
N ALA A 45 0.33 11.22 -3.91
CA ALA A 45 0.35 11.25 -2.45
C ALA A 45 1.12 12.45 -1.95
N LEU A 46 2.37 12.57 -2.37
CA LEU A 46 3.21 13.68 -1.95
C LEU A 46 2.43 14.98 -2.06
N LYS A 47 1.43 14.99 -2.95
CA LYS A 47 0.60 16.16 -3.16
C LYS A 47 -0.53 16.24 -2.13
N ALA A 48 -1.25 15.13 -1.96
CA ALA A 48 -2.36 15.09 -1.03
C ALA A 48 -1.88 15.29 0.41
N SER A 49 -0.76 14.64 0.74
CA SER A 49 -0.21 14.75 2.08
C SER A 49 0.32 16.15 2.34
N ASN A 50 0.11 17.05 1.37
CA ASN A 50 0.57 18.43 1.50
C ASN A 50 2.08 18.47 1.76
N GLY A 51 2.80 17.52 1.18
CA GLY A 51 4.24 17.47 1.35
C GLY A 51 4.63 16.48 2.44
N ASP A 52 3.70 16.21 3.35
CA ASP A 52 3.97 15.28 4.45
C ASP A 52 4.24 13.89 3.88
N ILE A 53 5.51 13.47 3.91
CA ILE A 53 5.88 12.17 3.39
C ILE A 53 5.22 11.05 4.20
N THR A 54 5.48 11.02 5.49
CA THR A 54 4.91 10.00 6.36
C THR A 54 3.42 9.81 6.03
N GLN A 55 2.72 10.92 5.90
CA GLN A 55 1.30 10.84 5.58
C GLN A 55 1.14 10.24 4.19
N ALA A 56 1.82 10.82 3.22
CA ALA A 56 1.77 10.31 1.87
C ALA A 56 1.84 8.81 1.90
N VAL A 57 2.87 8.33 2.56
CA VAL A 57 3.07 6.91 2.75
C VAL A 57 1.76 6.28 3.18
N SER A 58 1.26 6.76 4.31
CA SER A 58 0.01 6.28 4.87
C SER A 58 -1.09 6.24 3.80
N LEU A 59 -1.21 7.33 3.05
CA LEU A 59 -2.22 7.41 2.01
C LEU A 59 -2.01 6.34 0.94
N LEU A 60 -0.75 6.04 0.68
CA LEU A 60 -0.41 5.07 -0.35
C LEU A 60 -0.36 3.62 0.15
N THR A 61 -0.35 3.43 1.46
CA THR A 61 -0.28 2.06 1.98
C THR A 61 -1.30 1.81 3.09
N ASP A 62 -2.25 2.71 3.26
CA ASP A 62 -3.27 2.54 4.28
C ASP A 62 -4.12 1.31 3.97
N GLU A 63 -3.62 0.48 3.06
CA GLU A 63 -4.33 -0.74 2.66
C GLU A 63 -5.20 -0.46 1.44
N ARG A 64 -4.55 -0.12 0.34
CA ARG A 64 -5.26 0.20 -0.88
C ARG A 64 -4.48 -0.22 -2.12
N VAL A 65 -3.30 0.35 -2.27
CA VAL A 65 -2.45 0.07 -3.42
C VAL A 65 -2.76 -1.30 -4.00
N LYS A 66 -2.38 -2.32 -3.27
CA LYS A 66 -2.60 -3.69 -3.70
C LYS A 66 -2.36 -3.83 -5.20
N GLU A 67 -2.68 -4.99 -5.76
CA GLU A 67 -2.49 -5.22 -7.18
C GLU A 67 -2.72 -3.92 -7.96
N PRO A 68 -1.68 -3.19 -8.26
CA PRO A 68 -1.78 -1.90 -9.01
C PRO A 68 -2.30 -2.10 -10.43
N SER A 69 -1.90 -1.19 -11.32
CA SER A 69 -2.32 -1.26 -12.72
C SER A 69 -3.84 -1.27 -12.83
N GLN A 70 -4.48 -0.18 -12.41
CA GLN A 70 -5.93 -0.08 -12.48
C GLN A 70 -6.35 1.22 -13.15
N ASP A 71 -5.53 2.25 -13.00
CA ASP A 71 -5.84 3.54 -13.60
C ASP A 71 -5.17 3.68 -14.96
N THR A 72 -4.15 2.88 -15.18
CA THR A 72 -3.41 2.91 -16.43
C THR A 72 -3.93 1.82 -17.37
N VAL A 73 -3.82 2.08 -18.68
CA VAL A 73 -4.28 1.11 -19.68
C VAL A 73 -4.10 -0.31 -19.15
N ALA A 74 -4.89 -1.24 -19.69
CA ALA A 74 -4.82 -2.63 -19.29
C ALA A 74 -3.39 -3.07 -19.01
N THR A 75 -2.84 -3.87 -19.90
CA THR A 75 -1.47 -4.36 -19.73
C THR A 75 -1.44 -5.51 -18.73
N GLU A 76 -0.25 -5.94 -18.37
CA GLU A 76 -0.11 -7.04 -17.40
C GLU A 76 0.59 -6.57 -16.14
N PRO A 77 1.74 -5.96 -16.26
CA PRO A 77 2.51 -5.46 -15.09
C PRO A 77 2.11 -4.04 -14.70
N SER A 78 2.95 -3.08 -15.02
CA SER A 78 2.68 -1.68 -14.71
C SER A 78 3.15 -0.78 -15.84
N GLU A 79 2.93 0.52 -15.68
CA GLU A 79 3.34 1.48 -16.70
C GLU A 79 4.70 1.13 -17.24
N VAL A 80 5.71 1.56 -16.51
CA VAL A 80 7.09 1.32 -16.88
C VAL A 80 7.52 -0.07 -16.45
N GLU A 81 8.81 -0.23 -16.16
CA GLU A 81 9.33 -1.51 -15.73
C GLU A 81 9.18 -1.67 -14.22
N GLY A 82 9.12 -2.92 -13.76
CA GLY A 82 8.98 -3.19 -12.34
C GLY A 82 7.82 -4.15 -12.07
N SER A 83 8.02 -5.05 -11.13
CA SER A 83 6.99 -6.03 -10.77
C SER A 83 7.03 -6.33 -9.29
N ALA A 84 6.19 -7.25 -8.85
CA ALA A 84 6.14 -7.62 -7.44
C ALA A 84 7.53 -8.00 -6.94
N ALA A 85 7.59 -8.91 -5.98
CA ALA A 85 8.86 -9.35 -5.43
C ALA A 85 9.86 -9.65 -6.55
N ASN A 86 11.14 -9.61 -6.23
CA ASN A 86 12.17 -9.87 -7.22
C ASN A 86 12.45 -11.37 -7.30
N LYS A 87 11.48 -12.17 -6.89
CA LYS A 87 11.61 -13.62 -6.92
C LYS A 87 10.41 -14.26 -7.61
N GLU A 88 10.54 -15.54 -7.95
CA GLU A 88 9.45 -16.27 -8.61
C GLU A 88 9.89 -17.69 -8.96
N VAL A 89 10.77 -18.27 -8.14
CA VAL A 89 11.23 -19.63 -8.42
C VAL A 89 11.61 -20.36 -7.14
N LEU A 90 11.54 -21.69 -7.21
CA LEU A 90 11.88 -22.53 -6.07
C LEU A 90 13.21 -23.22 -6.33
N ALA A 91 13.50 -23.39 -7.60
CA ALA A 91 14.74 -24.03 -8.03
C ALA A 91 14.94 -25.35 -7.31
N LYS A 92 14.98 -26.43 -8.08
CA LYS A 92 15.17 -27.76 -7.50
C LYS A 92 15.87 -28.69 -8.48
N VAL A 93 16.53 -29.71 -7.93
CA VAL A 93 17.23 -30.68 -8.76
C VAL A 93 17.49 -31.96 -7.97
N ILE A 94 16.50 -32.83 -7.93
CA ILE A 94 16.62 -34.09 -7.20
C ILE A 94 17.25 -35.16 -8.09
N ASP A 95 18.17 -35.94 -7.53
CA ASP A 95 18.83 -37.00 -8.28
C ASP A 95 19.78 -37.77 -7.39
N LEU A 96 19.44 -39.02 -7.11
CA LEU A 96 20.27 -39.85 -6.26
C LEU A 96 20.51 -41.21 -6.89
N THR A 97 19.44 -41.80 -7.34
CA THR A 97 19.48 -43.11 -7.98
C THR A 97 20.22 -43.04 -9.30
N HIS A 98 21.03 -44.05 -9.58
CA HIS A 98 21.80 -44.10 -10.81
C HIS A 98 22.74 -45.30 -10.81
N ASP A 99 23.55 -45.40 -11.86
CA ASP A 99 24.50 -46.50 -11.97
C ASP A 99 23.86 -47.83 -11.58
N ASN A 100 23.25 -48.50 -12.56
CA ASN A 100 22.61 -49.78 -12.31
C ASN A 100 23.54 -50.92 -12.69
N LYS A 101 23.42 -52.05 -11.98
CA LYS A 101 24.27 -53.20 -12.27
C LYS A 101 23.50 -54.50 -12.15
N ASP A 102 23.90 -55.48 -12.94
CA ASP A 102 23.24 -56.79 -12.92
C ASP A 102 23.33 -57.43 -11.53
N ASP A 103 24.19 -56.90 -10.68
CA ASP A 103 24.34 -57.45 -9.34
C ASP A 103 23.03 -57.37 -8.56
N LEU A 104 22.55 -56.15 -8.32
CA LEU A 104 21.29 -56.01 -7.60
C LEU A 104 20.11 -56.12 -8.55
N GLN A 105 20.33 -55.90 -9.85
CA GLN A 105 19.22 -56.01 -10.80
C GLN A 105 18.81 -57.46 -10.89
N ALA A 106 19.81 -58.32 -10.79
CA ALA A 106 19.59 -59.74 -10.86
C ALA A 106 19.12 -60.27 -9.52
N ALA A 107 19.84 -59.92 -8.45
CA ALA A 107 19.44 -60.37 -7.12
C ALA A 107 18.04 -59.84 -6.80
N ILE A 108 17.82 -58.59 -7.16
CA ILE A 108 16.53 -57.95 -6.93
C ILE A 108 15.45 -58.62 -7.76
N ALA A 109 15.72 -58.77 -9.05
CA ALA A 109 14.75 -59.37 -9.95
C ALA A 109 14.44 -60.80 -9.52
N LEU A 110 15.47 -61.57 -9.25
CA LEU A 110 15.30 -62.97 -8.84
C LEU A 110 14.46 -63.05 -7.57
N SER A 111 14.73 -62.17 -6.61
CA SER A 111 14.00 -62.16 -5.35
C SER A 111 12.69 -61.38 -5.49
N LEU A 112 12.62 -60.56 -6.51
CA LEU A 112 11.42 -59.75 -6.74
C LEU A 112 10.42 -60.55 -7.57
N LEU A 113 10.92 -61.62 -8.18
CA LEU A 113 10.08 -62.49 -9.00
C LEU A 113 9.21 -63.38 -8.13
N GLU A 114 9.62 -63.52 -6.87
CA GLU A 114 8.87 -64.35 -5.92
C GLU A 114 8.37 -63.52 -4.76
N SER A 115 8.99 -62.36 -4.57
CA SER A 115 8.61 -61.46 -3.49
C SER A 115 8.85 -62.11 -2.13
N PRO A 116 8.90 -61.32 -1.10
CA PRO A 116 9.12 -61.82 0.29
C PRO A 116 8.34 -63.09 0.60
N LYS A 117 8.67 -63.73 1.71
CA LYS A 117 8.00 -64.95 2.12
C LYS A 117 7.71 -64.92 3.61
N ILE A 118 8.75 -65.09 4.40
CA ILE A 118 8.63 -65.08 5.85
C ILE A 118 9.41 -63.91 6.45
N GLN A 119 10.42 -64.23 7.25
CA GLN A 119 11.23 -63.20 7.89
C GLN A 119 12.63 -63.20 7.28
N ALA A 120 12.73 -63.55 6.01
CA ALA A 120 14.01 -63.57 5.32
C ALA A 120 14.48 -62.16 5.00
N ASP A 121 14.21 -61.73 3.77
CA ASP A 121 14.60 -60.40 3.34
C ASP A 121 13.81 -59.34 4.10
N GLY A 122 12.55 -59.64 4.40
CA GLY A 122 11.70 -58.70 5.12
C GLY A 122 11.34 -59.25 6.49
N MET A 3 24.47 39.20 -15.40
CA MET A 3 23.85 38.75 -16.69
C MET A 3 24.27 39.68 -17.81
N THR A 4 25.16 39.20 -18.67
CA THR A 4 25.64 40.00 -19.79
C THR A 4 25.99 39.11 -20.98
N ALA A 5 26.81 39.63 -21.88
CA ALA A 5 27.22 38.87 -23.06
C ALA A 5 28.72 38.60 -23.03
N GLU A 6 29.48 39.67 -22.97
CA GLU A 6 30.94 39.57 -22.94
C GLU A 6 31.36 38.31 -22.18
N LEU A 7 30.58 37.97 -21.18
CA LEU A 7 30.86 36.79 -20.37
C LEU A 7 29.80 35.72 -20.60
N GLN A 8 29.92 34.60 -19.90
CA GLN A 8 28.97 33.51 -20.04
C GLN A 8 27.72 33.76 -19.21
N GLN A 9 26.59 33.25 -19.68
CA GLN A 9 25.32 33.42 -18.98
C GLN A 9 24.82 32.08 -18.44
N ASP A 10 25.54 31.02 -18.79
CA ASP A 10 25.17 29.68 -18.35
C ASP A 10 26.03 29.26 -17.16
N ASP A 11 27.18 29.91 -17.03
CA ASP A 11 28.10 29.61 -15.94
C ASP A 11 27.33 29.29 -14.67
N ALA A 12 26.61 30.28 -14.19
CA ALA A 12 25.82 30.12 -12.97
C ALA A 12 24.85 28.96 -13.12
N ALA A 13 23.90 28.85 -12.19
CA ALA A 13 22.92 27.77 -12.24
C ALA A 13 21.69 28.13 -11.41
N GLY A 14 20.90 27.12 -11.07
CA GLY A 14 19.69 27.34 -10.28
C GLY A 14 18.46 27.40 -11.18
N ALA A 15 18.21 28.57 -11.77
CA ALA A 15 17.07 28.74 -12.65
C ALA A 15 17.03 27.65 -13.70
N ALA A 16 18.21 27.21 -14.11
CA ALA A 16 18.33 26.17 -15.11
C ALA A 16 17.34 26.39 -16.24
N ASP A 17 16.87 25.30 -16.84
CA ASP A 17 15.92 25.40 -17.94
C ASP A 17 14.62 24.67 -17.58
N GLY A 18 14.59 23.37 -17.86
CA GLY A 18 13.40 22.57 -17.57
C GLY A 18 13.51 21.90 -16.20
N HIS A 19 14.63 22.12 -15.52
CA HIS A 19 14.84 21.53 -14.20
C HIS A 19 14.24 22.43 -13.11
N GLY A 20 13.23 21.91 -12.43
CA GLY A 20 12.57 22.67 -11.37
C GLY A 20 13.39 22.61 -10.09
N SER A 21 12.69 22.63 -8.95
CA SER A 21 13.36 22.58 -7.65
C SER A 21 12.61 21.67 -6.69
N SER A 22 13.31 20.66 -6.19
CA SER A 22 12.70 19.72 -5.26
C SER A 22 13.73 18.68 -4.80
N CYS A 23 13.60 18.22 -3.56
CA CYS A 23 14.52 17.24 -3.02
C CYS A 23 14.18 15.84 -3.52
N GLN A 24 15.19 15.10 -3.95
CA GLN A 24 14.98 13.75 -4.44
C GLN A 24 14.79 12.78 -3.28
N MET A 25 15.14 13.22 -2.08
CA MET A 25 15.01 12.37 -0.90
C MET A 25 13.55 12.11 -0.59
N LEU A 26 12.69 13.01 -1.07
CA LEU A 26 11.26 12.88 -0.82
C LEU A 26 10.69 11.68 -1.56
N LEU A 27 10.75 11.73 -2.86
CA LEU A 27 10.26 10.63 -3.69
C LEU A 27 11.07 9.37 -3.44
N ASN A 28 12.37 9.56 -3.19
CA ASN A 28 13.25 8.42 -2.93
C ASN A 28 12.80 7.69 -1.67
N GLN A 29 12.66 8.44 -0.59
CA GLN A 29 12.22 7.86 0.67
C GLN A 29 10.89 7.15 0.47
N LEU A 30 9.87 7.90 0.05
CA LEU A 30 8.57 7.31 -0.19
C LEU A 30 8.75 6.01 -0.97
N ARG A 31 9.51 6.09 -2.05
CA ARG A 31 9.77 4.92 -2.89
C ARG A 31 10.54 3.86 -2.09
N GLU A 32 11.18 4.30 -1.02
CA GLU A 32 11.95 3.39 -0.18
C GLU A 32 11.04 2.73 0.84
N ILE A 33 9.90 3.37 1.10
CA ILE A 33 8.94 2.85 2.05
C ILE A 33 7.90 1.99 1.35
N THR A 34 7.32 2.58 0.33
CA THR A 34 6.28 1.92 -0.45
C THR A 34 6.88 1.00 -1.50
N GLY A 35 8.00 1.41 -2.08
CA GLY A 35 8.64 0.58 -3.11
C GLY A 35 7.93 0.76 -4.44
N ILE A 36 7.46 1.98 -4.69
CA ILE A 36 6.73 2.27 -5.92
C ILE A 36 7.64 2.91 -6.96
N GLN A 37 7.46 2.52 -8.21
CA GLN A 37 8.26 3.06 -9.30
C GLN A 37 7.39 3.92 -10.22
N ASP A 38 6.29 4.40 -9.68
CA ASP A 38 5.37 5.24 -10.45
C ASP A 38 5.42 6.67 -9.93
N PRO A 39 6.47 7.39 -10.23
CA PRO A 39 6.65 8.79 -9.78
C PRO A 39 5.34 9.56 -9.74
N SER A 40 4.41 9.12 -10.56
CA SER A 40 3.09 9.75 -10.65
C SER A 40 2.29 9.52 -9.37
N PHE A 41 2.14 8.27 -8.96
CA PHE A 41 1.39 7.96 -7.76
C PHE A 41 2.20 8.38 -6.53
N LEU A 42 3.51 8.42 -6.69
CA LEU A 42 4.38 8.81 -5.59
C LEU A 42 4.21 10.30 -5.30
N HIS A 43 4.30 11.11 -6.35
CA HIS A 43 4.14 12.54 -6.20
C HIS A 43 2.68 12.86 -5.90
N GLU A 44 1.78 11.97 -6.32
CA GLU A 44 0.36 12.20 -6.05
C GLU A 44 0.11 12.06 -4.56
N ALA A 45 0.79 11.10 -3.95
CA ALA A 45 0.65 10.88 -2.52
C ALA A 45 1.25 12.02 -1.74
N LEU A 46 2.53 12.31 -2.00
CA LEU A 46 3.21 13.38 -1.30
C LEU A 46 2.42 14.68 -1.44
N LYS A 47 1.81 14.89 -2.61
CA LYS A 47 1.01 16.10 -2.83
C LYS A 47 -0.20 16.08 -1.91
N ALA A 48 -0.96 14.99 -1.97
CA ALA A 48 -2.15 14.86 -1.13
C ALA A 48 -1.74 15.00 0.34
N SER A 49 -0.48 14.70 0.63
CA SER A 49 0.03 14.80 1.99
C SER A 49 0.63 16.18 2.22
N ASN A 50 0.72 16.97 1.15
CA ASN A 50 1.27 18.31 1.24
C ASN A 50 2.76 18.26 1.59
N GLY A 51 3.47 17.30 1.03
CA GLY A 51 4.90 17.17 1.30
C GLY A 51 5.17 16.21 2.45
N ASP A 52 4.18 16.04 3.33
CA ASP A 52 4.33 15.14 4.47
C ASP A 52 4.51 13.71 3.96
N ILE A 53 5.75 13.29 3.81
CA ILE A 53 6.04 11.95 3.32
C ILE A 53 5.27 10.90 4.11
N THR A 54 5.47 10.87 5.42
CA THR A 54 4.78 9.89 6.25
C THR A 54 3.33 9.79 5.83
N GLN A 55 2.64 10.91 5.78
CA GLN A 55 1.25 10.88 5.37
C GLN A 55 1.14 10.24 3.99
N ALA A 56 1.90 10.76 3.02
CA ALA A 56 1.87 10.20 1.69
C ALA A 56 1.82 8.69 1.81
N VAL A 57 2.82 8.16 2.49
CA VAL A 57 2.87 6.74 2.73
C VAL A 57 1.52 6.27 3.19
N SER A 58 1.09 6.80 4.31
CA SER A 58 -0.21 6.46 4.86
C SER A 58 -1.27 6.37 3.76
N LEU A 59 -1.33 7.41 2.93
CA LEU A 59 -2.31 7.44 1.85
C LEU A 59 -2.12 6.27 0.89
N LEU A 60 -0.87 5.91 0.66
CA LEU A 60 -0.58 4.82 -0.27
C LEU A 60 -0.50 3.46 0.43
N THR A 61 -0.50 3.49 1.76
CA THR A 61 -0.42 2.27 2.53
C THR A 61 -1.75 1.95 3.20
N ASP A 62 -2.69 2.89 3.07
CA ASP A 62 -4.02 2.71 3.66
C ASP A 62 -4.77 1.56 2.99
N GLU A 63 -4.04 0.49 2.66
CA GLU A 63 -4.64 -0.68 2.02
C GLU A 63 -5.09 -0.36 0.59
N ARG A 64 -4.11 -0.29 -0.32
CA ARG A 64 -4.40 -0.01 -1.71
C ARG A 64 -3.70 -1.00 -2.62
N VAL A 65 -2.55 -0.59 -3.14
CA VAL A 65 -1.77 -1.44 -4.04
C VAL A 65 -1.19 -2.63 -3.31
N LYS A 66 -0.75 -2.40 -2.08
CA LYS A 66 -0.16 -3.45 -1.28
C LYS A 66 1.23 -3.80 -1.81
N GLU A 67 1.89 -4.77 -1.18
CA GLU A 67 3.22 -5.18 -1.60
C GLU A 67 3.25 -6.66 -1.98
N PRO A 68 3.00 -6.96 -3.23
CA PRO A 68 3.00 -8.35 -3.74
C PRO A 68 4.40 -8.83 -4.12
N SER A 69 4.46 -9.80 -5.02
CA SER A 69 5.75 -10.34 -5.46
C SER A 69 6.78 -10.27 -4.33
N GLN A 70 8.05 -10.27 -4.72
CA GLN A 70 9.13 -10.19 -3.74
C GLN A 70 10.25 -9.29 -4.25
N ASP A 71 11.49 -9.61 -3.85
CA ASP A 71 12.64 -8.81 -4.26
C ASP A 71 13.53 -9.60 -5.20
N THR A 72 13.36 -10.92 -5.15
CA THR A 72 14.14 -11.85 -5.98
C THR A 72 14.85 -11.12 -7.13
N VAL A 73 14.38 -11.35 -8.34
CA VAL A 73 14.96 -10.73 -9.51
C VAL A 73 13.88 -10.33 -10.51
N ALA A 74 14.31 -9.96 -11.71
CA ALA A 74 13.37 -9.56 -12.76
C ALA A 74 13.29 -10.66 -13.80
N THR A 75 14.40 -11.35 -13.97
CA THR A 75 14.47 -12.45 -14.94
C THR A 75 13.08 -13.03 -15.20
N GLU A 76 12.61 -13.85 -14.28
CA GLU A 76 11.29 -14.46 -14.43
C GLU A 76 10.45 -14.21 -13.18
N PRO A 77 9.16 -14.03 -13.34
CA PRO A 77 8.23 -13.79 -12.20
C PRO A 77 8.06 -15.02 -11.32
N SER A 78 7.79 -14.79 -10.04
CA SER A 78 7.60 -15.88 -9.10
C SER A 78 6.57 -15.52 -8.04
N GLU A 79 5.56 -14.75 -8.44
CA GLU A 79 4.52 -14.33 -7.52
C GLU A 79 4.27 -15.41 -6.47
N VAL A 80 4.46 -16.65 -6.87
CA VAL A 80 4.25 -17.78 -5.96
C VAL A 80 5.15 -18.95 -6.34
N GLU A 81 4.62 -19.83 -7.17
CA GLU A 81 5.35 -21.03 -7.61
C GLU A 81 6.86 -20.84 -7.45
N GLY A 82 7.54 -21.92 -7.10
CA GLY A 82 8.98 -21.88 -6.91
C GLY A 82 9.54 -23.30 -6.76
N SER A 83 10.83 -23.45 -7.03
CA SER A 83 11.47 -24.76 -6.93
C SER A 83 12.54 -24.77 -5.84
N ALA A 84 13.15 -25.92 -5.63
CA ALA A 84 14.18 -26.07 -4.61
C ALA A 84 15.45 -25.32 -5.01
N ALA A 85 16.50 -26.06 -5.30
CA ALA A 85 17.77 -25.47 -5.69
C ALA A 85 18.52 -26.36 -6.68
N ASN A 86 19.80 -26.09 -6.87
CA ASN A 86 20.62 -26.88 -7.78
C ASN A 86 20.62 -28.34 -7.37
N LYS A 87 19.84 -28.67 -6.34
CA LYS A 87 19.77 -30.03 -5.84
C LYS A 87 18.99 -30.93 -6.82
N GLU A 88 19.03 -32.22 -6.56
CA GLU A 88 18.33 -33.19 -7.39
C GLU A 88 17.29 -33.94 -6.58
N VAL A 89 17.19 -33.59 -5.31
CA VAL A 89 16.23 -34.23 -4.42
C VAL A 89 15.30 -33.20 -3.79
N LEU A 90 14.46 -33.67 -2.88
CA LEU A 90 13.51 -32.78 -2.20
C LEU A 90 13.91 -32.62 -0.74
N ALA A 91 14.51 -33.67 -0.22
CA ALA A 91 14.96 -33.68 1.16
C ALA A 91 13.79 -33.96 2.10
N LYS A 92 14.10 -34.21 3.37
CA LYS A 92 13.06 -34.50 4.35
C LYS A 92 12.73 -33.27 5.17
N VAL A 93 11.46 -32.87 5.13
CA VAL A 93 11.00 -31.70 5.87
C VAL A 93 9.50 -31.52 5.72
N ILE A 94 8.79 -32.62 5.47
CA ILE A 94 7.34 -32.55 5.30
C ILE A 94 6.75 -31.47 6.21
N ASP A 95 5.79 -30.73 5.69
CA ASP A 95 5.16 -29.67 6.46
C ASP A 95 4.18 -28.88 5.59
N LEU A 96 2.93 -29.31 5.57
CA LEU A 96 1.91 -28.65 4.78
C LEU A 96 1.12 -27.68 5.64
N THR A 97 0.04 -28.18 6.21
CA THR A 97 -0.82 -27.36 7.06
C THR A 97 -1.48 -28.20 8.13
N HIS A 98 -2.76 -27.95 8.37
CA HIS A 98 -3.50 -28.69 9.39
C HIS A 98 -3.28 -30.19 9.20
N ASP A 99 -4.07 -30.99 9.91
CA ASP A 99 -3.96 -32.45 9.82
C ASP A 99 -5.32 -33.10 9.98
N ASN A 100 -6.18 -32.92 8.98
CA ASN A 100 -7.52 -33.50 9.03
C ASN A 100 -7.95 -34.00 7.65
N LYS A 101 -8.70 -35.10 7.63
CA LYS A 101 -9.19 -35.67 6.38
C LYS A 101 -8.13 -36.51 5.68
N ASP A 102 -8.12 -36.44 4.35
CA ASP A 102 -7.17 -37.21 3.55
C ASP A 102 -5.77 -36.65 3.70
N ASP A 103 -5.66 -35.39 4.10
CA ASP A 103 -4.36 -34.77 4.26
C ASP A 103 -3.47 -35.57 5.20
N LEU A 104 -3.92 -35.74 6.45
CA LEU A 104 -3.14 -36.50 7.41
C LEU A 104 -3.39 -38.00 7.29
N GLN A 105 -4.53 -38.42 6.77
CA GLN A 105 -4.77 -39.86 6.64
C GLN A 105 -3.84 -40.42 5.61
N ALA A 106 -3.67 -39.66 4.55
CA ALA A 106 -2.81 -40.06 3.46
C ALA A 106 -1.36 -39.79 3.80
N ALA A 107 -1.06 -38.57 4.24
CA ALA A 107 0.31 -38.23 4.60
C ALA A 107 0.79 -39.20 5.67
N ILE A 108 -0.04 -39.41 6.68
CA ILE A 108 0.30 -40.32 7.76
C ILE A 108 0.50 -41.72 7.25
N ALA A 109 -0.53 -42.26 6.60
CA ALA A 109 -0.47 -43.61 6.07
C ALA A 109 0.78 -43.79 5.21
N LEU A 110 1.03 -42.81 4.35
CA LEU A 110 2.19 -42.87 3.47
C LEU A 110 3.49 -42.97 4.26
N SER A 111 3.55 -42.21 5.36
CA SER A 111 4.75 -42.21 6.21
C SER A 111 4.70 -43.34 7.24
N LEU A 112 3.51 -43.87 7.44
CA LEU A 112 3.31 -44.94 8.41
C LEU A 112 3.50 -46.29 7.72
N LEU A 113 3.46 -46.27 6.40
CA LEU A 113 3.64 -47.49 5.62
C LEU A 113 5.11 -47.75 5.34
N GLU A 114 5.89 -46.68 5.36
CA GLU A 114 7.31 -46.77 5.10
C GLU A 114 8.07 -47.26 6.34
N SER A 115 7.42 -47.13 7.49
CA SER A 115 8.02 -47.54 8.74
C SER A 115 9.41 -46.92 8.89
N PRO A 116 9.52 -45.64 8.65
CA PRO A 116 10.81 -44.90 8.75
C PRO A 116 11.23 -44.66 10.20
N LYS A 117 12.27 -43.83 10.36
CA LYS A 117 12.77 -43.50 11.68
C LYS A 117 12.51 -42.04 11.99
N ILE A 118 13.05 -41.57 13.11
CA ILE A 118 12.87 -40.18 13.50
C ILE A 118 14.16 -39.39 13.28
N GLN A 119 14.68 -38.79 14.35
CA GLN A 119 15.91 -38.01 14.26
C GLN A 119 16.90 -38.45 15.33
N ALA A 120 16.70 -39.67 15.84
CA ALA A 120 17.59 -40.21 16.87
C ALA A 120 17.94 -39.12 17.89
N ASP A 121 19.24 -38.81 17.96
CA ASP A 121 19.70 -37.78 18.90
C ASP A 121 20.46 -36.70 18.16
N GLY A 122 21.78 -36.85 18.06
CA GLY A 122 22.61 -35.87 17.38
C GLY A 122 23.52 -35.14 18.36
N MET A 3 12.49 18.75 -22.89
CA MET A 3 12.55 20.24 -22.88
C MET A 3 13.10 20.72 -21.54
N THR A 4 13.89 21.78 -21.57
CA THR A 4 14.48 22.32 -20.35
C THR A 4 13.46 23.15 -19.59
N ALA A 5 13.75 23.43 -18.32
CA ALA A 5 12.84 24.22 -17.50
C ALA A 5 13.61 25.32 -16.75
N GLU A 6 13.65 25.19 -15.43
CA GLU A 6 14.34 26.16 -14.57
C GLU A 6 14.88 27.32 -15.37
N LEU A 7 16.06 27.13 -15.95
CA LEU A 7 16.69 28.18 -16.75
C LEU A 7 15.79 28.58 -17.91
N GLN A 8 16.25 28.30 -19.13
CA GLN A 8 15.47 28.64 -20.32
C GLN A 8 14.73 27.41 -20.83
N GLN A 9 14.14 27.56 -22.01
CA GLN A 9 13.39 26.46 -22.61
C GLN A 9 13.95 26.16 -24.00
N ASP A 10 13.15 26.45 -25.03
CA ASP A 10 13.58 26.22 -26.40
C ASP A 10 14.55 27.30 -26.84
N ASP A 11 14.48 28.43 -26.16
CA ASP A 11 15.35 29.57 -26.46
C ASP A 11 16.75 29.09 -26.81
N ALA A 12 17.49 28.71 -25.78
CA ALA A 12 18.87 28.24 -25.96
C ALA A 12 19.20 27.15 -24.94
N ALA A 13 20.42 26.66 -24.99
CA ALA A 13 20.86 25.62 -24.07
C ALA A 13 22.33 25.81 -23.70
N GLY A 14 22.75 25.17 -22.60
CA GLY A 14 24.14 25.30 -22.16
C GLY A 14 24.26 25.01 -20.67
N ALA A 15 24.97 25.88 -19.96
CA ALA A 15 25.15 25.72 -18.53
C ALA A 15 25.09 24.24 -18.13
N ALA A 16 24.55 23.97 -16.95
CA ALA A 16 24.42 22.60 -16.48
C ALA A 16 23.03 22.06 -16.75
N ASP A 17 22.77 20.82 -16.32
CA ASP A 17 21.48 20.20 -16.53
C ASP A 17 20.84 19.85 -15.19
N GLY A 18 21.45 18.94 -14.46
CA GLY A 18 20.92 18.52 -13.17
C GLY A 18 20.96 19.68 -12.17
N HIS A 19 22.15 19.93 -11.61
CA HIS A 19 22.30 21.01 -10.63
C HIS A 19 21.39 20.80 -9.44
N GLY A 20 21.52 19.64 -8.79
CA GLY A 20 20.70 19.33 -7.63
C GLY A 20 19.28 18.97 -8.04
N SER A 21 18.91 19.36 -9.26
CA SER A 21 17.57 19.07 -9.77
C SER A 21 16.53 19.28 -8.68
N SER A 22 15.48 18.45 -8.70
CA SER A 22 14.42 18.55 -7.70
C SER A 22 14.79 17.80 -6.43
N CYS A 23 13.82 17.64 -5.54
CA CYS A 23 14.06 16.95 -4.28
C CYS A 23 13.85 15.44 -4.47
N GLN A 24 14.96 14.72 -4.60
CA GLN A 24 14.91 13.27 -4.78
C GLN A 24 14.72 12.56 -3.44
N MET A 25 14.91 13.28 -2.35
CA MET A 25 14.78 12.69 -1.02
C MET A 25 13.36 12.22 -0.77
N LEU A 26 12.42 13.09 -1.04
CA LEU A 26 11.01 12.78 -0.83
C LEU A 26 10.58 11.55 -1.62
N LEU A 27 10.70 11.65 -2.93
CA LEU A 27 10.32 10.54 -3.81
C LEU A 27 11.13 9.29 -3.46
N ASN A 28 12.45 9.45 -3.35
CA ASN A 28 13.31 8.32 -3.03
C ASN A 28 12.82 7.63 -1.76
N GLN A 29 12.71 8.41 -0.70
CA GLN A 29 12.24 7.88 0.58
C GLN A 29 10.88 7.21 0.41
N LEU A 30 9.91 7.97 -0.10
CA LEU A 30 8.58 7.44 -0.29
C LEU A 30 8.63 6.09 -1.00
N ARG A 31 9.27 6.07 -2.17
CA ARG A 31 9.38 4.83 -2.93
C ARG A 31 10.16 3.77 -2.17
N GLU A 32 11.02 4.21 -1.25
CA GLU A 32 11.81 3.28 -0.45
C GLU A 32 10.94 2.67 0.65
N ILE A 33 9.92 3.41 1.06
CA ILE A 33 9.02 2.94 2.10
C ILE A 33 7.92 2.08 1.51
N THR A 34 7.41 2.55 0.40
CA THR A 34 6.33 1.87 -0.29
C THR A 34 6.86 0.88 -1.33
N GLY A 35 7.97 1.22 -1.95
CA GLY A 35 8.55 0.34 -2.97
C GLY A 35 7.85 0.54 -4.30
N ILE A 36 7.46 1.78 -4.59
CA ILE A 36 6.76 2.08 -5.83
C ILE A 36 7.74 2.57 -6.89
N GLN A 37 7.42 2.28 -8.15
CA GLN A 37 8.26 2.68 -9.26
C GLN A 37 7.50 3.63 -10.19
N ASP A 38 6.48 4.28 -9.63
CA ASP A 38 5.67 5.20 -10.42
C ASP A 38 5.73 6.61 -9.84
N PRO A 39 6.84 7.27 -10.00
CA PRO A 39 7.03 8.66 -9.49
C PRO A 39 5.77 9.49 -9.58
N SER A 40 4.88 9.04 -10.45
CA SER A 40 3.62 9.73 -10.68
C SER A 40 2.66 9.54 -9.50
N PHE A 41 2.41 8.29 -9.12
CA PHE A 41 1.52 8.04 -8.01
C PHE A 41 2.23 8.46 -6.72
N LEU A 42 3.57 8.39 -6.73
CA LEU A 42 4.36 8.81 -5.59
C LEU A 42 4.11 10.29 -5.36
N HIS A 43 4.29 11.05 -6.43
CA HIS A 43 4.07 12.49 -6.39
C HIS A 43 2.63 12.77 -5.98
N GLU A 44 1.72 11.91 -6.40
CA GLU A 44 0.32 12.09 -6.05
C GLU A 44 0.20 12.15 -4.54
N ALA A 45 0.85 11.20 -3.89
CA ALA A 45 0.83 11.14 -2.43
C ALA A 45 1.50 12.38 -1.83
N LEU A 46 2.75 12.64 -2.26
CA LEU A 46 3.48 13.80 -1.74
C LEU A 46 2.59 15.04 -1.78
N LYS A 47 1.78 15.14 -2.82
CA LYS A 47 0.88 16.29 -2.96
C LYS A 47 -0.36 16.10 -2.11
N ALA A 48 -0.74 14.84 -1.88
CA ALA A 48 -1.92 14.54 -1.08
C ALA A 48 -1.63 14.70 0.42
N SER A 49 -0.35 14.64 0.78
CA SER A 49 0.05 14.76 2.18
C SER A 49 0.58 16.16 2.47
N ASN A 50 0.27 17.11 1.58
CA ASN A 50 0.72 18.49 1.75
C ASN A 50 2.21 18.55 2.05
N GLY A 51 2.97 17.60 1.50
CA GLY A 51 4.41 17.57 1.71
C GLY A 51 4.80 16.52 2.75
N ASP A 52 3.88 16.18 3.63
CA ASP A 52 4.16 15.19 4.66
C ASP A 52 4.40 13.83 4.04
N ILE A 53 5.67 13.45 3.90
CA ILE A 53 6.03 12.17 3.30
C ILE A 53 5.38 11.02 4.08
N THR A 54 5.66 10.93 5.37
CA THR A 54 5.09 9.87 6.20
C THR A 54 3.62 9.68 5.86
N GLN A 55 2.84 10.74 6.05
CA GLN A 55 1.42 10.67 5.75
C GLN A 55 1.21 10.12 4.35
N ALA A 56 1.80 10.78 3.36
CA ALA A 56 1.69 10.33 1.98
C ALA A 56 1.75 8.82 1.96
N VAL A 57 2.84 8.30 2.46
CA VAL A 57 3.01 6.86 2.55
C VAL A 57 1.70 6.25 3.01
N SER A 58 1.27 6.70 4.17
CA SER A 58 0.02 6.23 4.76
C SER A 58 -1.11 6.26 3.74
N LEU A 59 -1.24 7.37 3.03
CA LEU A 59 -2.31 7.50 2.04
C LEU A 59 -2.18 6.42 0.98
N LEU A 60 -0.96 6.10 0.63
CA LEU A 60 -0.70 5.10 -0.40
C LEU A 60 -0.80 3.67 0.12
N THR A 61 -0.64 3.48 1.42
CA THR A 61 -0.69 2.14 1.98
C THR A 61 -1.89 1.94 2.91
N ASP A 62 -2.78 2.93 2.95
CA ASP A 62 -3.96 2.85 3.82
C ASP A 62 -4.81 1.61 3.50
N GLU A 63 -4.22 0.67 2.75
CA GLU A 63 -4.92 -0.56 2.38
C GLU A 63 -5.50 -0.45 0.97
N ARG A 64 -4.62 -0.20 0.00
CA ARG A 64 -5.05 -0.08 -1.39
C ARG A 64 -4.15 -0.88 -2.29
N VAL A 65 -3.03 -0.27 -2.68
CA VAL A 65 -2.08 -0.92 -3.55
C VAL A 65 -1.71 -2.30 -3.01
N LYS A 66 -0.76 -2.33 -2.10
CA LYS A 66 -0.31 -3.58 -1.48
C LYS A 66 -0.75 -4.80 -2.29
N GLU A 67 -1.19 -5.83 -1.60
CA GLU A 67 -1.64 -7.05 -2.25
C GLU A 67 -2.90 -7.58 -1.59
N PRO A 68 -4.04 -7.11 -2.01
CA PRO A 68 -5.35 -7.52 -1.45
C PRO A 68 -5.85 -8.84 -2.03
N SER A 69 -6.79 -8.75 -2.94
CA SER A 69 -7.35 -9.94 -3.58
C SER A 69 -7.28 -11.12 -2.62
N GLN A 70 -8.38 -11.37 -1.91
CA GLN A 70 -8.46 -12.47 -0.96
C GLN A 70 -7.33 -13.46 -1.15
N ASP A 71 -7.41 -14.28 -2.20
CA ASP A 71 -6.38 -15.27 -2.47
C ASP A 71 -5.64 -14.94 -3.75
N THR A 72 -6.39 -14.49 -4.73
CA THR A 72 -5.82 -14.14 -6.03
C THR A 72 -6.92 -13.97 -7.07
N VAL A 73 -6.52 -13.69 -8.30
CA VAL A 73 -7.47 -13.50 -9.39
C VAL A 73 -7.04 -14.30 -10.62
N ALA A 74 -7.97 -15.05 -11.20
CA ALA A 74 -7.68 -15.86 -12.37
C ALA A 74 -7.44 -14.98 -13.59
N THR A 75 -8.18 -13.90 -13.66
CA THR A 75 -8.06 -12.95 -14.78
C THR A 75 -8.86 -11.70 -14.51
N GLU A 76 -10.18 -11.84 -14.45
CA GLU A 76 -11.05 -10.71 -14.20
C GLU A 76 -10.51 -9.88 -13.03
N PRO A 77 -10.78 -8.61 -13.04
CA PRO A 77 -10.30 -7.68 -11.96
C PRO A 77 -10.97 -7.99 -10.62
N SER A 78 -10.40 -7.44 -9.56
CA SER A 78 -10.94 -7.66 -8.21
C SER A 78 -12.47 -7.76 -8.26
N GLU A 79 -13.04 -8.32 -7.20
CA GLU A 79 -14.49 -8.46 -7.11
C GLU A 79 -15.08 -7.41 -6.20
N VAL A 80 -14.95 -7.64 -4.91
CA VAL A 80 -15.46 -6.71 -3.92
C VAL A 80 -14.68 -5.40 -3.95
N GLU A 81 -14.37 -4.87 -2.77
CA GLU A 81 -13.63 -3.62 -2.69
C GLU A 81 -12.25 -3.87 -2.09
N GLY A 82 -12.14 -3.69 -0.77
CA GLY A 82 -10.87 -3.89 -0.08
C GLY A 82 -10.26 -2.56 0.35
N SER A 83 -11.05 -1.75 1.06
CA SER A 83 -10.57 -0.46 1.53
C SER A 83 -11.08 -0.17 2.94
N ALA A 84 -10.56 0.88 3.55
CA ALA A 84 -10.95 1.25 4.89
C ALA A 84 -12.21 2.11 4.86
N ALA A 85 -12.71 2.46 6.04
CA ALA A 85 -13.92 3.29 6.14
C ALA A 85 -14.34 3.44 7.60
N ASN A 86 -15.52 4.01 7.81
CA ASN A 86 -16.03 4.22 9.16
C ASN A 86 -17.12 3.19 9.48
N LYS A 87 -17.07 2.06 8.78
CA LYS A 87 -18.05 1.01 8.99
C LYS A 87 -17.37 -0.32 9.31
N GLU A 88 -18.18 -1.32 9.65
CA GLU A 88 -17.64 -2.63 9.99
C GLU A 88 -16.83 -2.59 11.28
N VAL A 89 -17.49 -2.95 12.36
CA VAL A 89 -16.86 -2.98 13.66
C VAL A 89 -15.36 -3.15 13.55
N LEU A 90 -14.64 -2.62 14.52
CA LEU A 90 -13.19 -2.73 14.55
C LEU A 90 -12.80 -4.19 14.70
N ALA A 91 -13.64 -4.91 15.42
CA ALA A 91 -13.42 -6.33 15.66
C ALA A 91 -12.03 -6.58 16.24
N LYS A 92 -11.78 -7.83 16.62
CA LYS A 92 -10.49 -8.20 17.20
C LYS A 92 -9.68 -9.04 16.22
N VAL A 93 -8.84 -9.91 16.78
CA VAL A 93 -8.00 -10.76 15.96
C VAL A 93 -8.78 -11.95 15.42
N ILE A 94 -10.00 -11.69 14.95
CA ILE A 94 -10.85 -12.75 14.42
C ILE A 94 -10.10 -13.56 13.37
N ASP A 95 -10.24 -14.88 13.45
CA ASP A 95 -9.58 -15.77 12.49
C ASP A 95 -10.34 -17.07 12.38
N LEU A 96 -11.26 -17.12 11.43
CA LEU A 96 -12.07 -18.28 11.23
C LEU A 96 -12.79 -18.25 9.89
N THR A 97 -13.46 -17.13 9.65
CA THR A 97 -14.21 -16.95 8.41
C THR A 97 -13.55 -17.71 7.27
N HIS A 98 -14.33 -18.53 6.58
CA HIS A 98 -13.82 -19.31 5.46
C HIS A 98 -14.28 -18.73 4.13
N ASP A 99 -13.86 -19.36 3.03
CA ASP A 99 -14.22 -18.89 1.71
C ASP A 99 -15.07 -19.93 0.99
N ASN A 100 -15.86 -19.47 0.02
CA ASN A 100 -16.71 -20.37 -0.76
C ASN A 100 -15.96 -20.91 -1.96
N LYS A 101 -16.39 -22.06 -2.47
CA LYS A 101 -15.74 -22.67 -3.62
C LYS A 101 -16.44 -22.26 -4.92
N ASP A 102 -17.58 -21.60 -4.78
CA ASP A 102 -18.32 -21.15 -5.95
C ASP A 102 -17.35 -20.55 -6.97
N ASP A 103 -16.17 -20.19 -6.47
CA ASP A 103 -15.13 -19.60 -7.30
C ASP A 103 -14.70 -20.56 -8.40
N LEU A 104 -14.22 -21.73 -8.00
CA LEU A 104 -13.76 -22.73 -8.96
C LEU A 104 -14.93 -23.47 -9.57
N GLN A 105 -15.97 -23.72 -8.78
CA GLN A 105 -17.11 -24.44 -9.29
C GLN A 105 -17.74 -23.67 -10.42
N ALA A 106 -17.79 -22.38 -10.23
CA ALA A 106 -18.37 -21.50 -11.21
C ALA A 106 -17.37 -21.24 -12.34
N ALA A 107 -16.20 -20.73 -11.99
CA ALA A 107 -15.18 -20.46 -13.00
C ALA A 107 -14.94 -21.70 -13.84
N ILE A 108 -14.83 -22.84 -13.17
CA ILE A 108 -14.59 -24.11 -13.84
C ILE A 108 -15.76 -24.49 -14.72
N ALA A 109 -16.96 -24.49 -14.15
CA ALA A 109 -18.15 -24.86 -14.90
C ALA A 109 -18.30 -23.97 -16.12
N LEU A 110 -18.23 -22.66 -15.91
CA LEU A 110 -18.36 -21.71 -16.99
C LEU A 110 -17.35 -21.99 -18.10
N SER A 111 -16.10 -22.22 -17.71
CA SER A 111 -15.05 -22.49 -18.68
C SER A 111 -15.08 -23.96 -19.14
N LEU A 112 -15.78 -24.78 -18.37
CA LEU A 112 -15.87 -26.20 -18.68
C LEU A 112 -17.08 -26.43 -19.58
N LEU A 113 -17.95 -25.43 -19.65
CA LEU A 113 -19.15 -25.51 -20.49
C LEU A 113 -18.87 -24.95 -21.88
N GLU A 114 -17.80 -24.16 -21.97
CA GLU A 114 -17.42 -23.55 -23.24
C GLU A 114 -16.59 -24.50 -24.08
N SER A 115 -15.79 -25.31 -23.41
CA SER A 115 -14.93 -26.28 -24.08
C SER A 115 -15.75 -27.13 -25.06
N PRO A 116 -16.77 -27.77 -24.57
CA PRO A 116 -17.66 -28.63 -25.40
C PRO A 116 -17.99 -27.97 -26.74
N LYS A 117 -18.25 -28.78 -27.75
CA LYS A 117 -18.59 -28.25 -29.06
C LYS A 117 -20.10 -28.32 -29.29
N ILE A 118 -20.51 -28.24 -30.55
CA ILE A 118 -21.93 -28.29 -30.87
C ILE A 118 -22.20 -29.33 -31.95
N GLN A 119 -23.11 -29.01 -32.87
CA GLN A 119 -23.45 -29.93 -33.95
C GLN A 119 -22.40 -29.88 -35.05
N ALA A 120 -21.26 -30.54 -34.82
CA ALA A 120 -20.19 -30.56 -35.80
C ALA A 120 -19.99 -31.96 -36.36
N ASP A 121 -19.15 -32.07 -37.38
CA ASP A 121 -18.88 -33.36 -38.01
C ASP A 121 -17.59 -33.96 -37.46
N GLY A 122 -16.49 -33.23 -37.59
CA GLY A 122 -15.20 -33.70 -37.11
C GLY A 122 -14.06 -33.15 -37.98
N MET A 3 -2.54 32.51 29.38
CA MET A 3 -2.59 32.03 27.97
C MET A 3 -1.68 32.91 27.10
N THR A 4 -1.87 32.82 25.79
CA THR A 4 -1.06 33.62 24.87
C THR A 4 -1.96 34.55 24.04
N ALA A 5 -2.09 35.79 24.51
CA ALA A 5 -2.92 36.78 23.83
C ALA A 5 -3.23 36.36 22.40
N GLU A 6 -2.58 37.01 21.45
CA GLU A 6 -2.79 36.70 20.03
C GLU A 6 -1.54 36.07 19.43
N LEU A 7 -1.69 35.50 18.25
CA LEU A 7 -0.56 34.87 17.57
C LEU A 7 0.06 35.83 16.56
N GLN A 8 0.25 35.36 15.33
CA GLN A 8 0.84 36.19 14.29
C GLN A 8 1.97 37.04 14.87
N GLN A 9 2.53 36.59 15.98
CA GLN A 9 3.62 37.31 16.64
C GLN A 9 4.79 37.50 15.68
N ASP A 10 4.66 36.96 14.47
CA ASP A 10 5.71 37.08 13.47
C ASP A 10 5.47 38.29 12.59
N ASP A 11 4.23 38.76 12.60
CA ASP A 11 3.85 39.92 11.81
C ASP A 11 4.95 40.97 11.83
N ALA A 12 5.14 41.57 12.99
CA ALA A 12 6.15 42.60 13.16
C ALA A 12 7.54 42.00 13.29
N ALA A 13 7.70 40.77 12.80
CA ALA A 13 9.00 40.11 12.87
C ALA A 13 9.65 40.06 11.49
N GLY A 14 9.60 38.89 10.86
CA GLY A 14 10.19 38.73 9.54
C GLY A 14 11.64 38.24 9.64
N ALA A 15 11.87 37.00 9.20
CA ALA A 15 13.21 36.43 9.25
C ALA A 15 13.77 36.28 7.84
N ALA A 16 14.68 35.32 7.66
CA ALA A 16 15.28 35.09 6.35
C ALA A 16 15.23 33.61 6.00
N ASP A 17 14.69 32.81 6.91
CA ASP A 17 14.59 31.37 6.67
C ASP A 17 13.35 31.05 5.86
N GLY A 18 13.41 29.96 5.10
CA GLY A 18 12.28 29.55 4.27
C GLY A 18 12.69 28.49 3.28
N HIS A 19 12.00 27.35 3.30
CA HIS A 19 12.31 26.25 2.39
C HIS A 19 11.12 25.98 1.47
N GLY A 20 11.40 25.33 0.35
CA GLY A 20 10.35 25.00 -0.61
C GLY A 20 10.92 24.18 -1.77
N SER A 21 11.65 23.13 -1.44
CA SER A 21 12.25 22.28 -2.46
C SER A 21 12.01 20.80 -2.13
N SER A 22 12.92 19.95 -2.60
CA SER A 22 12.80 18.51 -2.35
C SER A 22 14.12 17.81 -2.64
N CYS A 23 14.83 17.43 -1.59
CA CYS A 23 16.11 16.75 -1.76
C CYS A 23 15.89 15.26 -2.03
N GLN A 24 16.91 14.59 -2.54
CA GLN A 24 16.82 13.17 -2.84
C GLN A 24 16.08 12.45 -1.71
N MET A 25 15.93 13.13 -0.58
CA MET A 25 15.25 12.53 0.56
C MET A 25 13.80 12.20 0.22
N LEU A 26 13.10 13.20 -0.27
CA LEU A 26 11.70 13.05 -0.64
C LEU A 26 11.49 11.87 -1.57
N LEU A 27 12.10 11.97 -2.74
CA LEU A 27 11.98 10.94 -3.77
C LEU A 27 12.36 9.56 -3.24
N ASN A 28 13.46 9.51 -2.49
CA ASN A 28 13.95 8.24 -1.95
C ASN A 28 13.04 7.67 -0.88
N GLN A 29 12.58 8.53 0.00
CA GLN A 29 11.71 8.12 1.10
C GLN A 29 10.40 7.51 0.61
N LEU A 30 9.68 8.20 -0.26
CA LEU A 30 8.40 7.69 -0.74
C LEU A 30 8.61 6.49 -1.67
N ARG A 31 9.50 6.62 -2.66
CA ARG A 31 9.72 5.52 -3.60
C ARG A 31 10.34 4.31 -2.90
N GLU A 32 11.07 4.55 -1.82
CA GLU A 32 11.71 3.46 -1.09
C GLU A 32 10.75 2.89 -0.04
N ILE A 33 10.29 3.76 0.85
CA ILE A 33 9.39 3.37 1.91
C ILE A 33 8.15 2.67 1.37
N THR A 34 7.69 3.11 0.21
CA THR A 34 6.51 2.51 -0.40
C THR A 34 6.91 1.38 -1.36
N GLY A 35 8.07 1.52 -1.97
CA GLY A 35 8.56 0.52 -2.92
C GLY A 35 7.71 0.58 -4.18
N ILE A 36 7.33 1.79 -4.53
CA ILE A 36 6.47 2.03 -5.67
C ILE A 36 7.26 2.31 -6.94
N GLN A 37 6.65 1.99 -8.07
CA GLN A 37 7.25 2.22 -9.37
C GLN A 37 6.33 3.09 -10.22
N ASP A 38 5.41 3.78 -9.55
CA ASP A 38 4.46 4.65 -10.24
C ASP A 38 4.62 6.08 -9.76
N PRO A 39 5.75 6.68 -10.03
CA PRO A 39 6.04 8.08 -9.63
C PRO A 39 4.81 8.96 -9.71
N SER A 40 3.84 8.50 -10.48
CA SER A 40 2.59 9.22 -10.69
C SER A 40 1.67 9.12 -9.47
N PHE A 41 1.40 7.90 -9.01
CA PHE A 41 0.54 7.71 -7.85
C PHE A 41 1.31 8.19 -6.62
N LEU A 42 2.63 8.15 -6.74
CA LEU A 42 3.51 8.62 -5.70
C LEU A 42 3.32 10.12 -5.53
N HIS A 43 3.60 10.85 -6.60
CA HIS A 43 3.45 12.29 -6.60
C HIS A 43 2.05 12.67 -6.13
N GLU A 44 1.06 11.91 -6.60
CA GLU A 44 -0.31 12.18 -6.18
C GLU A 44 -0.34 12.28 -4.67
N ALA A 45 0.27 11.30 -4.02
CA ALA A 45 0.33 11.31 -2.57
C ALA A 45 1.08 12.54 -2.07
N LEU A 46 2.35 12.68 -2.47
CA LEU A 46 3.15 13.83 -2.05
C LEU A 46 2.33 15.11 -2.19
N LYS A 47 1.34 15.08 -3.07
CA LYS A 47 0.49 16.24 -3.29
C LYS A 47 -0.62 16.32 -2.23
N ALA A 48 -1.21 15.17 -1.92
CA ALA A 48 -2.29 15.13 -0.94
C ALA A 48 -1.75 15.22 0.49
N SER A 49 -0.49 14.84 0.67
CA SER A 49 0.13 14.89 1.99
C SER A 49 0.69 16.27 2.30
N ASN A 50 0.60 17.18 1.34
CA ASN A 50 1.10 18.54 1.52
C ASN A 50 2.61 18.54 1.80
N GLY A 51 3.30 17.51 1.31
CA GLY A 51 4.74 17.41 1.50
C GLY A 51 5.09 16.40 2.59
N ASP A 52 4.16 16.14 3.50
CA ASP A 52 4.41 15.19 4.57
C ASP A 52 4.61 13.79 3.99
N ILE A 53 5.86 13.36 3.92
CA ILE A 53 6.16 12.05 3.35
C ILE A 53 5.45 10.95 4.14
N THR A 54 5.70 10.86 5.44
CA THR A 54 5.05 9.85 6.26
C THR A 54 3.58 9.70 5.85
N GLN A 55 2.82 10.77 5.99
CA GLN A 55 1.42 10.72 5.62
C GLN A 55 1.28 10.16 4.21
N ALA A 56 1.96 10.79 3.25
CA ALA A 56 1.90 10.32 1.87
C ALA A 56 1.97 8.81 1.85
N VAL A 57 2.99 8.28 2.50
CA VAL A 57 3.16 6.85 2.59
C VAL A 57 1.83 6.21 2.95
N SER A 58 1.33 6.62 4.10
CA SER A 58 0.05 6.12 4.58
C SER A 58 -0.97 6.11 3.44
N LEU A 59 -1.07 7.24 2.75
CA LEU A 59 -2.01 7.35 1.64
C LEU A 59 -1.66 6.37 0.53
N LEU A 60 -0.37 6.06 0.44
CA LEU A 60 0.11 5.16 -0.60
C LEU A 60 0.13 3.70 -0.17
N THR A 61 -0.10 3.44 1.10
CA THR A 61 -0.09 2.06 1.57
C THR A 61 -1.31 1.72 2.43
N ASP A 62 -2.26 2.63 2.50
CA ASP A 62 -3.47 2.37 3.28
C ASP A 62 -4.28 1.27 2.62
N GLU A 63 -3.59 0.44 1.84
CA GLU A 63 -4.22 -0.66 1.14
C GLU A 63 -4.94 -0.17 -0.12
N ARG A 64 -4.18 0.39 -1.05
CA ARG A 64 -4.75 0.89 -2.28
C ARG A 64 -4.11 0.18 -3.46
N VAL A 65 -3.32 0.93 -4.21
CA VAL A 65 -2.63 0.38 -5.38
C VAL A 65 -3.58 -0.41 -6.27
N LYS A 66 -4.82 -0.58 -5.82
CA LYS A 66 -5.82 -1.32 -6.58
C LYS A 66 -7.22 -0.75 -6.32
N GLU A 67 -8.19 -1.64 -6.19
CA GLU A 67 -9.57 -1.21 -5.94
C GLU A 67 -10.15 -2.00 -4.77
N PRO A 68 -9.80 -1.60 -3.58
CA PRO A 68 -10.28 -2.27 -2.33
C PRO A 68 -11.80 -2.29 -2.25
N SER A 69 -12.34 -2.10 -1.04
CA SER A 69 -13.78 -2.10 -0.83
C SER A 69 -14.16 -1.11 0.25
N GLN A 70 -15.39 -1.24 0.77
CA GLN A 70 -15.86 -0.35 1.82
C GLN A 70 -15.02 -0.48 3.07
N ASP A 71 -14.23 -1.55 3.13
CA ASP A 71 -13.37 -1.78 4.29
C ASP A 71 -12.48 -0.58 4.55
N THR A 72 -12.35 0.25 3.53
CA THR A 72 -11.53 1.45 3.65
C THR A 72 -12.40 2.66 3.96
N VAL A 73 -12.40 3.65 3.06
CA VAL A 73 -13.20 4.85 3.27
C VAL A 73 -14.69 4.53 3.16
N ALA A 74 -15.47 5.04 4.10
CA ALA A 74 -16.91 4.81 4.10
C ALA A 74 -17.49 5.16 2.75
N THR A 75 -16.89 6.17 2.12
CA THR A 75 -17.33 6.64 0.82
C THR A 75 -16.67 5.85 -0.30
N GLU A 76 -16.78 6.37 -1.52
CA GLU A 76 -16.19 5.71 -2.68
C GLU A 76 -16.55 4.22 -2.70
N PRO A 77 -17.73 3.90 -3.16
CA PRO A 77 -18.21 2.50 -3.26
C PRO A 77 -17.17 1.58 -3.90
N SER A 78 -17.57 0.34 -4.17
CA SER A 78 -16.67 -0.63 -4.78
C SER A 78 -17.42 -1.54 -5.74
N GLU A 79 -16.72 -2.53 -6.28
CA GLU A 79 -17.33 -3.47 -7.21
C GLU A 79 -18.15 -4.50 -6.45
N VAL A 80 -17.45 -5.44 -5.86
CA VAL A 80 -18.07 -6.51 -5.09
C VAL A 80 -17.77 -6.35 -3.61
N GLU A 81 -17.65 -7.48 -2.91
CA GLU A 81 -17.36 -7.45 -1.48
C GLU A 81 -16.22 -8.41 -1.14
N GLY A 82 -15.64 -8.24 0.04
CA GLY A 82 -14.55 -9.10 0.48
C GLY A 82 -13.28 -8.84 -0.32
N SER A 83 -12.34 -8.11 0.30
CA SER A 83 -11.07 -7.80 -0.36
C SER A 83 -9.92 -8.48 0.36
N ALA A 84 -8.70 -8.18 -0.07
CA ALA A 84 -7.52 -8.76 0.56
C ALA A 84 -7.66 -8.76 2.08
N ALA A 85 -6.82 -9.55 2.75
CA ALA A 85 -6.86 -9.62 4.21
C ALA A 85 -5.88 -8.64 4.81
N ASN A 86 -4.77 -8.46 4.13
CA ASN A 86 -3.72 -7.55 4.58
C ASN A 86 -3.67 -7.51 6.10
N LYS A 87 -3.10 -8.55 6.70
CA LYS A 87 -2.99 -8.63 8.16
C LYS A 87 -1.52 -8.80 8.55
N GLU A 88 -1.29 -8.96 9.86
CA GLU A 88 0.07 -9.13 10.35
C GLU A 88 0.64 -10.47 9.90
N VAL A 89 -0.21 -11.31 9.32
CA VAL A 89 0.23 -12.62 8.84
C VAL A 89 -0.55 -13.03 7.59
N LEU A 90 0.17 -13.26 6.50
CA LEU A 90 -0.46 -13.69 5.27
C LEU A 90 -0.59 -15.20 5.27
N ALA A 91 0.29 -15.84 6.01
CA ALA A 91 0.30 -17.29 6.13
C ALA A 91 0.20 -17.95 4.75
N LYS A 92 1.37 -18.25 4.18
CA LYS A 92 1.43 -18.89 2.87
C LYS A 92 2.16 -20.23 2.96
N VAL A 93 2.56 -20.74 1.80
CA VAL A 93 3.28 -22.01 1.74
C VAL A 93 2.69 -23.02 2.71
N ILE A 94 1.51 -22.74 3.24
CA ILE A 94 0.86 -23.65 4.17
C ILE A 94 1.04 -25.10 3.71
N ASP A 95 1.53 -25.94 4.62
CA ASP A 95 1.74 -27.34 4.30
C ASP A 95 2.06 -28.15 5.56
N LEU A 96 1.19 -29.10 5.87
CA LEU A 96 1.37 -29.92 7.05
C LEU A 96 0.66 -31.25 6.87
N THR A 97 -0.60 -31.27 7.27
CA THR A 97 -1.42 -32.47 7.16
C THR A 97 -2.71 -32.17 6.40
N HIS A 98 -3.75 -31.81 7.15
CA HIS A 98 -5.04 -31.49 6.53
C HIS A 98 -5.26 -29.98 6.52
N ASP A 99 -6.39 -29.54 7.05
CA ASP A 99 -6.70 -28.12 7.10
C ASP A 99 -6.00 -27.37 5.98
N ASN A 100 -6.05 -27.93 4.78
CA ASN A 100 -5.41 -27.30 3.62
C ASN A 100 -6.33 -26.30 2.95
N LYS A 101 -6.45 -26.39 1.64
CA LYS A 101 -7.32 -25.49 0.90
C LYS A 101 -8.76 -25.99 0.90
N ASP A 102 -9.13 -26.68 -0.17
CA ASP A 102 -10.49 -27.22 -0.29
C ASP A 102 -10.92 -27.85 1.03
N ASP A 103 -9.96 -28.19 1.87
CA ASP A 103 -10.26 -28.81 3.16
C ASP A 103 -11.05 -27.85 4.05
N LEU A 104 -10.48 -26.69 4.31
CA LEU A 104 -11.14 -25.70 5.15
C LEU A 104 -12.20 -24.94 4.38
N GLN A 105 -11.96 -24.75 3.10
CA GLN A 105 -12.91 -24.01 2.28
C GLN A 105 -14.20 -24.78 2.18
N ALA A 106 -14.06 -26.08 2.07
CA ALA A 106 -15.19 -26.96 1.96
C ALA A 106 -15.83 -27.19 3.33
N ALA A 107 -15.01 -27.55 4.31
CA ALA A 107 -15.52 -27.78 5.65
C ALA A 107 -16.17 -26.50 6.18
N ILE A 108 -15.46 -25.39 5.96
CA ILE A 108 -15.95 -24.08 6.38
C ILE A 108 -17.22 -23.72 5.67
N ALA A 109 -17.27 -23.97 4.37
CA ALA A 109 -18.44 -23.62 3.57
C ALA A 109 -19.63 -24.51 3.94
N LEU A 110 -19.35 -25.79 4.16
CA LEU A 110 -20.41 -26.74 4.51
C LEU A 110 -20.99 -26.40 5.88
N SER A 111 -20.14 -25.92 6.78
CA SER A 111 -20.57 -25.57 8.13
C SER A 111 -20.96 -24.09 8.22
N LEU A 112 -20.46 -23.32 7.28
CA LEU A 112 -20.75 -21.88 7.26
C LEU A 112 -22.08 -21.66 6.56
N LEU A 113 -22.41 -22.57 5.66
CA LEU A 113 -23.66 -22.49 4.92
C LEU A 113 -24.85 -22.44 5.87
N GLU A 114 -25.30 -23.60 6.28
CA GLU A 114 -26.44 -23.70 7.19
C GLU A 114 -26.64 -22.41 7.96
N SER A 115 -25.62 -22.03 8.70
CA SER A 115 -25.67 -20.81 9.49
C SER A 115 -25.46 -19.58 8.58
N PRO A 116 -26.47 -18.76 8.42
CA PRO A 116 -26.38 -17.55 7.56
C PRO A 116 -25.62 -16.41 8.24
N LYS A 117 -26.34 -15.35 8.61
CA LYS A 117 -25.72 -14.21 9.26
C LYS A 117 -26.62 -13.68 10.37
N ILE A 118 -26.17 -12.61 11.03
CA ILE A 118 -26.93 -12.03 12.12
C ILE A 118 -28.12 -11.22 11.58
N GLN A 119 -27.97 -9.90 11.53
CA GLN A 119 -29.02 -9.04 11.04
C GLN A 119 -29.23 -9.22 9.54
N ALA A 120 -29.61 -10.44 9.14
CA ALA A 120 -29.84 -10.74 7.74
C ALA A 120 -30.75 -9.69 7.10
N ASP A 121 -31.94 -10.12 6.69
CA ASP A 121 -32.89 -9.21 6.07
C ASP A 121 -34.23 -9.26 6.78
N GLY A 122 -34.64 -10.46 7.19
CA GLY A 122 -35.91 -10.63 7.89
C GLY A 122 -35.69 -10.97 9.36
N MET A 3 18.13 16.15 5.88
CA MET A 3 19.19 15.45 6.67
C MET A 3 19.61 16.33 7.85
N THR A 4 20.91 16.35 8.14
CA THR A 4 21.42 17.15 9.25
C THR A 4 21.97 18.48 8.73
N ALA A 5 22.85 18.40 7.74
CA ALA A 5 23.45 19.60 7.17
C ALA A 5 23.70 20.65 8.25
N GLU A 6 23.49 21.92 7.89
CA GLU A 6 23.69 23.01 8.83
C GLU A 6 25.10 22.96 9.42
N LEU A 7 25.30 23.67 10.53
CA LEU A 7 26.60 23.69 11.19
C LEU A 7 27.72 23.73 10.15
N GLN A 8 28.81 23.02 10.44
CA GLN A 8 29.95 22.96 9.53
C GLN A 8 30.16 24.32 8.86
N GLN A 9 30.93 25.17 9.52
CA GLN A 9 31.21 26.51 8.97
C GLN A 9 32.13 26.40 7.76
N ASP A 10 32.58 25.19 7.45
CA ASP A 10 33.46 24.98 6.32
C ASP A 10 32.66 24.93 5.02
N ASP A 11 31.37 24.66 5.15
CA ASP A 11 30.49 24.59 4.00
C ASP A 11 30.22 25.98 3.44
N ALA A 12 30.48 26.98 4.27
CA ALA A 12 30.27 28.36 3.88
C ALA A 12 28.99 28.50 3.05
N ALA A 13 27.93 28.99 3.68
CA ALA A 13 26.66 29.16 2.99
C ALA A 13 26.14 30.58 3.16
N GLY A 14 27.05 31.54 3.22
CA GLY A 14 26.66 32.94 3.38
C GLY A 14 26.82 33.71 2.08
N ALA A 15 28.02 33.64 1.50
CA ALA A 15 28.30 34.35 0.25
C ALA A 15 28.14 33.41 -0.94
N ALA A 16 28.52 33.89 -2.11
CA ALA A 16 28.43 33.07 -3.33
C ALA A 16 27.15 32.24 -3.31
N ASP A 17 27.08 31.25 -4.20
CA ASP A 17 25.92 30.39 -4.28
C ASP A 17 26.28 29.03 -4.87
N GLY A 18 25.30 28.14 -4.98
CA GLY A 18 25.54 26.81 -5.54
C GLY A 18 24.60 25.79 -4.90
N HIS A 19 24.84 25.48 -3.64
CA HIS A 19 24.01 24.51 -2.93
C HIS A 19 22.54 24.73 -3.27
N GLY A 20 21.99 23.86 -4.11
CA GLY A 20 20.59 23.97 -4.50
C GLY A 20 20.29 23.03 -5.67
N SER A 21 20.06 21.76 -5.34
CA SER A 21 19.77 20.77 -6.36
C SER A 21 18.54 19.94 -5.96
N SER A 22 17.44 20.63 -5.67
CA SER A 22 16.21 19.95 -5.27
C SER A 22 16.47 18.99 -4.12
N CYS A 23 15.44 18.24 -3.72
CA CYS A 23 15.57 17.30 -2.62
C CYS A 23 15.17 15.90 -3.08
N GLN A 24 16.17 15.04 -3.28
CA GLN A 24 15.93 13.67 -3.73
C GLN A 24 15.34 12.84 -2.59
N MET A 25 15.40 13.37 -1.37
CA MET A 25 14.88 12.66 -0.21
C MET A 25 13.40 12.34 -0.39
N LEU A 26 12.72 13.21 -1.11
CA LEU A 26 11.29 13.04 -1.35
C LEU A 26 11.01 11.77 -2.12
N LEU A 27 11.53 11.71 -3.33
CA LEU A 27 11.33 10.55 -4.18
C LEU A 27 11.99 9.31 -3.57
N ASN A 28 13.22 9.48 -3.09
CA ASN A 28 13.95 8.35 -2.49
C ASN A 28 13.16 7.74 -1.36
N GLN A 29 12.88 8.56 -0.36
CA GLN A 29 12.12 8.10 0.79
C GLN A 29 10.83 7.43 0.33
N LEU A 30 10.11 8.12 -0.54
CA LEU A 30 8.85 7.60 -1.07
C LEU A 30 9.00 6.14 -1.49
N ARG A 31 9.92 5.89 -2.42
CA ARG A 31 10.16 4.54 -2.93
C ARG A 31 10.78 3.62 -1.89
N GLU A 32 11.40 4.21 -0.87
CA GLU A 32 12.03 3.42 0.16
C GLU A 32 11.01 2.93 1.19
N ILE A 33 9.88 3.61 1.24
CA ILE A 33 8.83 3.25 2.18
C ILE A 33 7.75 2.42 1.52
N THR A 34 7.27 2.93 0.42
CA THR A 34 6.20 2.27 -0.33
C THR A 34 6.76 1.22 -1.28
N GLY A 35 7.90 1.52 -1.89
CA GLY A 35 8.50 0.58 -2.84
C GLY A 35 7.78 0.63 -4.17
N ILE A 36 7.35 1.83 -4.54
CA ILE A 36 6.61 2.02 -5.79
C ILE A 36 7.53 2.49 -6.91
N GLN A 37 7.13 2.20 -8.14
CA GLN A 37 7.91 2.60 -9.30
C GLN A 37 7.08 3.48 -10.22
N ASP A 38 6.06 4.11 -9.65
CA ASP A 38 5.17 4.98 -10.41
C ASP A 38 5.19 6.40 -9.83
N PRO A 39 6.25 7.12 -10.06
CA PRO A 39 6.39 8.51 -9.56
C PRO A 39 5.08 9.28 -9.61
N SER A 40 4.18 8.81 -10.44
CA SER A 40 2.89 9.45 -10.63
C SER A 40 2.01 9.31 -9.38
N PHE A 41 1.81 8.08 -8.92
CA PHE A 41 0.99 7.87 -7.74
C PHE A 41 1.78 8.29 -6.49
N LEU A 42 3.11 8.20 -6.59
CA LEU A 42 3.98 8.61 -5.49
C LEU A 42 3.73 10.08 -5.23
N HIS A 43 4.00 10.88 -6.25
CA HIS A 43 3.81 12.32 -6.14
C HIS A 43 2.40 12.61 -5.65
N GLU A 44 1.40 12.00 -6.32
CA GLU A 44 0.02 12.21 -5.92
C GLU A 44 -0.05 12.22 -4.40
N ALA A 45 0.60 11.24 -3.80
CA ALA A 45 0.62 11.15 -2.34
C ALA A 45 1.27 12.40 -1.76
N LEU A 46 2.45 12.75 -2.28
CA LEU A 46 3.17 13.92 -1.81
C LEU A 46 2.30 15.17 -1.96
N LYS A 47 1.35 15.14 -2.89
CA LYS A 47 0.45 16.28 -3.11
C LYS A 47 -0.65 16.31 -2.06
N ALA A 48 -1.15 15.13 -1.72
CA ALA A 48 -2.22 15.02 -0.73
C ALA A 48 -1.67 15.13 0.69
N SER A 49 -0.42 14.76 0.87
CA SER A 49 0.21 14.80 2.19
C SER A 49 0.85 16.17 2.45
N ASN A 50 0.56 17.13 1.58
CA ASN A 50 1.11 18.48 1.73
C ASN A 50 2.62 18.43 1.95
N GLY A 51 3.27 17.42 1.38
CA GLY A 51 4.71 17.28 1.52
C GLY A 51 5.06 16.22 2.55
N ASP A 52 4.12 15.96 3.47
CA ASP A 52 4.34 14.95 4.50
C ASP A 52 4.51 13.57 3.87
N ILE A 53 5.77 13.18 3.67
CA ILE A 53 6.07 11.89 3.05
C ILE A 53 5.42 10.73 3.81
N THR A 54 5.65 10.66 5.12
CA THR A 54 5.09 9.60 5.94
C THR A 54 3.59 9.47 5.71
N GLN A 55 2.90 10.59 5.71
CA GLN A 55 1.47 10.56 5.48
C GLN A 55 1.19 10.08 4.07
N ALA A 56 1.82 10.75 3.10
CA ALA A 56 1.65 10.36 1.71
C ALA A 56 1.68 8.86 1.63
N VAL A 57 2.75 8.31 2.17
CA VAL A 57 2.93 6.88 2.22
C VAL A 57 1.64 6.25 2.72
N SER A 58 1.23 6.69 3.90
CA SER A 58 0.01 6.20 4.53
C SER A 58 -1.17 6.24 3.55
N LEU A 59 -1.32 7.34 2.84
CA LEU A 59 -2.41 7.47 1.89
C LEU A 59 -2.24 6.46 0.75
N LEU A 60 -1.00 6.11 0.47
CA LEU A 60 -0.72 5.18 -0.62
C LEU A 60 -0.80 3.73 -0.19
N THR A 61 -0.64 3.46 1.08
CA THR A 61 -0.67 2.08 1.55
C THR A 61 -1.68 1.88 2.67
N ASP A 62 -2.56 2.86 2.85
CA ASP A 62 -3.59 2.77 3.87
C ASP A 62 -4.64 1.75 3.44
N GLU A 63 -4.24 0.83 2.58
CA GLU A 63 -5.17 -0.19 2.07
C GLU A 63 -6.11 0.45 1.06
N ARG A 64 -5.54 0.87 -0.06
CA ARG A 64 -6.30 1.55 -1.09
C ARG A 64 -6.02 1.00 -2.48
N VAL A 65 -4.75 0.96 -2.83
CA VAL A 65 -4.34 0.50 -4.14
C VAL A 65 -5.10 -0.76 -4.53
N LYS A 66 -4.61 -1.89 -4.08
CA LYS A 66 -5.24 -3.18 -4.38
C LYS A 66 -5.96 -3.12 -5.73
N GLU A 67 -6.97 -3.98 -5.92
CA GLU A 67 -7.73 -4.00 -7.18
C GLU A 67 -9.20 -4.28 -6.91
N PRO A 68 -9.93 -3.29 -6.48
CA PRO A 68 -11.37 -3.40 -6.18
C PRO A 68 -12.24 -3.18 -7.41
N SER A 69 -13.50 -2.84 -7.18
CA SER A 69 -14.44 -2.60 -8.28
C SER A 69 -14.27 -3.65 -9.38
N GLN A 70 -15.05 -3.50 -10.44
CA GLN A 70 -14.98 -4.43 -11.57
C GLN A 70 -15.07 -3.69 -12.89
N ASP A 71 -16.12 -3.96 -13.65
CA ASP A 71 -16.31 -3.30 -14.95
C ASP A 71 -17.40 -2.26 -14.83
N THR A 72 -18.21 -2.38 -13.80
CA THR A 72 -19.30 -1.44 -13.56
C THR A 72 -19.80 -1.56 -12.11
N VAL A 73 -20.97 -1.02 -11.85
CA VAL A 73 -21.54 -1.07 -10.51
C VAL A 73 -23.05 -0.86 -10.56
N ALA A 74 -23.77 -1.63 -9.75
CA ALA A 74 -25.23 -1.53 -9.72
C ALA A 74 -25.66 -0.37 -8.82
N THR A 75 -24.92 -0.20 -7.75
CA THR A 75 -25.22 0.88 -6.80
C THR A 75 -24.36 0.74 -5.54
N GLU A 76 -24.83 -0.05 -4.58
CA GLU A 76 -24.11 -0.23 -3.34
C GLU A 76 -23.47 -1.62 -3.20
N PRO A 77 -23.86 -2.58 -4.00
CA PRO A 77 -23.29 -3.96 -3.92
C PRO A 77 -21.93 -4.07 -4.60
N SER A 78 -21.90 -4.74 -5.74
CA SER A 78 -20.65 -4.91 -6.48
C SER A 78 -19.48 -5.09 -5.53
N GLU A 79 -18.91 -3.98 -5.10
CA GLU A 79 -17.77 -3.98 -4.19
C GLU A 79 -17.69 -5.30 -3.43
N VAL A 80 -18.74 -5.59 -2.70
CA VAL A 80 -18.79 -6.81 -1.91
C VAL A 80 -19.12 -8.02 -2.79
N GLU A 81 -19.92 -8.94 -2.27
CA GLU A 81 -20.28 -10.14 -3.03
C GLU A 81 -21.72 -10.54 -2.72
N GLY A 82 -21.87 -11.60 -1.93
CA GLY A 82 -23.20 -12.09 -1.57
C GLY A 82 -23.27 -12.44 -0.08
N SER A 83 -24.02 -13.49 0.23
CA SER A 83 -24.16 -13.92 1.62
C SER A 83 -24.18 -15.44 1.71
N ALA A 84 -24.24 -15.95 2.95
CA ALA A 84 -24.26 -17.39 3.16
C ALA A 84 -25.23 -18.07 2.20
N ALA A 85 -24.69 -18.96 1.37
CA ALA A 85 -25.53 -19.67 0.40
C ALA A 85 -26.45 -18.71 -0.33
N ASN A 86 -27.60 -19.21 -0.76
CA ASN A 86 -28.57 -18.39 -1.47
C ASN A 86 -29.93 -18.45 -0.79
N LYS A 87 -29.94 -18.87 0.47
CA LYS A 87 -31.18 -18.97 1.22
C LYS A 87 -31.79 -17.59 1.43
N GLU A 88 -33.05 -17.57 1.86
CA GLU A 88 -33.75 -16.32 2.11
C GLU A 88 -35.18 -16.58 2.56
N VAL A 89 -35.71 -17.73 2.15
CA VAL A 89 -37.08 -18.10 2.50
C VAL A 89 -37.09 -19.29 3.46
N LEU A 90 -38.14 -19.37 4.27
CA LEU A 90 -38.27 -20.46 5.22
C LEU A 90 -38.37 -21.78 4.49
N ALA A 91 -39.01 -21.72 3.34
CA ALA A 91 -39.20 -22.89 2.50
C ALA A 91 -40.14 -23.88 3.17
N LYS A 92 -40.39 -25.00 2.50
CA LYS A 92 -41.29 -26.01 3.04
C LYS A 92 -40.61 -27.37 3.10
N VAL A 93 -40.63 -28.09 1.98
CA VAL A 93 -40.02 -29.42 1.92
C VAL A 93 -39.83 -30.00 3.31
N ILE A 94 -40.91 -30.05 4.08
CA ILE A 94 -40.86 -30.58 5.43
C ILE A 94 -39.93 -29.74 6.30
N ASP A 95 -38.92 -30.38 6.86
CA ASP A 95 -37.99 -29.68 7.72
C ASP A 95 -38.54 -29.65 9.14
N LEU A 96 -37.96 -30.49 9.99
CA LEU A 96 -38.41 -30.60 11.36
C LEU A 96 -37.23 -30.57 12.32
N THR A 97 -36.46 -31.64 12.27
CA THR A 97 -35.29 -31.76 13.15
C THR A 97 -34.17 -30.83 12.70
N HIS A 98 -34.50 -29.89 11.83
CA HIS A 98 -33.50 -28.94 11.34
C HIS A 98 -33.15 -27.91 12.40
N ASP A 99 -31.95 -27.34 12.31
CA ASP A 99 -31.51 -26.35 13.28
C ASP A 99 -31.72 -24.93 12.73
N ASN A 100 -32.69 -24.23 13.31
CA ASN A 100 -32.98 -22.87 12.88
C ASN A 100 -34.18 -22.32 13.64
N LYS A 101 -34.95 -23.22 14.22
CA LYS A 101 -36.13 -22.83 14.98
C LYS A 101 -35.73 -22.25 16.33
N ASP A 102 -35.40 -23.12 17.25
CA ASP A 102 -34.98 -22.70 18.59
C ASP A 102 -33.87 -21.67 18.50
N ASP A 103 -33.22 -21.59 17.33
CA ASP A 103 -32.15 -20.64 17.12
C ASP A 103 -32.66 -19.21 17.27
N LEU A 104 -33.63 -18.86 16.45
CA LEU A 104 -34.21 -17.51 16.51
C LEU A 104 -35.15 -17.38 17.68
N GLN A 105 -35.79 -18.48 18.05
CA GLN A 105 -36.74 -18.46 19.15
C GLN A 105 -36.01 -18.13 20.43
N ALA A 106 -34.83 -18.70 20.54
CA ALA A 106 -33.99 -18.49 21.70
C ALA A 106 -33.35 -17.12 21.64
N ALA A 107 -32.63 -16.84 20.56
CA ALA A 107 -32.00 -15.54 20.41
C ALA A 107 -33.04 -14.45 20.57
N ILE A 108 -34.10 -14.57 19.77
CA ILE A 108 -35.19 -13.61 19.82
C ILE A 108 -35.65 -13.42 21.25
N ALA A 109 -36.22 -14.48 21.81
CA ALA A 109 -36.72 -14.43 23.18
C ALA A 109 -35.71 -13.75 24.10
N LEU A 110 -34.46 -14.14 23.95
CA LEU A 110 -33.39 -13.58 24.77
C LEU A 110 -33.27 -12.08 24.53
N SER A 111 -33.64 -11.64 23.33
CA SER A 111 -33.56 -10.22 22.97
C SER A 111 -34.90 -9.51 23.10
N LEU A 112 -35.97 -10.30 23.14
CA LEU A 112 -37.31 -9.76 23.25
C LEU A 112 -37.77 -9.78 24.70
N LEU A 113 -36.98 -10.46 25.52
CA LEU A 113 -37.28 -10.57 26.95
C LEU A 113 -36.06 -10.18 27.77
N GLU A 114 -36.03 -10.63 29.03
CA GLU A 114 -34.90 -10.32 29.90
C GLU A 114 -34.88 -8.84 30.25
N SER A 115 -35.42 -8.05 29.33
CA SER A 115 -35.47 -6.60 29.53
C SER A 115 -36.72 -6.21 30.32
N PRO A 116 -37.79 -6.93 30.14
CA PRO A 116 -39.08 -6.67 30.85
C PRO A 116 -39.09 -7.26 32.25
N LYS A 117 -40.27 -7.60 32.74
CA LYS A 117 -40.39 -8.17 34.08
C LYS A 117 -40.91 -9.60 34.01
N ILE A 118 -41.12 -10.20 35.18
CA ILE A 118 -41.62 -11.57 35.24
C ILE A 118 -43.05 -11.59 35.76
N GLN A 119 -43.51 -10.44 36.24
CA GLN A 119 -44.86 -10.33 36.77
C GLN A 119 -45.85 -9.94 35.66
N ALA A 120 -46.57 -10.93 35.15
CA ALA A 120 -47.55 -10.69 34.10
C ALA A 120 -46.98 -9.77 33.03
N ASP A 121 -47.81 -8.91 32.48
CA ASP A 121 -47.38 -7.98 31.44
C ASP A 121 -46.69 -6.77 32.05
N GLY A 122 -47.27 -6.26 33.14
CA GLY A 122 -46.72 -5.09 33.81
C GLY A 122 -45.98 -5.50 35.07
N MET A 3 19.12 22.16 -21.73
CA MET A 3 19.71 21.13 -20.85
C MET A 3 20.18 21.77 -19.54
N THR A 4 19.53 22.86 -19.16
CA THR A 4 19.89 23.57 -17.93
C THR A 4 19.59 22.70 -16.72
N ALA A 5 20.43 22.82 -15.69
CA ALA A 5 20.25 22.04 -14.47
C ALA A 5 18.83 22.18 -13.96
N GLU A 6 18.58 21.65 -12.76
CA GLU A 6 17.25 21.72 -12.17
C GLU A 6 16.84 23.18 -11.92
N LEU A 7 15.56 23.40 -11.71
CA LEU A 7 15.06 24.76 -11.47
C LEU A 7 14.45 24.87 -10.07
N GLN A 8 14.13 26.09 -9.67
CA GLN A 8 13.54 26.31 -8.35
C GLN A 8 12.13 25.72 -8.30
N GLN A 9 11.23 26.28 -9.11
CA GLN A 9 9.86 25.78 -9.15
C GLN A 9 9.23 25.79 -7.76
N ASP A 10 10.02 26.17 -6.76
CA ASP A 10 9.53 26.21 -5.39
C ASP A 10 9.38 27.65 -4.91
N ASP A 11 10.17 28.53 -5.50
CA ASP A 11 10.14 29.94 -5.14
C ASP A 11 8.75 30.52 -5.29
N ALA A 12 7.98 29.96 -6.20
CA ALA A 12 6.62 30.42 -6.45
C ALA A 12 5.81 29.36 -7.19
N ALA A 13 4.49 29.53 -7.21
CA ALA A 13 3.62 28.59 -7.88
C ALA A 13 2.31 29.25 -8.29
N GLY A 14 1.94 30.31 -7.58
CA GLY A 14 0.71 31.03 -7.87
C GLY A 14 -0.26 30.97 -6.70
N ALA A 15 -1.53 31.26 -6.96
CA ALA A 15 -2.54 31.24 -5.90
C ALA A 15 -2.97 29.80 -5.61
N ALA A 16 -4.17 29.65 -5.06
CA ALA A 16 -4.70 28.33 -4.74
C ALA A 16 -3.56 27.40 -4.32
N ASP A 17 -3.62 26.16 -4.80
CA ASP A 17 -2.59 25.18 -4.46
C ASP A 17 -1.27 25.53 -5.14
N GLY A 18 -0.31 24.60 -5.10
CA GLY A 18 1.00 24.83 -5.70
C GLY A 18 2.11 24.56 -4.70
N HIS A 19 2.84 23.46 -4.91
CA HIS A 19 3.93 23.11 -4.01
C HIS A 19 5.26 23.13 -4.74
N GLY A 20 6.35 22.93 -4.01
CA GLY A 20 7.68 22.93 -4.60
C GLY A 20 8.46 21.68 -4.20
N SER A 21 8.85 20.88 -5.20
CA SER A 21 9.60 19.66 -4.93
C SER A 21 11.06 19.84 -5.30
N SER A 22 11.50 19.17 -6.35
CA SER A 22 12.88 19.26 -6.79
C SER A 22 13.79 18.47 -5.86
N CYS A 23 13.21 17.94 -4.79
CA CYS A 23 13.98 17.16 -3.82
C CYS A 23 13.81 15.67 -4.11
N GLN A 24 14.92 14.96 -4.20
CA GLN A 24 14.89 13.53 -4.49
C GLN A 24 14.62 12.71 -3.23
N MET A 25 15.00 13.22 -2.07
CA MET A 25 14.79 12.48 -0.82
C MET A 25 13.32 12.17 -0.62
N LEU A 26 12.46 12.94 -1.26
CA LEU A 26 11.02 12.74 -1.14
C LEU A 26 10.59 11.46 -1.83
N LEU A 27 10.80 11.42 -3.13
CA LEU A 27 10.43 10.25 -3.93
C LEU A 27 11.28 9.05 -3.51
N ASN A 28 12.53 9.31 -3.14
CA ASN A 28 13.42 8.24 -2.72
C ASN A 28 12.87 7.55 -1.48
N GLN A 29 12.65 8.34 -0.45
CA GLN A 29 12.11 7.80 0.80
C GLN A 29 10.79 7.09 0.54
N LEU A 30 9.82 7.83 0.01
CA LEU A 30 8.53 7.24 -0.31
C LEU A 30 8.70 5.93 -1.04
N ARG A 31 9.51 5.97 -2.10
CA ARG A 31 9.78 4.78 -2.90
C ARG A 31 10.51 3.72 -2.06
N GLU A 32 11.15 4.17 -0.98
CA GLU A 32 11.89 3.27 -0.11
C GLU A 32 10.97 2.63 0.91
N ILE A 33 9.84 3.27 1.15
CA ILE A 33 8.86 2.77 2.12
C ILE A 33 7.80 1.94 1.45
N THR A 34 7.23 2.50 0.41
CA THR A 34 6.17 1.84 -0.33
C THR A 34 6.73 0.91 -1.40
N GLY A 35 7.82 1.32 -2.04
CA GLY A 35 8.43 0.49 -3.08
C GLY A 35 7.71 0.68 -4.40
N ILE A 36 7.28 1.91 -4.66
CA ILE A 36 6.56 2.22 -5.89
C ILE A 36 7.52 2.81 -6.92
N GLN A 37 7.31 2.48 -8.18
CA GLN A 37 8.17 2.98 -9.26
C GLN A 37 7.38 3.89 -10.20
N ASP A 38 6.29 4.46 -9.70
CA ASP A 38 5.46 5.35 -10.50
C ASP A 38 5.51 6.77 -9.96
N PRO A 39 6.62 7.45 -10.16
CA PRO A 39 6.81 8.84 -9.67
C PRO A 39 5.53 9.66 -9.72
N SER A 40 4.63 9.24 -10.59
CA SER A 40 3.36 9.92 -10.75
C SER A 40 2.45 9.67 -9.54
N PHE A 41 2.27 8.39 -9.21
CA PHE A 41 1.42 8.05 -8.08
C PHE A 41 2.12 8.44 -6.78
N LEU A 42 3.46 8.45 -6.82
CA LEU A 42 4.24 8.84 -5.65
C LEU A 42 4.08 10.33 -5.44
N HIS A 43 4.25 11.09 -6.53
CA HIS A 43 4.09 12.53 -6.47
C HIS A 43 2.66 12.86 -6.08
N GLU A 44 1.74 11.94 -6.40
CA GLU A 44 0.34 12.15 -6.06
C GLU A 44 0.20 12.15 -4.54
N ALA A 45 0.79 11.14 -3.91
CA ALA A 45 0.74 11.03 -2.46
C ALA A 45 1.42 12.22 -1.80
N LEU A 46 2.62 12.56 -2.28
CA LEU A 46 3.36 13.68 -1.71
C LEU A 46 2.53 14.95 -1.75
N LYS A 47 1.84 15.15 -2.87
CA LYS A 47 1.00 16.33 -3.04
C LYS A 47 -0.29 16.20 -2.22
N ALA A 48 -0.72 14.96 -1.97
CA ALA A 48 -1.95 14.73 -1.22
C ALA A 48 -1.68 14.88 0.28
N SER A 49 -0.44 14.69 0.70
CA SER A 49 -0.10 14.80 2.11
C SER A 49 0.46 16.19 2.44
N ASN A 50 0.22 17.14 1.54
CA ASN A 50 0.67 18.51 1.74
C ASN A 50 2.20 18.57 1.82
N GLY A 51 2.85 17.56 1.25
CA GLY A 51 4.31 17.52 1.26
C GLY A 51 4.84 16.54 2.31
N ASP A 52 4.02 16.28 3.32
CA ASP A 52 4.42 15.34 4.37
C ASP A 52 4.62 13.96 3.79
N ILE A 53 5.82 13.40 4.00
CA ILE A 53 6.12 12.08 3.45
C ILE A 53 5.42 10.98 4.25
N THR A 54 5.65 10.96 5.57
CA THR A 54 5.03 9.95 6.41
C THR A 54 3.56 9.77 6.02
N GLN A 55 2.83 10.87 6.02
CA GLN A 55 1.42 10.82 5.67
C GLN A 55 1.27 10.23 4.27
N ALA A 56 1.97 10.83 3.30
CA ALA A 56 1.90 10.34 1.93
C ALA A 56 1.92 8.83 1.95
N VAL A 57 2.88 8.29 2.66
CA VAL A 57 3.01 6.85 2.81
C VAL A 57 1.67 6.28 3.23
N SER A 58 1.23 6.73 4.38
CA SER A 58 -0.05 6.30 4.92
C SER A 58 -1.10 6.25 3.82
N LEU A 59 -1.18 7.32 3.04
CA LEU A 59 -2.14 7.39 1.95
C LEU A 59 -1.86 6.31 0.91
N LEU A 60 -0.60 5.95 0.79
CA LEU A 60 -0.20 4.96 -0.21
C LEU A 60 -0.23 3.53 0.32
N THR A 61 -0.39 3.35 1.62
CA THR A 61 -0.42 2.00 2.18
C THR A 61 -1.75 1.70 2.85
N ASP A 62 -2.58 2.72 3.03
CA ASP A 62 -3.89 2.52 3.66
C ASP A 62 -4.74 1.56 2.85
N GLU A 63 -4.93 1.91 1.59
CA GLU A 63 -5.72 1.11 0.67
C GLU A 63 -5.77 1.78 -0.69
N ARG A 64 -4.84 1.43 -1.58
CA ARG A 64 -4.79 2.04 -2.89
C ARG A 64 -4.83 1.00 -4.01
N VAL A 65 -3.64 0.62 -4.46
CA VAL A 65 -3.51 -0.33 -5.55
C VAL A 65 -3.51 -1.77 -5.05
N LYS A 66 -3.17 -1.94 -3.79
CA LYS A 66 -3.13 -3.26 -3.20
C LYS A 66 -4.43 -3.99 -3.45
N GLU A 67 -4.35 -5.32 -3.60
CA GLU A 67 -5.54 -6.13 -3.85
C GLU A 67 -5.94 -6.91 -2.60
N PRO A 68 -6.95 -6.44 -1.89
CA PRO A 68 -7.43 -7.12 -0.65
C PRO A 68 -7.71 -8.61 -0.87
N SER A 69 -8.89 -9.05 -0.43
CA SER A 69 -9.27 -10.45 -0.58
C SER A 69 -10.66 -10.70 0.00
N GLN A 70 -11.03 -9.90 0.99
CA GLN A 70 -12.32 -10.02 1.64
C GLN A 70 -13.45 -10.03 0.60
N ASP A 71 -14.21 -8.95 0.55
CA ASP A 71 -15.32 -8.85 -0.39
C ASP A 71 -14.83 -8.33 -1.73
N THR A 72 -13.65 -7.74 -1.72
CA THR A 72 -13.06 -7.19 -2.94
C THR A 72 -12.02 -8.14 -3.50
N VAL A 73 -12.05 -8.34 -4.82
CA VAL A 73 -11.10 -9.23 -5.48
C VAL A 73 -10.66 -8.65 -6.82
N ALA A 74 -9.70 -9.33 -7.45
CA ALA A 74 -9.18 -8.89 -8.74
C ALA A 74 -9.51 -9.92 -9.81
N THR A 75 -8.59 -10.86 -9.98
CA THR A 75 -8.77 -11.93 -10.96
C THR A 75 -7.98 -13.16 -10.55
N GLU A 76 -6.66 -13.06 -10.60
CA GLU A 76 -5.80 -14.18 -10.24
C GLU A 76 -5.06 -13.88 -8.93
N PRO A 77 -4.59 -12.67 -8.76
CA PRO A 77 -3.85 -12.26 -7.54
C PRO A 77 -4.68 -12.46 -6.27
N SER A 78 -4.17 -11.96 -5.16
CA SER A 78 -4.88 -12.10 -3.89
C SER A 78 -4.14 -11.35 -2.78
N GLU A 79 -4.35 -11.78 -1.55
CA GLU A 79 -3.69 -11.15 -0.41
C GLU A 79 -2.21 -10.95 -0.70
N VAL A 80 -1.45 -12.01 -0.48
CA VAL A 80 0.00 -11.96 -0.72
C VAL A 80 0.37 -12.91 -1.86
N GLU A 81 1.37 -13.75 -1.62
CA GLU A 81 1.81 -14.70 -2.63
C GLU A 81 1.73 -16.13 -2.11
N GLY A 82 2.88 -16.71 -1.80
CA GLY A 82 2.93 -18.08 -1.28
C GLY A 82 3.53 -18.12 0.11
N SER A 83 4.83 -18.41 0.18
CA SER A 83 5.51 -18.48 1.47
C SER A 83 6.66 -17.48 1.52
N ALA A 84 7.50 -17.61 2.54
CA ALA A 84 8.63 -16.70 2.71
C ALA A 84 9.33 -16.46 1.37
N ALA A 85 10.24 -17.36 1.01
CA ALA A 85 10.98 -17.22 -0.25
C ALA A 85 10.32 -18.05 -1.35
N ASN A 86 10.63 -17.71 -2.59
CA ASN A 86 10.07 -18.42 -3.74
C ASN A 86 10.99 -18.28 -4.95
N LYS A 87 12.22 -17.86 -4.70
CA LYS A 87 13.19 -17.68 -5.77
C LYS A 87 13.42 -18.97 -6.53
N GLU A 88 14.69 -19.33 -6.73
CA GLU A 88 15.03 -20.54 -7.45
C GLU A 88 15.05 -21.74 -6.50
N VAL A 89 15.12 -21.45 -5.21
CA VAL A 89 15.16 -22.50 -4.21
C VAL A 89 14.09 -22.28 -3.15
N LEU A 90 13.46 -23.36 -2.73
CA LEU A 90 12.42 -23.29 -1.71
C LEU A 90 13.05 -23.17 -0.33
N ALA A 91 14.25 -23.70 -0.21
CA ALA A 91 14.99 -23.66 1.04
C ALA A 91 14.13 -24.17 2.18
N LYS A 92 14.69 -24.21 3.38
CA LYS A 92 13.96 -24.70 4.54
C LYS A 92 14.23 -23.83 5.77
N VAL A 93 14.30 -24.47 6.93
CA VAL A 93 14.55 -23.74 8.17
C VAL A 93 16.01 -23.30 8.24
N ILE A 94 16.51 -22.75 7.13
CA ILE A 94 17.89 -22.29 7.06
C ILE A 94 18.47 -22.08 8.45
N ASP A 95 19.64 -22.67 8.68
CA ASP A 95 20.31 -22.55 9.97
C ASP A 95 21.67 -23.22 9.94
N LEU A 96 22.71 -22.42 9.99
CA LEU A 96 24.06 -22.93 9.95
C LEU A 96 24.91 -22.33 11.06
N THR A 97 25.37 -21.12 10.83
CA THR A 97 26.20 -20.42 11.81
C THR A 97 27.18 -21.40 12.46
N HIS A 98 27.72 -21.02 13.62
CA HIS A 98 28.67 -21.88 14.32
C HIS A 98 29.94 -22.07 13.49
N ASP A 99 30.99 -22.54 14.12
CA ASP A 99 32.26 -22.76 13.43
C ASP A 99 32.61 -24.24 13.37
N ASN A 100 32.87 -24.74 12.16
CA ASN A 100 33.22 -26.13 11.97
C ASN A 100 32.11 -27.06 12.43
N LYS A 101 32.33 -28.36 12.24
CA LYS A 101 31.36 -29.37 12.63
C LYS A 101 29.96 -29.01 12.14
N ASP A 102 29.87 -27.96 11.35
CA ASP A 102 28.58 -27.53 10.82
C ASP A 102 27.84 -28.70 10.19
N ASP A 103 28.57 -29.78 9.94
CA ASP A 103 27.99 -30.97 9.32
C ASP A 103 26.93 -31.62 10.20
N LEU A 104 27.35 -32.10 11.38
CA LEU A 104 26.38 -32.71 12.27
C LEU A 104 25.66 -31.65 13.05
N GLN A 105 26.22 -30.44 13.10
CA GLN A 105 25.56 -29.36 13.82
C GLN A 105 24.35 -28.93 13.05
N ALA A 106 24.48 -28.96 11.74
CA ALA A 106 23.42 -28.58 10.86
C ALA A 106 22.36 -29.69 10.81
N ALA A 107 22.81 -30.92 10.58
CA ALA A 107 21.88 -32.04 10.55
C ALA A 107 21.24 -32.20 11.93
N ILE A 108 22.09 -32.20 12.95
CA ILE A 108 21.64 -32.33 14.33
C ILE A 108 20.60 -31.28 14.65
N ALA A 109 20.88 -30.04 14.30
CA ALA A 109 19.97 -28.94 14.59
C ALA A 109 18.72 -29.04 13.72
N LEU A 110 18.89 -29.51 12.50
CA LEU A 110 17.76 -29.65 11.57
C LEU A 110 16.83 -30.75 12.05
N SER A 111 17.37 -31.67 12.84
CA SER A 111 16.59 -32.79 13.35
C SER A 111 16.28 -32.62 14.83
N LEU A 112 17.05 -31.77 15.48
CA LEU A 112 16.88 -31.52 16.90
C LEU A 112 15.96 -30.35 17.14
N LEU A 113 15.93 -29.46 16.15
CA LEU A 113 15.08 -28.26 16.23
C LEU A 113 13.73 -28.50 15.56
N GLU A 114 13.70 -29.42 14.63
CA GLU A 114 12.48 -29.72 13.91
C GLU A 114 11.80 -30.95 14.51
N SER A 115 12.57 -31.75 15.23
CA SER A 115 12.03 -32.95 15.86
C SER A 115 12.95 -33.41 16.98
N PRO A 116 12.51 -34.38 17.74
CA PRO A 116 13.31 -34.93 18.87
C PRO A 116 14.73 -35.27 18.46
N LYS A 117 15.37 -36.17 19.21
CA LYS A 117 16.73 -36.58 18.89
C LYS A 117 16.74 -37.93 18.18
N ILE A 118 17.41 -38.90 18.78
CA ILE A 118 17.49 -40.24 18.20
C ILE A 118 16.90 -41.28 19.15
N GLN A 119 16.43 -42.39 18.60
CA GLN A 119 15.84 -43.45 19.41
C GLN A 119 16.31 -43.35 20.86
N ALA A 120 15.59 -42.59 21.66
CA ALA A 120 15.93 -42.41 23.07
C ALA A 120 17.45 -42.29 23.22
N ASP A 121 17.99 -43.05 24.18
CA ASP A 121 19.43 -43.02 24.43
C ASP A 121 20.02 -44.42 24.28
N GLY A 122 19.17 -45.43 24.47
CA GLY A 122 19.61 -46.81 24.36
C GLY A 122 18.53 -47.77 24.84
N MET A 3 0.28 33.93 -15.81
CA MET A 3 0.95 32.68 -16.26
C MET A 3 -0.11 31.68 -16.71
N THR A 4 0.23 30.87 -17.70
CA THR A 4 -0.70 29.87 -18.22
C THR A 4 -0.88 28.74 -17.22
N ALA A 5 -1.71 28.97 -16.20
CA ALA A 5 -1.95 27.95 -15.19
C ALA A 5 -0.72 27.08 -15.03
N GLU A 6 -0.71 25.96 -15.74
CA GLU A 6 0.42 25.05 -15.69
C GLU A 6 1.30 25.22 -16.93
N LEU A 7 1.75 24.10 -17.49
CA LEU A 7 2.60 24.14 -18.67
C LEU A 7 2.95 22.73 -19.14
N GLN A 8 3.92 22.64 -20.06
CA GLN A 8 4.34 21.35 -20.59
C GLN A 8 5.71 21.45 -21.23
N GLN A 9 6.54 22.36 -20.72
CA GLN A 9 7.89 22.53 -21.25
C GLN A 9 8.54 21.18 -21.53
N ASP A 10 7.92 20.13 -21.03
CA ASP A 10 8.45 18.78 -21.22
C ASP A 10 8.38 18.40 -22.69
N ASP A 11 7.55 19.11 -23.42
CA ASP A 11 7.37 18.86 -24.85
C ASP A 11 8.71 18.81 -25.56
N ALA A 12 9.38 19.94 -25.58
CA ALA A 12 10.69 20.04 -26.22
C ALA A 12 11.82 19.71 -25.26
N ALA A 13 13.05 19.96 -25.69
CA ALA A 13 14.21 19.69 -24.85
C ALA A 13 15.36 20.64 -25.21
N GLY A 14 15.70 20.69 -26.49
CA GLY A 14 16.78 21.56 -26.95
C GLY A 14 18.14 20.97 -26.62
N ALA A 15 18.82 20.45 -27.65
CA ALA A 15 20.14 19.85 -27.46
C ALA A 15 20.31 19.33 -26.04
N ALA A 16 21.15 20.00 -25.27
CA ALA A 16 21.40 19.61 -23.88
C ALA A 16 20.24 18.80 -23.32
N ASP A 17 20.55 17.67 -22.70
CA ASP A 17 19.52 16.81 -22.13
C ASP A 17 18.79 17.54 -21.01
N GLY A 18 17.84 16.84 -20.38
CA GLY A 18 17.08 17.42 -19.28
C GLY A 18 18.00 18.01 -18.21
N HIS A 19 17.40 18.70 -17.24
CA HIS A 19 18.19 19.31 -16.16
C HIS A 19 17.27 19.66 -15.00
N GLY A 20 16.53 18.67 -14.51
CA GLY A 20 15.62 18.88 -13.39
C GLY A 20 15.40 17.58 -12.61
N SER A 21 16.10 17.43 -11.51
CA SER A 21 15.97 16.23 -10.69
C SER A 21 15.21 16.53 -9.40
N SER A 22 15.29 17.78 -8.95
CA SER A 22 14.60 18.19 -7.73
C SER A 22 15.11 17.39 -6.54
N CYS A 23 14.32 17.35 -5.48
CA CYS A 23 14.71 16.60 -4.28
C CYS A 23 14.55 15.11 -4.51
N GLN A 24 15.67 14.39 -4.55
CA GLN A 24 15.63 12.95 -4.78
C GLN A 24 15.34 12.21 -3.48
N MET A 25 15.46 12.91 -2.36
CA MET A 25 15.21 12.29 -1.06
C MET A 25 13.73 12.00 -0.86
N LEU A 26 12.90 12.80 -1.51
CA LEU A 26 11.46 12.62 -1.40
C LEU A 26 11.01 11.37 -2.14
N LEU A 27 11.22 11.38 -3.43
CA LEU A 27 10.85 10.24 -4.27
C LEU A 27 11.55 8.98 -3.79
N ASN A 28 12.83 9.11 -3.45
CA ASN A 28 13.59 7.96 -2.98
C ASN A 28 13.01 7.40 -1.69
N GLN A 29 12.91 8.27 -0.69
CA GLN A 29 12.37 7.87 0.60
C GLN A 29 11.04 7.14 0.43
N LEU A 30 10.05 7.84 -0.10
CA LEU A 30 8.74 7.25 -0.32
C LEU A 30 8.85 5.95 -1.09
N ARG A 31 9.55 6.00 -2.22
CA ARG A 31 9.73 4.81 -3.06
C ARG A 31 10.39 3.69 -2.26
N GLU A 32 11.08 4.07 -1.19
CA GLU A 32 11.76 3.08 -0.36
C GLU A 32 10.80 2.51 0.68
N ILE A 33 9.86 3.34 1.12
CA ILE A 33 8.88 2.91 2.13
C ILE A 33 7.79 2.08 1.48
N THR A 34 7.15 2.68 0.49
CA THR A 34 6.06 2.04 -0.21
C THR A 34 6.56 1.01 -1.22
N GLY A 35 7.67 1.31 -1.87
CA GLY A 35 8.23 0.40 -2.87
C GLY A 35 7.54 0.61 -4.22
N ILE A 36 7.24 1.87 -4.52
CA ILE A 36 6.58 2.22 -5.77
C ILE A 36 7.57 2.70 -6.81
N GLN A 37 7.27 2.44 -8.08
CA GLN A 37 8.15 2.86 -9.17
C GLN A 37 7.41 3.82 -10.10
N ASP A 38 6.39 4.48 -9.56
CA ASP A 38 5.60 5.42 -10.34
C ASP A 38 5.68 6.80 -9.71
N PRO A 39 6.83 7.43 -9.76
CA PRO A 39 7.04 8.77 -9.18
C PRO A 39 5.82 9.65 -9.32
N SER A 40 4.96 9.28 -10.26
CA SER A 40 3.74 10.03 -10.53
C SER A 40 2.69 9.80 -9.45
N PHE A 41 2.38 8.53 -9.18
CA PHE A 41 1.40 8.23 -8.16
C PHE A 41 1.99 8.59 -6.80
N LEU A 42 3.32 8.58 -6.75
CA LEU A 42 4.02 8.94 -5.54
C LEU A 42 3.78 10.42 -5.29
N HIS A 43 4.19 11.23 -6.26
CA HIS A 43 4.01 12.66 -6.17
C HIS A 43 2.55 12.97 -5.91
N GLU A 44 1.66 12.08 -6.33
CA GLU A 44 0.24 12.28 -6.10
C GLU A 44 -0.03 12.24 -4.61
N ALA A 45 0.53 11.23 -3.95
CA ALA A 45 0.37 11.10 -2.51
C ALA A 45 1.03 12.26 -1.79
N LEU A 46 2.26 12.59 -2.18
CA LEU A 46 2.99 13.69 -1.57
C LEU A 46 2.18 14.96 -1.65
N LYS A 47 1.48 15.13 -2.77
CA LYS A 47 0.65 16.30 -3.00
C LYS A 47 -0.55 16.30 -2.06
N ALA A 48 -1.23 15.16 -1.98
CA ALA A 48 -2.40 15.04 -1.12
C ALA A 48 -2.00 15.11 0.35
N SER A 49 -0.73 14.80 0.63
CA SER A 49 -0.23 14.83 1.99
C SER A 49 0.32 16.21 2.33
N ASN A 50 -0.05 17.21 1.52
CA ASN A 50 0.41 18.57 1.75
C ASN A 50 1.93 18.60 1.95
N GLY A 51 2.63 17.66 1.33
CA GLY A 51 4.09 17.60 1.45
C GLY A 51 4.52 16.60 2.52
N ASP A 52 3.63 16.33 3.46
CA ASP A 52 3.94 15.37 4.53
C ASP A 52 4.29 14.02 3.95
N ILE A 53 5.55 13.60 4.14
CA ILE A 53 5.99 12.31 3.60
C ILE A 53 5.30 11.15 4.33
N THR A 54 5.49 11.08 5.64
CA THR A 54 4.88 10.01 6.42
C THR A 54 3.43 9.82 6.03
N GLN A 55 2.64 10.88 6.13
CA GLN A 55 1.24 10.79 5.77
C GLN A 55 1.11 10.17 4.38
N ALA A 56 1.72 10.85 3.40
CA ALA A 56 1.68 10.37 2.02
C ALA A 56 1.81 8.87 1.99
N VAL A 57 2.86 8.40 2.62
CA VAL A 57 3.09 6.98 2.72
C VAL A 57 1.78 6.31 3.11
N SER A 58 1.28 6.72 4.25
CA SER A 58 0.03 6.21 4.77
C SER A 58 -1.02 6.11 3.67
N LEU A 59 -1.19 7.19 2.91
CA LEU A 59 -2.17 7.20 1.82
C LEU A 59 -1.83 6.13 0.80
N LEU A 60 -0.54 5.85 0.68
CA LEU A 60 -0.07 4.87 -0.30
C LEU A 60 -0.05 3.45 0.25
N THR A 61 -0.15 3.29 1.56
CA THR A 61 -0.13 1.94 2.14
C THR A 61 -1.39 1.69 2.97
N ASP A 62 -2.34 2.61 2.91
CA ASP A 62 -3.59 2.45 3.65
C ASP A 62 -4.37 1.23 3.18
N GLU A 63 -3.67 0.30 2.51
CA GLU A 63 -4.30 -0.92 2.03
C GLU A 63 -4.81 -0.74 0.59
N ARG A 64 -3.90 -0.34 -0.30
CA ARG A 64 -4.26 -0.15 -1.69
C ARG A 64 -3.30 -0.90 -2.60
N VAL A 65 -2.23 -0.22 -3.00
CA VAL A 65 -1.23 -0.81 -3.87
C VAL A 65 -0.52 -1.98 -3.18
N LYS A 66 0.37 -1.64 -2.27
CA LYS A 66 1.12 -2.65 -1.53
C LYS A 66 2.33 -3.11 -2.34
N GLU A 67 2.84 -4.29 -2.01
CA GLU A 67 3.99 -4.84 -2.71
C GLU A 67 3.88 -6.35 -2.80
N PRO A 68 4.48 -6.96 -3.80
CA PRO A 68 4.44 -8.43 -3.97
C PRO A 68 4.87 -9.17 -2.72
N SER A 69 6.18 -9.27 -2.55
CA SER A 69 6.77 -9.95 -1.40
C SER A 69 5.71 -10.64 -0.54
N GLN A 70 5.43 -10.04 0.61
CA GLN A 70 4.43 -10.60 1.52
C GLN A 70 3.37 -11.38 0.77
N ASP A 71 2.82 -10.77 -0.28
CA ASP A 71 1.79 -11.43 -1.08
C ASP A 71 2.34 -12.67 -1.76
N THR A 72 3.57 -12.57 -2.19
CA THR A 72 4.26 -13.67 -2.86
C THR A 72 5.76 -13.60 -2.60
N VAL A 73 6.37 -14.74 -2.35
CA VAL A 73 7.81 -14.79 -2.09
C VAL A 73 8.52 -15.59 -3.17
N ALA A 74 9.65 -16.19 -2.80
CA ALA A 74 10.42 -16.99 -3.74
C ALA A 74 11.08 -18.16 -3.03
N THR A 75 12.22 -17.89 -2.42
CA THR A 75 12.96 -18.92 -1.70
C THR A 75 12.07 -19.56 -0.64
N GLU A 76 12.27 -19.19 0.63
CA GLU A 76 11.48 -19.75 1.72
C GLU A 76 11.05 -18.67 2.70
N PRO A 77 11.97 -18.07 3.39
CA PRO A 77 11.66 -16.99 4.38
C PRO A 77 11.06 -15.76 3.72
N SER A 78 10.82 -14.71 4.51
CA SER A 78 10.25 -13.48 3.99
C SER A 78 11.35 -12.48 3.65
N GLU A 79 11.31 -11.95 2.43
CA GLU A 79 12.30 -10.98 1.98
C GLU A 79 12.27 -9.75 2.87
N VAL A 80 11.23 -9.65 3.69
CA VAL A 80 11.09 -8.52 4.59
C VAL A 80 10.68 -8.99 5.98
N GLU A 81 9.57 -8.46 6.49
CA GLU A 81 9.09 -8.84 7.82
C GLU A 81 7.77 -9.61 7.71
N GLY A 82 7.08 -9.73 8.85
CA GLY A 82 5.81 -10.43 8.87
C GLY A 82 4.65 -9.45 8.79
N SER A 83 3.43 -9.98 8.84
CA SER A 83 2.24 -9.12 8.76
C SER A 83 1.68 -8.88 10.16
N ALA A 84 0.76 -7.91 10.25
CA ALA A 84 0.15 -7.58 11.52
C ALA A 84 -0.97 -8.56 11.86
N ALA A 85 -2.17 -8.26 11.35
CA ALA A 85 -3.33 -9.11 11.60
C ALA A 85 -3.35 -9.59 13.04
N ASN A 86 -4.23 -10.54 13.34
CA ASN A 86 -4.35 -11.07 14.68
C ASN A 86 -5.31 -12.26 14.69
N LYS A 87 -5.89 -12.54 13.53
CA LYS A 87 -6.83 -13.65 13.40
C LYS A 87 -6.10 -14.99 13.58
N GLU A 88 -6.71 -16.06 13.10
CA GLU A 88 -6.12 -17.38 13.22
C GLU A 88 -5.88 -17.74 14.69
N VAL A 89 -6.96 -18.07 15.38
CA VAL A 89 -6.84 -18.43 16.79
C VAL A 89 -7.96 -19.38 17.20
N LEU A 90 -7.57 -20.52 17.77
CA LEU A 90 -8.54 -21.49 18.22
C LEU A 90 -9.18 -21.00 19.51
N ALA A 91 -8.43 -20.21 20.23
CA ALA A 91 -8.89 -19.64 21.49
C ALA A 91 -9.14 -20.74 22.51
N LYS A 92 -9.93 -20.43 23.53
CA LYS A 92 -10.22 -21.41 24.57
C LYS A 92 -11.63 -21.20 25.12
N VAL A 93 -12.26 -22.28 25.53
CA VAL A 93 -13.59 -22.22 26.09
C VAL A 93 -13.67 -23.02 27.38
N ILE A 94 -12.55 -23.65 27.76
CA ILE A 94 -12.51 -24.46 28.96
C ILE A 94 -13.82 -25.22 29.12
N ASP A 95 -14.68 -24.71 29.98
CA ASP A 95 -15.97 -25.34 30.22
C ASP A 95 -16.63 -24.74 31.45
N LEU A 96 -17.72 -24.03 31.21
CA LEU A 96 -18.44 -23.39 32.29
C LEU A 96 -19.94 -23.56 32.11
N THR A 97 -20.53 -22.64 31.38
CA THR A 97 -21.96 -22.67 31.11
C THR A 97 -22.35 -23.91 30.31
N HIS A 98 -23.25 -24.71 30.87
CA HIS A 98 -23.71 -25.92 30.20
C HIS A 98 -25.12 -25.71 29.65
N ASP A 99 -25.83 -26.80 29.40
CA ASP A 99 -27.18 -26.72 28.89
C ASP A 99 -28.19 -27.11 29.97
N ASN A 100 -28.62 -26.12 30.75
CA ASN A 100 -29.57 -26.39 31.83
C ASN A 100 -30.93 -25.75 31.55
N LYS A 101 -31.28 -24.71 32.30
CA LYS A 101 -32.58 -24.07 32.13
C LYS A 101 -32.48 -22.56 31.89
N ASP A 102 -33.44 -21.83 32.45
CA ASP A 102 -33.48 -20.39 32.30
C ASP A 102 -32.37 -19.72 33.10
N ASP A 103 -31.84 -20.43 34.08
CA ASP A 103 -30.77 -19.87 34.91
C ASP A 103 -29.64 -19.37 34.03
N LEU A 104 -29.04 -20.27 33.25
CA LEU A 104 -27.96 -19.89 32.36
C LEU A 104 -28.48 -19.34 31.03
N GLN A 105 -29.70 -19.69 30.63
CA GLN A 105 -30.21 -19.14 29.37
C GLN A 105 -30.43 -17.66 29.53
N ALA A 106 -30.92 -17.31 30.70
CA ALA A 106 -31.19 -15.93 31.01
C ALA A 106 -29.89 -15.20 31.37
N ALA A 107 -29.12 -15.75 32.29
CA ALA A 107 -27.87 -15.11 32.67
C ALA A 107 -26.99 -14.97 31.43
N ILE A 108 -26.93 -16.04 30.64
CA ILE A 108 -26.13 -16.04 29.42
C ILE A 108 -26.67 -15.03 28.42
N ALA A 109 -27.99 -15.01 28.27
CA ALA A 109 -28.61 -14.09 27.32
C ALA A 109 -28.37 -12.64 27.72
N LEU A 110 -28.71 -12.32 28.98
CA LEU A 110 -28.53 -10.97 29.48
C LEU A 110 -27.08 -10.51 29.31
N SER A 111 -26.14 -11.40 29.62
CA SER A 111 -24.73 -11.07 29.52
C SER A 111 -24.21 -11.29 28.09
N LEU A 112 -24.94 -12.09 27.33
CA LEU A 112 -24.53 -12.38 25.96
C LEU A 112 -24.97 -11.25 25.04
N LEU A 113 -25.94 -10.46 25.52
CA LEU A 113 -26.43 -9.33 24.74
C LEU A 113 -25.30 -8.33 24.52
N GLU A 114 -24.30 -8.43 25.38
CA GLU A 114 -23.14 -7.56 25.31
C GLU A 114 -21.86 -8.38 25.38
N SER A 115 -21.74 -9.13 26.47
CA SER A 115 -20.57 -9.99 26.68
C SER A 115 -19.29 -9.27 26.25
N PRO A 116 -18.69 -8.54 27.14
CA PRO A 116 -17.42 -7.80 26.87
C PRO A 116 -16.26 -8.74 26.61
N LYS A 117 -15.68 -9.23 27.69
CA LYS A 117 -14.56 -10.16 27.60
C LYS A 117 -14.96 -11.56 28.06
N ILE A 118 -14.06 -12.22 28.79
CA ILE A 118 -14.34 -13.55 29.30
C ILE A 118 -14.37 -13.56 30.82
N GLN A 119 -15.08 -14.52 31.39
CA GLN A 119 -15.19 -14.62 32.85
C GLN A 119 -14.96 -13.27 33.50
N ALA A 120 -16.05 -12.55 33.76
CA ALA A 120 -15.95 -11.24 34.39
C ALA A 120 -16.83 -11.18 35.65
N ASP A 121 -16.72 -10.08 36.38
CA ASP A 121 -17.50 -9.91 37.60
C ASP A 121 -17.96 -8.47 37.76
N GLY A 122 -17.05 -7.61 38.19
CA GLY A 122 -17.37 -6.19 38.38
C GLY A 122 -17.45 -5.47 37.04
#